data_7OG7
# 
_entry.id   7OG7 
# 
_audit_conform.dict_name       mmcif_pdbx.dic 
_audit_conform.dict_version    5.394 
_audit_conform.dict_location   http://mmcif.pdb.org/dictionaries/ascii/mmcif_pdbx.dic 
# 
loop_
_database_2.database_id 
_database_2.database_code 
_database_2.pdbx_database_accession 
_database_2.pdbx_DOI 
PDB   7OG7         pdb_00007og7 10.2210/pdb7og7/pdb 
WWPDB D_1292115726 ?            ?                   
# 
loop_
_pdbx_audit_revision_history.ordinal 
_pdbx_audit_revision_history.data_content_type 
_pdbx_audit_revision_history.major_revision 
_pdbx_audit_revision_history.minor_revision 
_pdbx_audit_revision_history.revision_date 
1 'Structure model' 1 0 2021-07-07 
2 'Structure model' 1 1 2021-08-18 
3 'Structure model' 1 2 2024-06-19 
# 
_pdbx_audit_revision_details.ordinal             1 
_pdbx_audit_revision_details.revision_ordinal    1 
_pdbx_audit_revision_details.data_content_type   'Structure model' 
_pdbx_audit_revision_details.provider            repository 
_pdbx_audit_revision_details.type                'Initial release' 
_pdbx_audit_revision_details.description         ? 
_pdbx_audit_revision_details.details             ? 
# 
loop_
_pdbx_audit_revision_group.ordinal 
_pdbx_audit_revision_group.revision_ordinal 
_pdbx_audit_revision_group.data_content_type 
_pdbx_audit_revision_group.group 
1 2 'Structure model' 'Database references' 
2 3 'Structure model' 'Data collection'     
# 
loop_
_pdbx_audit_revision_category.ordinal 
_pdbx_audit_revision_category.revision_ordinal 
_pdbx_audit_revision_category.data_content_type 
_pdbx_audit_revision_category.category 
1 2 'Structure model' citation        
2 2 'Structure model' citation_author 
3 2 'Structure model' database_2      
4 3 'Structure model' chem_comp_atom  
5 3 'Structure model' chem_comp_bond  
# 
loop_
_pdbx_audit_revision_item.ordinal 
_pdbx_audit_revision_item.revision_ordinal 
_pdbx_audit_revision_item.data_content_type 
_pdbx_audit_revision_item.item 
1 2 'Structure model' '_citation.journal_volume'            
2 2 'Structure model' '_citation.page_first'                
3 2 'Structure model' '_citation.page_last'                 
4 2 'Structure model' '_citation.title'                     
5 2 'Structure model' '_citation_author.identifier_ORCID'   
6 2 'Structure model' '_database_2.pdbx_DOI'                
7 2 'Structure model' '_database_2.pdbx_database_accession' 
# 
_pdbx_database_status.status_code                     REL 
_pdbx_database_status.status_code_sf                  REL 
_pdbx_database_status.status_code_mr                  ? 
_pdbx_database_status.entry_id                        7OG7 
_pdbx_database_status.recvd_initial_deposition_date   2021-05-06 
_pdbx_database_status.SG_entry                        N 
_pdbx_database_status.deposit_site                    PDBE 
_pdbx_database_status.process_site                    PDBE 
_pdbx_database_status.status_code_cs                  ? 
_pdbx_database_status.status_code_nmr_data            ? 
_pdbx_database_status.methods_development_category    ? 
_pdbx_database_status.pdb_format_compatible           Y 
# 
loop_
_audit_author.name 
_audit_author.pdbx_ordinal 
_audit_author.identifier_ORCID 
'Prasser, B.'  1 ? 
'Schoener, L.' 2 ? 
'Zhang, L.'    3 ? 
'Einsle, O.'   4 ? 
# 
_citation.abstract                  ? 
_citation.abstract_id_CAS           ? 
_citation.book_id_ISBN              ? 
_citation.book_publisher            ? 
_citation.book_publisher_city       ? 
_citation.book_title                ? 
_citation.coordinate_linkage        ? 
_citation.country                   GE 
_citation.database_id_Medline       ? 
_citation.details                   ? 
_citation.id                        primary 
_citation.journal_abbrev            Angew.Chem.Int.Ed.Engl. 
_citation.journal_id_ASTM           ACIEAY 
_citation.journal_id_CSD            0179 
_citation.journal_id_ISSN           1521-3773 
_citation.journal_full              ? 
_citation.journal_issue             ? 
_citation.journal_volume            60 
_citation.language                  ? 
_citation.page_first                18810 
_citation.page_last                 18814 
_citation.title                     
'The Copper Chaperone NosL Forms a Heterometal Site for Cu Delivery to Nitrous Oxide Reductase.' 
_citation.year                      2021 
_citation.database_id_CSD           ? 
_citation.pdbx_database_id_DOI      10.1002/anie.202106348 
_citation.pdbx_database_id_PubMed   34171184 
_citation.pdbx_database_id_patent   ? 
_citation.unpublished_flag          ? 
# 
loop_
_citation_author.citation_id 
_citation_author.name 
_citation_author.ordinal 
_citation_author.identifier_ORCID 
primary 'Prasser, B.' 1 ?                   
primary 'Schoner, L.' 2 ?                   
primary 'Zhang, L.'   3 0000-0001-5431-5006 
primary 'Einsle, O.'  4 0000-0001-8722-2893 
# 
loop_
_entity.id 
_entity.type 
_entity.src_method 
_entity.pdbx_description 
_entity.formula_weight 
_entity.pdbx_number_of_molecules 
_entity.pdbx_ec 
_entity.pdbx_mutation 
_entity.pdbx_fragment 
_entity.details 
1 polymer     man NosL             20320.088 1   ? ? ? ? 
2 non-polymer syn 'COPPER (I) ION' 63.546    1   ? ? ? ? 
3 non-polymer syn 'ZINC ION'       65.409    1   ? ? ? ? 
4 non-polymer syn ACETONITRILE     41.052    5   ? ? ? ? 
5 water       nat water            18.015    102 ? ? ? ? 
# 
_entity_poly.entity_id                      1 
_entity_poly.type                           'polypeptide(L)' 
_entity_poly.nstd_linkage                   no 
_entity_poly.nstd_monomer                   no 
_entity_poly.pdbx_seq_one_letter_code       
;MKYLLPTAAAGLLLLAAQPAMAMDGGPDTVAPPKQAQAIDSTHECHLCGMLITEFPGPKGELYTKTSEKVKNFCSTRDLF
SFLLDPEYVHQVKEVYVHDMSLSPWAKPNDSHFINARLAWFVVGSSQTGAMGETIGSFSVKKDAEAFIEQYGGKLYRFDE
ITQAQLLENLYFQSWSHPQFEK
;
_entity_poly.pdbx_seq_one_letter_code_can   
;MKYLLPTAAAGLLLLAAQPAMAMDGGPDTVAPPKQAQAIDSTHECHLCGMLITEFPGPKGELYTKTSEKVKNFCSTRDLF
SFLLDPEYVHQVKEVYVHDMSLSPWAKPNDSHFINARLAWFVVGSSQTGAMGETIGSFSVKKDAEAFIEQYGGKLYRFDE
ITQAQLLENLYFQSWSHPQFEK
;
_entity_poly.pdbx_strand_id                 A 
_entity_poly.pdbx_target_identifier         ? 
# 
loop_
_pdbx_entity_nonpoly.entity_id 
_pdbx_entity_nonpoly.name 
_pdbx_entity_nonpoly.comp_id 
2 'COPPER (I) ION' CU1 
3 'ZINC ION'       ZN  
4 ACETONITRILE     CCN 
5 water            HOH 
# 
loop_
_entity_poly_seq.entity_id 
_entity_poly_seq.num 
_entity_poly_seq.mon_id 
_entity_poly_seq.hetero 
1 1   MET n 
1 2   LYS n 
1 3   TYR n 
1 4   LEU n 
1 5   LEU n 
1 6   PRO n 
1 7   THR n 
1 8   ALA n 
1 9   ALA n 
1 10  ALA n 
1 11  GLY n 
1 12  LEU n 
1 13  LEU n 
1 14  LEU n 
1 15  LEU n 
1 16  ALA n 
1 17  ALA n 
1 18  GLN n 
1 19  PRO n 
1 20  ALA n 
1 21  MET n 
1 22  ALA n 
1 23  MET n 
1 24  ASP n 
1 25  GLY n 
1 26  GLY n 
1 27  PRO n 
1 28  ASP n 
1 29  THR n 
1 30  VAL n 
1 31  ALA n 
1 32  PRO n 
1 33  PRO n 
1 34  LYS n 
1 35  GLN n 
1 36  ALA n 
1 37  GLN n 
1 38  ALA n 
1 39  ILE n 
1 40  ASP n 
1 41  SER n 
1 42  THR n 
1 43  HIS n 
1 44  GLU n 
1 45  CYS n 
1 46  HIS n 
1 47  LEU n 
1 48  CYS n 
1 49  GLY n 
1 50  MET n 
1 51  LEU n 
1 52  ILE n 
1 53  THR n 
1 54  GLU n 
1 55  PHE n 
1 56  PRO n 
1 57  GLY n 
1 58  PRO n 
1 59  LYS n 
1 60  GLY n 
1 61  GLU n 
1 62  LEU n 
1 63  TYR n 
1 64  THR n 
1 65  LYS n 
1 66  THR n 
1 67  SER n 
1 68  GLU n 
1 69  LYS n 
1 70  VAL n 
1 71  LYS n 
1 72  ASN n 
1 73  PHE n 
1 74  CYS n 
1 75  SER n 
1 76  THR n 
1 77  ARG n 
1 78  ASP n 
1 79  LEU n 
1 80  PHE n 
1 81  SER n 
1 82  PHE n 
1 83  LEU n 
1 84  LEU n 
1 85  ASP n 
1 86  PRO n 
1 87  GLU n 
1 88  TYR n 
1 89  VAL n 
1 90  HIS n 
1 91  GLN n 
1 92  VAL n 
1 93  LYS n 
1 94  GLU n 
1 95  VAL n 
1 96  TYR n 
1 97  VAL n 
1 98  HIS n 
1 99  ASP n 
1 100 MET n 
1 101 SER n 
1 102 LEU n 
1 103 SER n 
1 104 PRO n 
1 105 TRP n 
1 106 ALA n 
1 107 LYS n 
1 108 PRO n 
1 109 ASN n 
1 110 ASP n 
1 111 SER n 
1 112 HIS n 
1 113 PHE n 
1 114 ILE n 
1 115 ASN n 
1 116 ALA n 
1 117 ARG n 
1 118 LEU n 
1 119 ALA n 
1 120 TRP n 
1 121 PHE n 
1 122 VAL n 
1 123 VAL n 
1 124 GLY n 
1 125 SER n 
1 126 SER n 
1 127 GLN n 
1 128 THR n 
1 129 GLY n 
1 130 ALA n 
1 131 MET n 
1 132 GLY n 
1 133 GLU n 
1 134 THR n 
1 135 ILE n 
1 136 GLY n 
1 137 SER n 
1 138 PHE n 
1 139 SER n 
1 140 VAL n 
1 141 LYS n 
1 142 LYS n 
1 143 ASP n 
1 144 ALA n 
1 145 GLU n 
1 146 ALA n 
1 147 PHE n 
1 148 ILE n 
1 149 GLU n 
1 150 GLN n 
1 151 TYR n 
1 152 GLY n 
1 153 GLY n 
1 154 LYS n 
1 155 LEU n 
1 156 TYR n 
1 157 ARG n 
1 158 PHE n 
1 159 ASP n 
1 160 GLU n 
1 161 ILE n 
1 162 THR n 
1 163 GLN n 
1 164 ALA n 
1 165 GLN n 
1 166 LEU n 
1 167 LEU n 
1 168 GLU n 
1 169 ASN n 
1 170 LEU n 
1 171 TYR n 
1 172 PHE n 
1 173 GLN n 
1 174 SER n 
1 175 TRP n 
1 176 SER n 
1 177 HIS n 
1 178 PRO n 
1 179 GLN n 
1 180 PHE n 
1 181 GLU n 
1 182 LYS n 
# 
_entity_src_gen.entity_id                          1 
_entity_src_gen.pdbx_src_id                        1 
_entity_src_gen.pdbx_alt_source_flag               sample 
_entity_src_gen.pdbx_seq_type                      'Biological sequence' 
_entity_src_gen.pdbx_beg_seq_num                   1 
_entity_src_gen.pdbx_end_seq_num                   182 
_entity_src_gen.gene_src_common_name               ? 
_entity_src_gen.gene_src_genus                     ? 
_entity_src_gen.pdbx_gene_src_gene                 Sden_2215 
_entity_src_gen.gene_src_species                   ? 
_entity_src_gen.gene_src_strain                    'OS217 / ATCC BAA-1090 / DSM 15013' 
_entity_src_gen.gene_src_tissue                    ? 
_entity_src_gen.gene_src_tissue_fraction           ? 
_entity_src_gen.gene_src_details                   ? 
_entity_src_gen.pdbx_gene_src_fragment             ? 
_entity_src_gen.pdbx_gene_src_scientific_name      'Shewanella denitrificans (strain OS217 / ATCC BAA-1090 / DSM 15013)' 
_entity_src_gen.pdbx_gene_src_ncbi_taxonomy_id     318161 
_entity_src_gen.pdbx_gene_src_variant              ? 
_entity_src_gen.pdbx_gene_src_cell_line            ? 
_entity_src_gen.pdbx_gene_src_atcc                 ? 
_entity_src_gen.pdbx_gene_src_organ                ? 
_entity_src_gen.pdbx_gene_src_organelle            ? 
_entity_src_gen.pdbx_gene_src_cell                 ? 
_entity_src_gen.pdbx_gene_src_cellular_location    ? 
_entity_src_gen.host_org_common_name               ? 
_entity_src_gen.pdbx_host_org_scientific_name      'Escherichia coli BL21(DE3)' 
_entity_src_gen.pdbx_host_org_ncbi_taxonomy_id     469008 
_entity_src_gen.host_org_genus                     ? 
_entity_src_gen.pdbx_host_org_gene                 ? 
_entity_src_gen.pdbx_host_org_organ                ? 
_entity_src_gen.host_org_species                   ? 
_entity_src_gen.pdbx_host_org_tissue               ? 
_entity_src_gen.pdbx_host_org_tissue_fraction      ? 
_entity_src_gen.pdbx_host_org_strain               ? 
_entity_src_gen.pdbx_host_org_variant              C43 
_entity_src_gen.pdbx_host_org_cell_line            ? 
_entity_src_gen.pdbx_host_org_atcc                 ? 
_entity_src_gen.pdbx_host_org_culture_collection   ? 
_entity_src_gen.pdbx_host_org_cell                 ? 
_entity_src_gen.pdbx_host_org_organelle            ? 
_entity_src_gen.pdbx_host_org_cellular_location    ? 
_entity_src_gen.pdbx_host_org_vector_type          ? 
_entity_src_gen.pdbx_host_org_vector               ? 
_entity_src_gen.host_org_details                   ? 
_entity_src_gen.expression_system_id               ? 
_entity_src_gen.plasmid_name                       ? 
_entity_src_gen.plasmid_details                    ? 
_entity_src_gen.pdbx_description                   ? 
# 
loop_
_chem_comp.id 
_chem_comp.type 
_chem_comp.mon_nstd_flag 
_chem_comp.name 
_chem_comp.pdbx_synonyms 
_chem_comp.formula 
_chem_comp.formula_weight 
ALA 'L-peptide linking' y ALANINE          ? 'C3 H7 N O2'     89.093  
ARG 'L-peptide linking' y ARGININE         ? 'C6 H15 N4 O2 1' 175.209 
ASN 'L-peptide linking' y ASPARAGINE       ? 'C4 H8 N2 O3'    132.118 
ASP 'L-peptide linking' y 'ASPARTIC ACID'  ? 'C4 H7 N O4'     133.103 
CCN non-polymer         . ACETONITRILE     ? 'C2 H3 N'        41.052  
CU1 non-polymer         . 'COPPER (I) ION' ? 'Cu 1'           63.546  
CYS 'L-peptide linking' y CYSTEINE         ? 'C3 H7 N O2 S'   121.158 
GLN 'L-peptide linking' y GLUTAMINE        ? 'C5 H10 N2 O3'   146.144 
GLU 'L-peptide linking' y 'GLUTAMIC ACID'  ? 'C5 H9 N O4'     147.129 
GLY 'peptide linking'   y GLYCINE          ? 'C2 H5 N O2'     75.067  
HIS 'L-peptide linking' y HISTIDINE        ? 'C6 H10 N3 O2 1' 156.162 
HOH non-polymer         . WATER            ? 'H2 O'           18.015  
ILE 'L-peptide linking' y ISOLEUCINE       ? 'C6 H13 N O2'    131.173 
LEU 'L-peptide linking' y LEUCINE          ? 'C6 H13 N O2'    131.173 
LYS 'L-peptide linking' y LYSINE           ? 'C6 H15 N2 O2 1' 147.195 
MET 'L-peptide linking' y METHIONINE       ? 'C5 H11 N O2 S'  149.211 
PHE 'L-peptide linking' y PHENYLALANINE    ? 'C9 H11 N O2'    165.189 
PRO 'L-peptide linking' y PROLINE          ? 'C5 H9 N O2'     115.130 
SER 'L-peptide linking' y SERINE           ? 'C3 H7 N O3'     105.093 
THR 'L-peptide linking' y THREONINE        ? 'C4 H9 N O3'     119.119 
TRP 'L-peptide linking' y TRYPTOPHAN       ? 'C11 H12 N2 O2'  204.225 
TYR 'L-peptide linking' y TYROSINE         ? 'C9 H11 N O3'    181.189 
VAL 'L-peptide linking' y VALINE           ? 'C5 H11 N O2'    117.146 
ZN  non-polymer         . 'ZINC ION'       ? 'Zn 2'           65.409  
# 
loop_
_pdbx_poly_seq_scheme.asym_id 
_pdbx_poly_seq_scheme.entity_id 
_pdbx_poly_seq_scheme.seq_id 
_pdbx_poly_seq_scheme.mon_id 
_pdbx_poly_seq_scheme.ndb_seq_num 
_pdbx_poly_seq_scheme.pdb_seq_num 
_pdbx_poly_seq_scheme.auth_seq_num 
_pdbx_poly_seq_scheme.pdb_mon_id 
_pdbx_poly_seq_scheme.auth_mon_id 
_pdbx_poly_seq_scheme.pdb_strand_id 
_pdbx_poly_seq_scheme.pdb_ins_code 
_pdbx_poly_seq_scheme.hetero 
A 1 1   MET 1   15  ?   ?   ?   A . n 
A 1 2   LYS 2   16  ?   ?   ?   A . n 
A 1 3   TYR 3   17  ?   ?   ?   A . n 
A 1 4   LEU 4   18  ?   ?   ?   A . n 
A 1 5   LEU 5   19  ?   ?   ?   A . n 
A 1 6   PRO 6   20  ?   ?   ?   A . n 
A 1 7   THR 7   21  ?   ?   ?   A . n 
A 1 8   ALA 8   22  ?   ?   ?   A . n 
A 1 9   ALA 9   23  ?   ?   ?   A . n 
A 1 10  ALA 10  24  ?   ?   ?   A . n 
A 1 11  GLY 11  25  ?   ?   ?   A . n 
A 1 12  LEU 12  26  ?   ?   ?   A . n 
A 1 13  LEU 13  27  ?   ?   ?   A . n 
A 1 14  LEU 14  28  ?   ?   ?   A . n 
A 1 15  LEU 15  29  ?   ?   ?   A . n 
A 1 16  ALA 16  30  ?   ?   ?   A . n 
A 1 17  ALA 17  31  ?   ?   ?   A . n 
A 1 18  GLN 18  32  ?   ?   ?   A . n 
A 1 19  PRO 19  33  ?   ?   ?   A . n 
A 1 20  ALA 20  34  ?   ?   ?   A . n 
A 1 21  MET 21  35  ?   ?   ?   A . n 
A 1 22  ALA 22  36  ?   ?   ?   A . n 
A 1 23  MET 23  37  ?   ?   ?   A . n 
A 1 24  ASP 24  38  ?   ?   ?   A . n 
A 1 25  GLY 25  39  ?   ?   ?   A . n 
A 1 26  GLY 26  40  ?   ?   ?   A . n 
A 1 27  PRO 27  41  ?   ?   ?   A . n 
A 1 28  ASP 28  42  ?   ?   ?   A . n 
A 1 29  THR 29  43  ?   ?   ?   A . n 
A 1 30  VAL 30  44  ?   ?   ?   A . n 
A 1 31  ALA 31  45  ?   ?   ?   A . n 
A 1 32  PRO 32  46  46  PRO PRO A . n 
A 1 33  PRO 33  47  47  PRO PRO A . n 
A 1 34  LYS 34  48  48  LYS LYS A . n 
A 1 35  GLN 35  49  49  GLN GLN A . n 
A 1 36  ALA 36  50  50  ALA ALA A . n 
A 1 37  GLN 37  51  51  GLN GLN A . n 
A 1 38  ALA 38  52  52  ALA ALA A . n 
A 1 39  ILE 39  53  53  ILE ILE A . n 
A 1 40  ASP 40  54  54  ASP ASP A . n 
A 1 41  SER 41  55  55  SER SER A . n 
A 1 42  THR 42  56  56  THR THR A . n 
A 1 43  HIS 43  57  57  HIS HIS A . n 
A 1 44  GLU 44  58  58  GLU GLU A . n 
A 1 45  CYS 45  59  59  CYS CYS A . n 
A 1 46  HIS 46  60  60  HIS HIS A . n 
A 1 47  LEU 47  61  61  LEU LEU A . n 
A 1 48  CYS 48  62  62  CYS CYS A . n 
A 1 49  GLY 49  63  63  GLY GLY A . n 
A 1 50  MET 50  64  64  MET MET A . n 
A 1 51  LEU 51  65  65  LEU LEU A . n 
A 1 52  ILE 52  66  66  ILE ILE A . n 
A 1 53  THR 53  67  67  THR THR A . n 
A 1 54  GLU 54  68  68  GLU GLU A . n 
A 1 55  PHE 55  69  69  PHE PHE A . n 
A 1 56  PRO 56  70  70  PRO PRO A . n 
A 1 57  GLY 57  71  71  GLY GLY A . n 
A 1 58  PRO 58  72  72  PRO PRO A . n 
A 1 59  LYS 59  73  73  LYS LYS A . n 
A 1 60  GLY 60  74  74  GLY GLY A . n 
A 1 61  GLU 61  75  75  GLU GLU A . n 
A 1 62  LEU 62  76  76  LEU LEU A . n 
A 1 63  TYR 63  77  77  TYR TYR A . n 
A 1 64  THR 64  78  78  THR THR A . n 
A 1 65  LYS 65  79  79  LYS LYS A . n 
A 1 66  THR 66  80  80  THR THR A . n 
A 1 67  SER 67  81  81  SER SER A . n 
A 1 68  GLU 68  82  82  GLU GLU A . n 
A 1 69  LYS 69  83  83  LYS LYS A . n 
A 1 70  VAL 70  84  84  VAL VAL A . n 
A 1 71  LYS 71  85  85  LYS LYS A . n 
A 1 72  ASN 72  86  86  ASN ASN A . n 
A 1 73  PHE 73  87  87  PHE PHE A . n 
A 1 74  CYS 74  88  88  CYS CYS A . n 
A 1 75  SER 75  89  89  SER SER A . n 
A 1 76  THR 76  90  90  THR THR A . n 
A 1 77  ARG 77  91  91  ARG ARG A . n 
A 1 78  ASP 78  92  92  ASP ASP A . n 
A 1 79  LEU 79  93  93  LEU LEU A . n 
A 1 80  PHE 80  94  94  PHE PHE A . n 
A 1 81  SER 81  95  95  SER SER A . n 
A 1 82  PHE 82  96  96  PHE PHE A . n 
A 1 83  LEU 83  97  97  LEU LEU A . n 
A 1 84  LEU 84  98  98  LEU LEU A . n 
A 1 85  ASP 85  99  99  ASP ASP A . n 
A 1 86  PRO 86  100 100 PRO PRO A . n 
A 1 87  GLU 87  101 101 GLU GLU A . n 
A 1 88  TYR 88  102 102 TYR TYR A . n 
A 1 89  VAL 89  103 103 VAL VAL A . n 
A 1 90  HIS 90  104 104 HIS HIS A . n 
A 1 91  GLN 91  105 105 GLN GLN A . n 
A 1 92  VAL 92  106 106 VAL VAL A . n 
A 1 93  LYS 93  107 107 LYS LYS A . n 
A 1 94  GLU 94  108 108 GLU GLU A . n 
A 1 95  VAL 95  109 109 VAL VAL A . n 
A 1 96  TYR 96  110 110 TYR TYR A . n 
A 1 97  VAL 97  111 111 VAL VAL A . n 
A 1 98  HIS 98  112 112 HIS HIS A . n 
A 1 99  ASP 99  113 113 ASP ASP A . n 
A 1 100 MET 100 114 114 MET MET A . n 
A 1 101 SER 101 115 115 SER SER A . n 
A 1 102 LEU 102 116 116 LEU LEU A . n 
A 1 103 SER 103 117 117 SER SER A . n 
A 1 104 PRO 104 118 118 PRO PRO A . n 
A 1 105 TRP 105 119 119 TRP TRP A . n 
A 1 106 ALA 106 120 120 ALA ALA A . n 
A 1 107 LYS 107 121 121 LYS LYS A . n 
A 1 108 PRO 108 122 122 PRO PRO A . n 
A 1 109 ASN 109 123 123 ASN ASN A . n 
A 1 110 ASP 110 124 124 ASP ASP A . n 
A 1 111 SER 111 125 125 SER SER A . n 
A 1 112 HIS 112 126 126 HIS HIS A . n 
A 1 113 PHE 113 127 127 PHE PHE A . n 
A 1 114 ILE 114 128 128 ILE ILE A . n 
A 1 115 ASN 115 129 129 ASN ASN A . n 
A 1 116 ALA 116 130 130 ALA ALA A . n 
A 1 117 ARG 117 131 131 ARG ARG A . n 
A 1 118 LEU 118 132 132 LEU LEU A . n 
A 1 119 ALA 119 133 133 ALA ALA A . n 
A 1 120 TRP 120 134 134 TRP TRP A . n 
A 1 121 PHE 121 135 135 PHE PHE A . n 
A 1 122 VAL 122 136 136 VAL VAL A . n 
A 1 123 VAL 123 137 137 VAL VAL A . n 
A 1 124 GLY 124 138 138 GLY GLY A . n 
A 1 125 SER 125 139 139 SER SER A . n 
A 1 126 SER 126 140 140 SER SER A . n 
A 1 127 GLN 127 141 141 GLN GLN A . n 
A 1 128 THR 128 142 142 THR THR A . n 
A 1 129 GLY 129 143 143 GLY GLY A . n 
A 1 130 ALA 130 144 144 ALA ALA A . n 
A 1 131 MET 131 145 145 MET MET A . n 
A 1 132 GLY 132 146 146 GLY GLY A . n 
A 1 133 GLU 133 147 147 GLU GLU A . n 
A 1 134 THR 134 148 148 THR THR A . n 
A 1 135 ILE 135 149 149 ILE ILE A . n 
A 1 136 GLY 136 150 150 GLY GLY A . n 
A 1 137 SER 137 151 151 SER SER A . n 
A 1 138 PHE 138 152 152 PHE PHE A . n 
A 1 139 SER 139 153 153 SER SER A . n 
A 1 140 VAL 140 154 154 VAL VAL A . n 
A 1 141 LYS 141 155 155 LYS LYS A . n 
A 1 142 LYS 142 156 156 LYS LYS A . n 
A 1 143 ASP 143 157 157 ASP ASP A . n 
A 1 144 ALA 144 158 158 ALA ALA A . n 
A 1 145 GLU 145 159 159 GLU GLU A . n 
A 1 146 ALA 146 160 160 ALA ALA A . n 
A 1 147 PHE 147 161 161 PHE PHE A . n 
A 1 148 ILE 148 162 162 ILE ILE A . n 
A 1 149 GLU 149 163 163 GLU GLU A . n 
A 1 150 GLN 150 164 164 GLN GLN A . n 
A 1 151 TYR 151 165 165 TYR TYR A . n 
A 1 152 GLY 152 166 166 GLY GLY A . n 
A 1 153 GLY 153 167 167 GLY GLY A . n 
A 1 154 LYS 154 168 168 LYS LYS A . n 
A 1 155 LEU 155 169 169 LEU LEU A . n 
A 1 156 TYR 156 170 170 TYR TYR A . n 
A 1 157 ARG 157 171 171 ARG ARG A . n 
A 1 158 PHE 158 172 172 PHE PHE A . n 
A 1 159 ASP 159 173 173 ASP ASP A . n 
A 1 160 GLU 160 174 174 GLU GLU A . n 
A 1 161 ILE 161 175 175 ILE ILE A . n 
A 1 162 THR 162 176 176 THR THR A . n 
A 1 163 GLN 163 177 177 GLN GLN A . n 
A 1 164 ALA 164 178 178 ALA ALA A . n 
A 1 165 GLN 165 179 179 GLN GLN A . n 
A 1 166 LEU 166 180 ?   ?   ?   A . n 
A 1 167 LEU 167 181 ?   ?   ?   A . n 
A 1 168 GLU 168 182 ?   ?   ?   A . n 
A 1 169 ASN 169 183 ?   ?   ?   A . n 
A 1 170 LEU 170 184 ?   ?   ?   A . n 
A 1 171 TYR 171 185 ?   ?   ?   A . n 
A 1 172 PHE 172 186 ?   ?   ?   A . n 
A 1 173 GLN 173 187 ?   ?   ?   A . n 
A 1 174 SER 174 188 ?   ?   ?   A . n 
A 1 175 TRP 175 189 ?   ?   ?   A . n 
A 1 176 SER 176 190 ?   ?   ?   A . n 
A 1 177 HIS 177 191 ?   ?   ?   A . n 
A 1 178 PRO 178 192 ?   ?   ?   A . n 
A 1 179 GLN 179 193 ?   ?   ?   A . n 
A 1 180 PHE 180 194 ?   ?   ?   A . n 
A 1 181 GLU 181 195 ?   ?   ?   A . n 
A 1 182 LYS 182 196 ?   ?   ?   A . n 
# 
loop_
_pdbx_nonpoly_scheme.asym_id 
_pdbx_nonpoly_scheme.entity_id 
_pdbx_nonpoly_scheme.mon_id 
_pdbx_nonpoly_scheme.ndb_seq_num 
_pdbx_nonpoly_scheme.pdb_seq_num 
_pdbx_nonpoly_scheme.auth_seq_num 
_pdbx_nonpoly_scheme.pdb_mon_id 
_pdbx_nonpoly_scheme.auth_mon_id 
_pdbx_nonpoly_scheme.pdb_strand_id 
_pdbx_nonpoly_scheme.pdb_ins_code 
B 2 CU1 1   201 201 CU1 CU1 A . 
C 3 ZN  1   202 202 ZN  ZN  A . 
D 4 CCN 1   203 203 CCN CCN A . 
E 4 CCN 1   204 204 CCN CCN A . 
F 4 CCN 1   205 205 CCN CCN A . 
G 4 CCN 1   206 206 CCN CCN A . 
H 4 CCN 1   207 207 CCN CCN A . 
I 5 HOH 1   301 56  HOH HOH A . 
I 5 HOH 2   302 58  HOH HOH A . 
I 5 HOH 3   303 44  HOH HOH A . 
I 5 HOH 4   304 87  HOH HOH A . 
I 5 HOH 5   305 29  HOH HOH A . 
I 5 HOH 6   306 91  HOH HOH A . 
I 5 HOH 7   307 37  HOH HOH A . 
I 5 HOH 8   308 7   HOH HOH A . 
I 5 HOH 9   309 78  HOH HOH A . 
I 5 HOH 10  310 28  HOH HOH A . 
I 5 HOH 11  311 11  HOH HOH A . 
I 5 HOH 12  312 82  HOH HOH A . 
I 5 HOH 13  313 51  HOH HOH A . 
I 5 HOH 14  314 4   HOH HOH A . 
I 5 HOH 15  315 33  HOH HOH A . 
I 5 HOH 16  316 52  HOH HOH A . 
I 5 HOH 17  317 43  HOH HOH A . 
I 5 HOH 18  318 8   HOH HOH A . 
I 5 HOH 19  319 83  HOH HOH A . 
I 5 HOH 20  320 76  HOH HOH A . 
I 5 HOH 21  321 57  HOH HOH A . 
I 5 HOH 22  322 2   HOH HOH A . 
I 5 HOH 23  323 79  HOH HOH A . 
I 5 HOH 24  324 3   HOH HOH A . 
I 5 HOH 25  325 13  HOH HOH A . 
I 5 HOH 26  326 23  HOH HOH A . 
I 5 HOH 27  327 54  HOH HOH A . 
I 5 HOH 28  328 85  HOH HOH A . 
I 5 HOH 29  329 5   HOH HOH A . 
I 5 HOH 30  330 68  HOH HOH A . 
I 5 HOH 31  331 95  HOH HOH A . 
I 5 HOH 32  332 12  HOH HOH A . 
I 5 HOH 33  333 38  HOH HOH A . 
I 5 HOH 34  334 14  HOH HOH A . 
I 5 HOH 35  335 17  HOH HOH A . 
I 5 HOH 36  336 42  HOH HOH A . 
I 5 HOH 37  337 98  HOH HOH A . 
I 5 HOH 38  338 10  HOH HOH A . 
I 5 HOH 39  339 73  HOH HOH A . 
I 5 HOH 40  340 40  HOH HOH A . 
I 5 HOH 41  341 9   HOH HOH A . 
I 5 HOH 42  342 89  HOH HOH A . 
I 5 HOH 43  343 19  HOH HOH A . 
I 5 HOH 44  344 92  HOH HOH A . 
I 5 HOH 45  345 61  HOH HOH A . 
I 5 HOH 46  346 46  HOH HOH A . 
I 5 HOH 47  347 67  HOH HOH A . 
I 5 HOH 48  348 16  HOH HOH A . 
I 5 HOH 49  349 15  HOH HOH A . 
I 5 HOH 50  350 94  HOH HOH A . 
I 5 HOH 51  351 1   HOH HOH A . 
I 5 HOH 52  352 31  HOH HOH A . 
I 5 HOH 53  353 39  HOH HOH A . 
I 5 HOH 54  354 100 HOH HOH A . 
I 5 HOH 55  355 71  HOH HOH A . 
I 5 HOH 56  356 30  HOH HOH A . 
I 5 HOH 57  357 60  HOH HOH A . 
I 5 HOH 58  358 47  HOH HOH A . 
I 5 HOH 59  359 24  HOH HOH A . 
I 5 HOH 60  360 21  HOH HOH A . 
I 5 HOH 61  361 80  HOH HOH A . 
I 5 HOH 62  362 22  HOH HOH A . 
I 5 HOH 63  363 99  HOH HOH A . 
I 5 HOH 64  364 86  HOH HOH A . 
I 5 HOH 65  365 20  HOH HOH A . 
I 5 HOH 66  366 93  HOH HOH A . 
I 5 HOH 67  367 72  HOH HOH A . 
I 5 HOH 68  368 75  HOH HOH A . 
I 5 HOH 69  369 77  HOH HOH A . 
I 5 HOH 70  370 26  HOH HOH A . 
I 5 HOH 71  371 90  HOH HOH A . 
I 5 HOH 72  372 55  HOH HOH A . 
I 5 HOH 73  373 35  HOH HOH A . 
I 5 HOH 74  374 97  HOH HOH A . 
I 5 HOH 75  375 96  HOH HOH A . 
I 5 HOH 76  376 81  HOH HOH A . 
I 5 HOH 77  377 74  HOH HOH A . 
I 5 HOH 78  378 32  HOH HOH A . 
I 5 HOH 79  379 84  HOH HOH A . 
I 5 HOH 80  380 18  HOH HOH A . 
I 5 HOH 81  381 63  HOH HOH A . 
I 5 HOH 82  382 59  HOH HOH A . 
I 5 HOH 83  383 50  HOH HOH A . 
I 5 HOH 84  384 88  HOH HOH A . 
I 5 HOH 85  385 49  HOH HOH A . 
I 5 HOH 86  386 25  HOH HOH A . 
I 5 HOH 87  387 66  HOH HOH A . 
I 5 HOH 88  388 101 HOH HOH A . 
I 5 HOH 89  389 65  HOH HOH A . 
I 5 HOH 90  390 70  HOH HOH A . 
I 5 HOH 91  391 102 HOH HOH A . 
I 5 HOH 92  392 36  HOH HOH A . 
I 5 HOH 93  393 103 HOH HOH A . 
I 5 HOH 94  394 34  HOH HOH A . 
I 5 HOH 95  395 64  HOH HOH A . 
I 5 HOH 96  396 41  HOH HOH A . 
I 5 HOH 97  397 104 HOH HOH A . 
I 5 HOH 98  398 6   HOH HOH A . 
I 5 HOH 99  399 48  HOH HOH A . 
I 5 HOH 100 400 45  HOH HOH A . 
I 5 HOH 101 401 69  HOH HOH A . 
I 5 HOH 102 402 62  HOH HOH A . 
# 
loop_
_software.citation_id 
_software.classification 
_software.compiler_name 
_software.compiler_version 
_software.contact_author 
_software.contact_author_email 
_software.date 
_software.description 
_software.dependencies 
_software.hardware 
_software.language 
_software.location 
_software.mods 
_software.name 
_software.os 
_software.os_version 
_software.type 
_software.version 
_software.pdbx_ordinal 
? refinement        ? ? ? ? ? ? ? ? ? ? ? PHENIX      ? ? ? 1.13_2998 1 
? 'data extraction' ? ? ? ? ? ? ? ? ? ? ? PDB_EXTRACT ? ? ? 3.27      2 
? 'data reduction'  ? ? ? ? ? ? ? ? ? ? ? XDS         ? ? ? .         3 
? 'data scaling'    ? ? ? ? ? ? ? ? ? ? ? Aimless     ? ? ? .         4 
? phasing           ? ? ? ? ? ? ? ? ? ? ? AutoSol     ? ? ? .         5 
# 
_cell.angle_alpha                  90.000 
_cell.angle_alpha_esd              ? 
_cell.angle_beta                   90.000 
_cell.angle_beta_esd               ? 
_cell.angle_gamma                  90.000 
_cell.angle_gamma_esd              ? 
_cell.entry_id                     7OG7 
_cell.details                      ? 
_cell.formula_units_Z              ? 
_cell.length_a                     179.066 
_cell.length_a_esd                 ? 
_cell.length_b                     179.066 
_cell.length_b_esd                 ? 
_cell.length_c                     179.066 
_cell.length_c_esd                 ? 
_cell.volume                       ? 
_cell.volume_esd                   ? 
_cell.Z_PDB                        96 
_cell.reciprocal_angle_alpha       ? 
_cell.reciprocal_angle_beta        ? 
_cell.reciprocal_angle_gamma       ? 
_cell.reciprocal_angle_alpha_esd   ? 
_cell.reciprocal_angle_beta_esd    ? 
_cell.reciprocal_angle_gamma_esd   ? 
_cell.reciprocal_length_a          ? 
_cell.reciprocal_length_b          ? 
_cell.reciprocal_length_c          ? 
_cell.reciprocal_length_a_esd      ? 
_cell.reciprocal_length_b_esd      ? 
_cell.reciprocal_length_c_esd      ? 
_cell.pdbx_unique_axis             ? 
# 
_symmetry.entry_id                         7OG7 
_symmetry.cell_setting                     ? 
_symmetry.Int_Tables_number                210 
_symmetry.space_group_name_Hall            ? 
_symmetry.space_group_name_H-M             'F 41 3 2' 
_symmetry.pdbx_full_space_group_name_H-M   ? 
# 
_exptl.absorpt_coefficient_mu     ? 
_exptl.absorpt_correction_T_max   ? 
_exptl.absorpt_correction_T_min   ? 
_exptl.absorpt_correction_type    ? 
_exptl.absorpt_process_details    ? 
_exptl.entry_id                   7OG7 
_exptl.crystals_number            1 
_exptl.details                    ? 
_exptl.method                     'X-RAY DIFFRACTION' 
_exptl.method_details             ? 
# 
_exptl_crystal.colour                      ? 
_exptl_crystal.density_diffrn              ? 
_exptl_crystal.density_Matthews            2.94 
_exptl_crystal.density_method              ? 
_exptl_crystal.density_percent_sol         58.21 
_exptl_crystal.description                 ? 
_exptl_crystal.F_000                       ? 
_exptl_crystal.id                          1 
_exptl_crystal.preparation                 ? 
_exptl_crystal.size_max                    ? 
_exptl_crystal.size_mid                    ? 
_exptl_crystal.size_min                    ? 
_exptl_crystal.size_rad                    ? 
_exptl_crystal.colour_lustre               ? 
_exptl_crystal.colour_modifier             ? 
_exptl_crystal.colour_primary              ? 
_exptl_crystal.density_meas                ? 
_exptl_crystal.density_meas_esd            ? 
_exptl_crystal.density_meas_gt             ? 
_exptl_crystal.density_meas_lt             ? 
_exptl_crystal.density_meas_temp           ? 
_exptl_crystal.density_meas_temp_esd       ? 
_exptl_crystal.density_meas_temp_gt        ? 
_exptl_crystal.density_meas_temp_lt        ? 
_exptl_crystal.pdbx_crystal_image_url      ? 
_exptl_crystal.pdbx_crystal_image_format   ? 
_exptl_crystal.pdbx_mosaicity              ? 
_exptl_crystal.pdbx_mosaicity_esd          ? 
# 
_exptl_crystal_grow.apparatus       ? 
_exptl_crystal_grow.atmosphere      ? 
_exptl_crystal_grow.crystal_id      1 
_exptl_crystal_grow.details         ? 
_exptl_crystal_grow.method          'VAPOR DIFFUSION, SITTING DROP' 
_exptl_crystal_grow.method_ref      ? 
_exptl_crystal_grow.pH              ? 
_exptl_crystal_grow.pressure        ? 
_exptl_crystal_grow.pressure_esd    ? 
_exptl_crystal_grow.seeding         ? 
_exptl_crystal_grow.seeding_ref     ? 
_exptl_crystal_grow.temp            293 
_exptl_crystal_grow.temp_details    ? 
_exptl_crystal_grow.temp_esd        ? 
_exptl_crystal_grow.time            ? 
_exptl_crystal_grow.pdbx_details    '0.1 M HEPES buffer at pH 7.5 and 1.4 M trisodium citrate tribasic dihydrate' 
_exptl_crystal_grow.pdbx_pH_range   ? 
# 
_diffrn.ambient_environment              ? 
_diffrn.ambient_temp                     100 
_diffrn.ambient_temp_details             ? 
_diffrn.ambient_temp_esd                 ? 
_diffrn.crystal_id                       1 
_diffrn.crystal_support                  ? 
_diffrn.crystal_treatment                ? 
_diffrn.details                          ? 
_diffrn.id                               1 
_diffrn.ambient_pressure                 ? 
_diffrn.ambient_pressure_esd             ? 
_diffrn.ambient_pressure_gt              ? 
_diffrn.ambient_pressure_lt              ? 
_diffrn.ambient_temp_gt                  ? 
_diffrn.ambient_temp_lt                  ? 
_diffrn.pdbx_serial_crystal_experiment   N 
# 
_diffrn_detector.details                      ? 
_diffrn_detector.detector                     PIXEL 
_diffrn_detector.diffrn_id                    1 
_diffrn_detector.type                         'DECTRIS EIGER X 16M' 
_diffrn_detector.area_resol_mean              ? 
_diffrn_detector.dtime                        ? 
_diffrn_detector.pdbx_frames_total            ? 
_diffrn_detector.pdbx_collection_time_total   ? 
_diffrn_detector.pdbx_collection_date         2016-02-08 
_diffrn_detector.pdbx_frequency               ? 
# 
_diffrn_radiation.collimation                      ? 
_diffrn_radiation.diffrn_id                        1 
_diffrn_radiation.filter_edge                      ? 
_diffrn_radiation.inhomogeneity                    ? 
_diffrn_radiation.monochromator                    ? 
_diffrn_radiation.polarisn_norm                    ? 
_diffrn_radiation.polarisn_ratio                   ? 
_diffrn_radiation.probe                            ? 
_diffrn_radiation.type                             ? 
_diffrn_radiation.xray_symbol                      ? 
_diffrn_radiation.wavelength_id                    1 
_diffrn_radiation.pdbx_monochromatic_or_laue_m_l   M 
_diffrn_radiation.pdbx_wavelength_list             ? 
_diffrn_radiation.pdbx_wavelength                  ? 
_diffrn_radiation.pdbx_diffrn_protocol             'SINGLE WAVELENGTH' 
_diffrn_radiation.pdbx_analyzer                    ? 
_diffrn_radiation.pdbx_scattering_type             x-ray 
# 
_diffrn_radiation_wavelength.id           1 
_diffrn_radiation_wavelength.wavelength   1.28096 
_diffrn_radiation_wavelength.wt           1.0 
# 
_diffrn_source.current                     ? 
_diffrn_source.details                     ? 
_diffrn_source.diffrn_id                   1 
_diffrn_source.power                       ? 
_diffrn_source.size                        ? 
_diffrn_source.source                      SYNCHROTRON 
_diffrn_source.target                      ? 
_diffrn_source.type                        'SLS BEAMLINE X06SA' 
_diffrn_source.voltage                     ? 
_diffrn_source.take-off_angle              ? 
_diffrn_source.pdbx_wavelength_list        1.28096 
_diffrn_source.pdbx_wavelength             ? 
_diffrn_source.pdbx_synchrotron_beamline   X06SA 
_diffrn_source.pdbx_synchrotron_site       SLS 
# 
_reflns.B_iso_Wilson_estimate                          ? 
_reflns.entry_id                                       7OG7 
_reflns.data_reduction_details                         ? 
_reflns.data_reduction_method                          ? 
_reflns.d_resolution_high                              1.85 
_reflns.d_resolution_low                               44.77 
_reflns.details                                        ? 
_reflns.limit_h_max                                    ? 
_reflns.limit_h_min                                    ? 
_reflns.limit_k_max                                    ? 
_reflns.limit_k_min                                    ? 
_reflns.limit_l_max                                    ? 
_reflns.limit_l_min                                    ? 
_reflns.number_all                                     ? 
_reflns.number_obs                                     21586 
_reflns.observed_criterion                             ? 
_reflns.observed_criterion_F_max                       ? 
_reflns.observed_criterion_F_min                       ? 
_reflns.observed_criterion_I_max                       ? 
_reflns.observed_criterion_I_min                       ? 
_reflns.observed_criterion_sigma_F                     ? 
_reflns.observed_criterion_sigma_I                     ? 
_reflns.percent_possible_obs                           100 
_reflns.R_free_details                                 ? 
_reflns.Rmerge_F_all                                   ? 
_reflns.Rmerge_F_obs                                   ? 
_reflns.Friedel_coverage                               ? 
_reflns.number_gt                                      ? 
_reflns.threshold_expression                           ? 
_reflns.pdbx_redundancy                                76.6 
_reflns.pdbx_Rmerge_I_obs                              ? 
_reflns.pdbx_Rmerge_I_all                              ? 
_reflns.pdbx_Rsym_value                                ? 
_reflns.pdbx_netI_over_av_sigmaI                       ? 
_reflns.pdbx_netI_over_sigmaI                          35.3 
_reflns.pdbx_res_netI_over_av_sigmaI_2                 ? 
_reflns.pdbx_res_netI_over_sigmaI_2                    ? 
_reflns.pdbx_chi_squared                               ? 
_reflns.pdbx_scaling_rejects                           ? 
_reflns.pdbx_d_res_high_opt                            ? 
_reflns.pdbx_d_res_low_opt                             ? 
_reflns.pdbx_d_res_opt_method                          ? 
_reflns.phase_calculation_details                      ? 
_reflns.pdbx_Rrim_I_all                                ? 
_reflns.pdbx_Rpim_I_all                                ? 
_reflns.pdbx_d_opt                                     ? 
_reflns.pdbx_number_measured_all                       ? 
_reflns.pdbx_diffrn_id                                 1 
_reflns.pdbx_ordinal                                   1 
_reflns.pdbx_CC_half                                   1 
_reflns.pdbx_CC_star                                   ? 
_reflns.pdbx_R_split                                   ? 
_reflns.pdbx_aniso_diffraction_limit_axis_1_ortho[1]   ? 
_reflns.pdbx_aniso_diffraction_limit_axis_1_ortho[2]   ? 
_reflns.pdbx_aniso_diffraction_limit_axis_1_ortho[3]   ? 
_reflns.pdbx_aniso_diffraction_limit_axis_2_ortho[1]   ? 
_reflns.pdbx_aniso_diffraction_limit_axis_2_ortho[2]   ? 
_reflns.pdbx_aniso_diffraction_limit_axis_2_ortho[3]   ? 
_reflns.pdbx_aniso_diffraction_limit_axis_3_ortho[1]   ? 
_reflns.pdbx_aniso_diffraction_limit_axis_3_ortho[2]   ? 
_reflns.pdbx_aniso_diffraction_limit_axis_3_ortho[3]   ? 
_reflns.pdbx_aniso_diffraction_limit_1                 ? 
_reflns.pdbx_aniso_diffraction_limit_2                 ? 
_reflns.pdbx_aniso_diffraction_limit_3                 ? 
_reflns.pdbx_aniso_B_tensor_eigenvector_1_ortho[1]     ? 
_reflns.pdbx_aniso_B_tensor_eigenvector_1_ortho[2]     ? 
_reflns.pdbx_aniso_B_tensor_eigenvector_1_ortho[3]     ? 
_reflns.pdbx_aniso_B_tensor_eigenvector_2_ortho[1]     ? 
_reflns.pdbx_aniso_B_tensor_eigenvector_2_ortho[2]     ? 
_reflns.pdbx_aniso_B_tensor_eigenvector_2_ortho[3]     ? 
_reflns.pdbx_aniso_B_tensor_eigenvector_3_ortho[1]     ? 
_reflns.pdbx_aniso_B_tensor_eigenvector_3_ortho[2]     ? 
_reflns.pdbx_aniso_B_tensor_eigenvector_3_ortho[3]     ? 
_reflns.pdbx_aniso_B_tensor_eigenvalue_1               ? 
_reflns.pdbx_aniso_B_tensor_eigenvalue_2               ? 
_reflns.pdbx_aniso_B_tensor_eigenvalue_3               ? 
_reflns.pdbx_orthogonalization_convention              ? 
_reflns.pdbx_percent_possible_ellipsoidal              ? 
_reflns.pdbx_percent_possible_spherical                ? 
_reflns.pdbx_percent_possible_ellipsoidal_anomalous    ? 
_reflns.pdbx_percent_possible_spherical_anomalous      ? 
_reflns.pdbx_redundancy_anomalous                      ? 
_reflns.pdbx_CC_half_anomalous                         ? 
_reflns.pdbx_absDiff_over_sigma_anomalous              ? 
_reflns.pdbx_percent_possible_anomalous                ? 
_reflns.pdbx_observed_signal_threshold                 ? 
_reflns.pdbx_signal_type                               ? 
_reflns.pdbx_signal_details                            ? 
_reflns.pdbx_signal_software_id                        ? 
# 
_reflns_shell.d_res_high                                    1.85 
_reflns_shell.d_res_low                                     1.89 
_reflns_shell.meanI_over_sigI_all                           ? 
_reflns_shell.meanI_over_sigI_obs                           ? 
_reflns_shell.number_measured_all                           ? 
_reflns_shell.number_measured_obs                           ? 
_reflns_shell.number_possible                               ? 
_reflns_shell.number_unique_all                             ? 
_reflns_shell.number_unique_obs                             1322 
_reflns_shell.percent_possible_all                          ? 
_reflns_shell.percent_possible_obs                          ? 
_reflns_shell.Rmerge_F_all                                  ? 
_reflns_shell.Rmerge_F_obs                                  ? 
_reflns_shell.Rmerge_I_all                                  ? 
_reflns_shell.Rmerge_I_obs                                  ? 
_reflns_shell.meanI_over_sigI_gt                            ? 
_reflns_shell.meanI_over_uI_all                             ? 
_reflns_shell.meanI_over_uI_gt                              ? 
_reflns_shell.number_measured_gt                            ? 
_reflns_shell.number_unique_gt                              ? 
_reflns_shell.percent_possible_gt                           ? 
_reflns_shell.Rmerge_F_gt                                   ? 
_reflns_shell.Rmerge_I_gt                                   ? 
_reflns_shell.pdbx_redundancy                               ? 
_reflns_shell.pdbx_Rsym_value                               ? 
_reflns_shell.pdbx_chi_squared                              ? 
_reflns_shell.pdbx_netI_over_sigmaI_all                     ? 
_reflns_shell.pdbx_netI_over_sigmaI_obs                     ? 
_reflns_shell.pdbx_Rrim_I_all                               ? 
_reflns_shell.pdbx_Rpim_I_all                               ? 
_reflns_shell.pdbx_rejects                                  ? 
_reflns_shell.pdbx_ordinal                                  1 
_reflns_shell.pdbx_diffrn_id                                1 
_reflns_shell.pdbx_CC_half                                  0.431 
_reflns_shell.pdbx_CC_star                                  ? 
_reflns_shell.pdbx_R_split                                  ? 
_reflns_shell.pdbx_percent_possible_ellipsoidal             ? 
_reflns_shell.pdbx_percent_possible_spherical               ? 
_reflns_shell.pdbx_percent_possible_ellipsoidal_anomalous   ? 
_reflns_shell.pdbx_percent_possible_spherical_anomalous     ? 
_reflns_shell.pdbx_redundancy_anomalous                     ? 
_reflns_shell.pdbx_CC_half_anomalous                        ? 
_reflns_shell.pdbx_absDiff_over_sigma_anomalous             ? 
_reflns_shell.pdbx_percent_possible_anomalous               ? 
# 
_refine.aniso_B[1][1]                            ? 
_refine.aniso_B[1][2]                            ? 
_refine.aniso_B[1][3]                            ? 
_refine.aniso_B[2][2]                            ? 
_refine.aniso_B[2][3]                            ? 
_refine.aniso_B[3][3]                            ? 
_refine.B_iso_max                                77.790 
_refine.B_iso_mean                               35.9209 
_refine.B_iso_min                                20.350 
_refine.correlation_coeff_Fo_to_Fc               ? 
_refine.correlation_coeff_Fo_to_Fc_free          ? 
_refine.details                                  ? 
_refine.diff_density_max                         ? 
_refine.diff_density_max_esd                     ? 
_refine.diff_density_min                         ? 
_refine.diff_density_min_esd                     ? 
_refine.diff_density_rms                         ? 
_refine.diff_density_rms_esd                     ? 
_refine.entry_id                                 7OG7 
_refine.pdbx_refine_id                           'X-RAY DIFFRACTION' 
_refine.ls_abs_structure_details                 ? 
_refine.ls_abs_structure_Flack                   ? 
_refine.ls_abs_structure_Flack_esd               ? 
_refine.ls_abs_structure_Rogers                  ? 
_refine.ls_abs_structure_Rogers_esd              ? 
_refine.ls_d_res_high                            1.8500 
_refine.ls_d_res_low                             44.7670 
_refine.ls_extinction_coef                       ? 
_refine.ls_extinction_coef_esd                   ? 
_refine.ls_extinction_expression                 ? 
_refine.ls_extinction_method                     ? 
_refine.ls_goodness_of_fit_all                   ? 
_refine.ls_goodness_of_fit_all_esd               ? 
_refine.ls_goodness_of_fit_obs                   ? 
_refine.ls_goodness_of_fit_obs_esd               ? 
_refine.ls_hydrogen_treatment                    ? 
_refine.ls_matrix_type                           ? 
_refine.ls_number_constraints                    ? 
_refine.ls_number_parameters                     ? 
_refine.ls_number_reflns_all                     ? 
_refine.ls_number_reflns_obs                     21586 
_refine.ls_number_reflns_R_free                  1947 
_refine.ls_number_reflns_R_work                  37670 
_refine.ls_number_restraints                     ? 
_refine.ls_percent_reflns_obs                    99.9700 
_refine.ls_percent_reflns_R_free                 4.9100 
_refine.ls_R_factor_all                          ? 
_refine.ls_R_factor_obs                          0.1954 
_refine.ls_R_factor_R_free                       0.2216 
_refine.ls_R_factor_R_free_error                 ? 
_refine.ls_R_factor_R_free_error_details         ? 
_refine.ls_R_factor_R_work                       0.1941 
_refine.ls_R_Fsqd_factor_obs                     ? 
_refine.ls_R_I_factor_obs                        ? 
_refine.ls_redundancy_reflns_all                 ? 
_refine.ls_redundancy_reflns_obs                 ? 
_refine.ls_restrained_S_all                      ? 
_refine.ls_restrained_S_obs                      ? 
_refine.ls_shift_over_esd_max                    ? 
_refine.ls_shift_over_esd_mean                   ? 
_refine.ls_structure_factor_coef                 ? 
_refine.ls_weighting_details                     ? 
_refine.ls_weighting_scheme                      ? 
_refine.ls_wR_factor_all                         ? 
_refine.ls_wR_factor_obs                         ? 
_refine.ls_wR_factor_R_free                      ? 
_refine.ls_wR_factor_R_work                      ? 
_refine.occupancy_max                            ? 
_refine.occupancy_min                            ? 
_refine.solvent_model_details                    'FLAT BULK SOLVENT MODEL' 
_refine.solvent_model_param_bsol                 ? 
_refine.solvent_model_param_ksol                 ? 
_refine.pdbx_R_complete                          ? 
_refine.ls_R_factor_gt                           ? 
_refine.ls_goodness_of_fit_gt                    ? 
_refine.ls_goodness_of_fit_ref                   ? 
_refine.ls_shift_over_su_max                     ? 
_refine.ls_shift_over_su_max_lt                  ? 
_refine.ls_shift_over_su_mean                    ? 
_refine.ls_shift_over_su_mean_lt                 ? 
_refine.pdbx_ls_sigma_I                          ? 
_refine.pdbx_ls_sigma_F                          2.020 
_refine.pdbx_ls_sigma_Fsqd                       ? 
_refine.pdbx_data_cutoff_high_absF               ? 
_refine.pdbx_data_cutoff_high_rms_absF           ? 
_refine.pdbx_data_cutoff_low_absF                ? 
_refine.pdbx_isotropic_thermal_model             ? 
_refine.pdbx_ls_cross_valid_method               THROUGHOUT 
_refine.pdbx_method_to_determine_struct          SAD 
_refine.pdbx_starting_model                      ? 
_refine.pdbx_stereochemistry_target_values       ML 
_refine.pdbx_R_Free_selection_details            ? 
_refine.pdbx_stereochem_target_val_spec_case     ? 
_refine.pdbx_overall_ESU_R                       ? 
_refine.pdbx_overall_ESU_R_Free                  ? 
_refine.pdbx_solvent_vdw_probe_radii             1.1100 
_refine.pdbx_solvent_ion_probe_radii             ? 
_refine.pdbx_solvent_shrinkage_radii             0.9000 
_refine.pdbx_real_space_R                        ? 
_refine.pdbx_density_correlation                 ? 
_refine.pdbx_pd_number_of_powder_patterns        ? 
_refine.pdbx_pd_number_of_points                 ? 
_refine.pdbx_pd_meas_number_of_points            ? 
_refine.pdbx_pd_proc_ls_prof_R_factor            ? 
_refine.pdbx_pd_proc_ls_prof_wR_factor           ? 
_refine.pdbx_pd_Marquardt_correlation_coeff      ? 
_refine.pdbx_pd_Fsqrd_R_factor                   ? 
_refine.pdbx_pd_ls_matrix_band_width             ? 
_refine.pdbx_overall_phase_error                 20.6300 
_refine.pdbx_overall_SU_R_free_Cruickshank_DPI   ? 
_refine.pdbx_overall_SU_R_free_Blow_DPI          ? 
_refine.pdbx_overall_SU_R_Blow_DPI               ? 
_refine.pdbx_TLS_residual_ADP_flag               ? 
_refine.pdbx_diffrn_id                           1 
_refine.overall_SU_B                             ? 
_refine.overall_SU_ML                            0.2100 
_refine.overall_SU_R_Cruickshank_DPI             ? 
_refine.overall_SU_R_free                        ? 
_refine.overall_FOM_free_R_set                   ? 
_refine.overall_FOM_work_R_set                   ? 
_refine.pdbx_average_fsc_overall                 ? 
_refine.pdbx_average_fsc_work                    ? 
_refine.pdbx_average_fsc_free                    ? 
# 
_refine_hist.pdbx_refine_id                   'X-RAY DIFFRACTION' 
_refine_hist.cycle_id                         final 
_refine_hist.details                          ? 
_refine_hist.d_res_high                       1.8500 
_refine_hist.d_res_low                        44.7670 
_refine_hist.number_atoms_solvent             102 
_refine_hist.number_atoms_total               1197 
_refine_hist.number_reflns_all                ? 
_refine_hist.number_reflns_obs                ? 
_refine_hist.number_reflns_R_free             ? 
_refine_hist.number_reflns_R_work             ? 
_refine_hist.R_factor_all                     ? 
_refine_hist.R_factor_obs                     ? 
_refine_hist.R_factor_R_free                  ? 
_refine_hist.R_factor_R_work                  ? 
_refine_hist.pdbx_number_residues_total       134 
_refine_hist.pdbx_B_iso_mean_ligand           54.46 
_refine_hist.pdbx_B_iso_mean_solvent          41.64 
_refine_hist.pdbx_number_atoms_protein        1063 
_refine_hist.pdbx_number_atoms_nucleic_acid   0 
_refine_hist.pdbx_number_atoms_ligand         32 
_refine_hist.pdbx_number_atoms_lipid          ? 
_refine_hist.pdbx_number_atoms_carb           ? 
_refine_hist.pdbx_pseudo_atom_details         ? 
# 
loop_
_refine_ls_shell.pdbx_refine_id 
_refine_ls_shell.d_res_high 
_refine_ls_shell.d_res_low 
_refine_ls_shell.number_reflns_all 
_refine_ls_shell.number_reflns_obs 
_refine_ls_shell.number_reflns_R_free 
_refine_ls_shell.number_reflns_R_work 
_refine_ls_shell.percent_reflns_obs 
_refine_ls_shell.percent_reflns_R_free 
_refine_ls_shell.R_factor_all 
_refine_ls_shell.R_factor_obs 
_refine_ls_shell.R_factor_R_free 
_refine_ls_shell.R_factor_R_free_error 
_refine_ls_shell.R_factor_R_work 
_refine_ls_shell.redundancy_reflns_all 
_refine_ls_shell.redundancy_reflns_obs 
_refine_ls_shell.wR_factor_all 
_refine_ls_shell.wR_factor_obs 
_refine_ls_shell.wR_factor_R_free 
_refine_ls_shell.wR_factor_R_work 
_refine_ls_shell.pdbx_R_complete 
_refine_ls_shell.pdbx_total_number_of_bins_used 
_refine_ls_shell.pdbx_phase_error 
_refine_ls_shell.pdbx_fsc_work 
_refine_ls_shell.pdbx_fsc_free 
'X-RAY DIFFRACTION' 1.8501 1.8963 . . 130 2662 100.0000 . . . 0.2953 0.0000 0.3261 . . . . . . . . . . . 
'X-RAY DIFFRACTION' 1.8963 1.9476 . . 175 2699 100.0000 . . . 0.3253 0.0000 0.2931 . . . . . . . . . . . 
'X-RAY DIFFRACTION' 1.9476 2.0049 . . 153 2654 100.0000 . . . 0.2759 0.0000 0.2774 . . . . . . . . . . . 
'X-RAY DIFFRACTION' 2.0049 2.0696 . . 135 2701 100.0000 . . . 0.2691 0.0000 0.2502 . . . . . . . . . . . 
'X-RAY DIFFRACTION' 2.0696 2.1436 . . 134 2705 100.0000 . . . 0.2606 0.0000 0.2239 . . . . . . . . . . . 
'X-RAY DIFFRACTION' 2.1436 2.2294 . . 118 2691 100.0000 . . . 0.2284 0.0000 0.2081 . . . . . . . . . . . 
'X-RAY DIFFRACTION' 2.2294 2.3309 . . 128 2696 100.0000 . . . 0.2406 0.0000 0.1992 . . . . . . . . . . . 
'X-RAY DIFFRACTION' 2.3309 2.4538 . . 131 2692 100.0000 . . . 0.1985 0.0000 0.1941 . . . . . . . . . . . 
'X-RAY DIFFRACTION' 2.4538 2.6075 . . 127 2689 100.0000 . . . 0.2797 0.0000 0.1918 . . . . . . . . . . . 
'X-RAY DIFFRACTION' 2.6075 2.8088 . . 143 2713 100.0000 . . . 0.2156 0.0000 0.2025 . . . . . . . . . . . 
'X-RAY DIFFRACTION' 2.8088 3.0914 . . 161 2666 100.0000 . . . 0.2076 0.0000 0.2113 . . . . . . . . . . . 
'X-RAY DIFFRACTION' 3.0914 3.5386 . . 148 2690 100.0000 . . . 0.2335 0.0000 0.1920 . . . . . . . . . . . 
'X-RAY DIFFRACTION' 3.5386 4.4576 . . 125 2697 100.0000 . . . 0.1624 0.0000 0.1488 . . . . . . . . . . . 
'X-RAY DIFFRACTION' 4.4576 44.76  . . 139 2715 100.0000 . . . 0.2123 0.0000 0.1725 . . . . . . . . . . . 
# 
_struct.entry_id                     7OG7 
_struct.title                        'Crystal structure of the copper chaperone NosL from Shewanella denitrificans' 
_struct.pdbx_model_details           ? 
_struct.pdbx_formula_weight          ? 
_struct.pdbx_formula_weight_method   ? 
_struct.pdbx_model_type_details      ? 
_struct.pdbx_CASP_flag               N 
# 
_struct_keywords.entry_id        7OG7 
_struct_keywords.text            'copper chaperone, METAL BINDING PROTEIN' 
_struct_keywords.pdbx_keywords   'METAL BINDING PROTEIN' 
# 
loop_
_struct_asym.id 
_struct_asym.pdbx_blank_PDB_chainid_flag 
_struct_asym.pdbx_modified 
_struct_asym.entity_id 
_struct_asym.details 
A N N 1 ? 
B N N 2 ? 
C N N 3 ? 
D N N 4 ? 
E N N 4 ? 
F N N 4 ? 
G N N 4 ? 
H N N 4 ? 
I N N 5 ? 
# 
_struct_ref.id                         1 
_struct_ref.db_name                    UNP 
_struct_ref.db_code                    Q12M31_SHEDO 
_struct_ref.pdbx_db_accession          Q12M31 
_struct_ref.pdbx_db_isoform            ? 
_struct_ref.entity_id                  1 
_struct_ref.pdbx_seq_one_letter_code   
;GGPDTVAPPKQAQAIDSTHECHLCGMLITEFPGPKGELYTKTSEKVKNFCSTRDLFSFLLDPEYVHQVKEVYVHDMSLSP
WAKPNDSHFINARLAWFVVGSSQTGAMGETIGSFSVKKDAEAFIEQYGGKLYRFDEITQAQL
;
_struct_ref.pdbx_align_begin           39 
# 
_struct_ref_seq.align_id                      1 
_struct_ref_seq.ref_id                        1 
_struct_ref_seq.pdbx_PDB_id_code              7OG7 
_struct_ref_seq.pdbx_strand_id                A 
_struct_ref_seq.seq_align_beg                 25 
_struct_ref_seq.pdbx_seq_align_beg_ins_code   ? 
_struct_ref_seq.seq_align_end                 166 
_struct_ref_seq.pdbx_seq_align_end_ins_code   ? 
_struct_ref_seq.pdbx_db_accession             Q12M31 
_struct_ref_seq.db_align_beg                  39 
_struct_ref_seq.pdbx_db_align_beg_ins_code    ? 
_struct_ref_seq.db_align_end                  180 
_struct_ref_seq.pdbx_db_align_end_ins_code    ? 
_struct_ref_seq.pdbx_auth_seq_align_beg       39 
_struct_ref_seq.pdbx_auth_seq_align_end       180 
# 
loop_
_struct_ref_seq_dif.align_id 
_struct_ref_seq_dif.pdbx_pdb_id_code 
_struct_ref_seq_dif.mon_id 
_struct_ref_seq_dif.pdbx_pdb_strand_id 
_struct_ref_seq_dif.seq_num 
_struct_ref_seq_dif.pdbx_pdb_ins_code 
_struct_ref_seq_dif.pdbx_seq_db_name 
_struct_ref_seq_dif.pdbx_seq_db_accession_code 
_struct_ref_seq_dif.db_mon_id 
_struct_ref_seq_dif.pdbx_seq_db_seq_num 
_struct_ref_seq_dif.details 
_struct_ref_seq_dif.pdbx_auth_seq_num 
_struct_ref_seq_dif.pdbx_ordinal 
1 7OG7 MET A 1   ? UNP Q12M31 ? ? 'initiating methionine' 15  1  
1 7OG7 LYS A 2   ? UNP Q12M31 ? ? 'expression tag'        16  2  
1 7OG7 TYR A 3   ? UNP Q12M31 ? ? 'expression tag'        17  3  
1 7OG7 LEU A 4   ? UNP Q12M31 ? ? 'expression tag'        18  4  
1 7OG7 LEU A 5   ? UNP Q12M31 ? ? 'expression tag'        19  5  
1 7OG7 PRO A 6   ? UNP Q12M31 ? ? 'expression tag'        20  6  
1 7OG7 THR A 7   ? UNP Q12M31 ? ? 'expression tag'        21  7  
1 7OG7 ALA A 8   ? UNP Q12M31 ? ? 'expression tag'        22  8  
1 7OG7 ALA A 9   ? UNP Q12M31 ? ? 'expression tag'        23  9  
1 7OG7 ALA A 10  ? UNP Q12M31 ? ? 'expression tag'        24  10 
1 7OG7 GLY A 11  ? UNP Q12M31 ? ? 'expression tag'        25  11 
1 7OG7 LEU A 12  ? UNP Q12M31 ? ? 'expression tag'        26  12 
1 7OG7 LEU A 13  ? UNP Q12M31 ? ? 'expression tag'        27  13 
1 7OG7 LEU A 14  ? UNP Q12M31 ? ? 'expression tag'        28  14 
1 7OG7 LEU A 15  ? UNP Q12M31 ? ? 'expression tag'        29  15 
1 7OG7 ALA A 16  ? UNP Q12M31 ? ? 'expression tag'        30  16 
1 7OG7 ALA A 17  ? UNP Q12M31 ? ? 'expression tag'        31  17 
1 7OG7 GLN A 18  ? UNP Q12M31 ? ? 'expression tag'        32  18 
1 7OG7 PRO A 19  ? UNP Q12M31 ? ? 'expression tag'        33  19 
1 7OG7 ALA A 20  ? UNP Q12M31 ? ? 'expression tag'        34  20 
1 7OG7 MET A 21  ? UNP Q12M31 ? ? 'expression tag'        35  21 
1 7OG7 ALA A 22  ? UNP Q12M31 ? ? 'expression tag'        36  22 
1 7OG7 MET A 23  ? UNP Q12M31 ? ? 'expression tag'        37  23 
1 7OG7 ASP A 24  ? UNP Q12M31 ? ? 'expression tag'        38  24 
1 7OG7 LEU A 167 ? UNP Q12M31 ? ? 'expression tag'        181 25 
1 7OG7 GLU A 168 ? UNP Q12M31 ? ? 'expression tag'        182 26 
1 7OG7 ASN A 169 ? UNP Q12M31 ? ? 'expression tag'        183 27 
1 7OG7 LEU A 170 ? UNP Q12M31 ? ? 'expression tag'        184 28 
1 7OG7 TYR A 171 ? UNP Q12M31 ? ? 'expression tag'        185 29 
1 7OG7 PHE A 172 ? UNP Q12M31 ? ? 'expression tag'        186 30 
1 7OG7 GLN A 173 ? UNP Q12M31 ? ? 'expression tag'        187 31 
1 7OG7 SER A 174 ? UNP Q12M31 ? ? 'expression tag'        188 32 
1 7OG7 TRP A 175 ? UNP Q12M31 ? ? 'expression tag'        189 33 
1 7OG7 SER A 176 ? UNP Q12M31 ? ? 'expression tag'        190 34 
1 7OG7 HIS A 177 ? UNP Q12M31 ? ? 'expression tag'        191 35 
1 7OG7 PRO A 178 ? UNP Q12M31 ? ? 'expression tag'        192 36 
1 7OG7 GLN A 179 ? UNP Q12M31 ? ? 'expression tag'        193 37 
1 7OG7 PHE A 180 ? UNP Q12M31 ? ? 'expression tag'        194 38 
1 7OG7 GLU A 181 ? UNP Q12M31 ? ? 'expression tag'        195 39 
1 7OG7 LYS A 182 ? UNP Q12M31 ? ? 'expression tag'        196 40 
# 
_pdbx_struct_assembly.id                   1 
_pdbx_struct_assembly.details              author_and_software_defined_assembly 
_pdbx_struct_assembly.method_details       PISA 
_pdbx_struct_assembly.oligomeric_details   monomeric 
_pdbx_struct_assembly.oligomeric_count     1 
# 
loop_
_pdbx_struct_assembly_prop.biol_id 
_pdbx_struct_assembly_prop.type 
_pdbx_struct_assembly_prop.value 
_pdbx_struct_assembly_prop.details 
1 'ABSA (A^2)' 840  ? 
1 MORE         -7   ? 
1 'SSA (A^2)'  7370 ? 
# 
_pdbx_struct_assembly_gen.assembly_id       1 
_pdbx_struct_assembly_gen.oper_expression   1 
_pdbx_struct_assembly_gen.asym_id_list      A,B,C,D,E,F,G,H,I 
# 
_pdbx_struct_assembly_auth_evidence.id                     1 
_pdbx_struct_assembly_auth_evidence.assembly_id            1 
_pdbx_struct_assembly_auth_evidence.experimental_support   'light scattering' 
_pdbx_struct_assembly_auth_evidence.details                ? 
# 
_pdbx_struct_oper_list.id                   1 
_pdbx_struct_oper_list.type                 'identity operation' 
_pdbx_struct_oper_list.name                 1_555 
_pdbx_struct_oper_list.symmetry_operation   x,y,z 
_pdbx_struct_oper_list.matrix[1][1]         1.0000000000 
_pdbx_struct_oper_list.matrix[1][2]         0.0000000000 
_pdbx_struct_oper_list.matrix[1][3]         0.0000000000 
_pdbx_struct_oper_list.vector[1]            0.0000000000 
_pdbx_struct_oper_list.matrix[2][1]         0.0000000000 
_pdbx_struct_oper_list.matrix[2][2]         1.0000000000 
_pdbx_struct_oper_list.matrix[2][3]         0.0000000000 
_pdbx_struct_oper_list.vector[2]            0.0000000000 
_pdbx_struct_oper_list.matrix[3][1]         0.0000000000 
_pdbx_struct_oper_list.matrix[3][2]         0.0000000000 
_pdbx_struct_oper_list.matrix[3][3]         1.0000000000 
_pdbx_struct_oper_list.vector[3]            0.0000000000 
# 
loop_
_struct_conf.conf_type_id 
_struct_conf.id 
_struct_conf.pdbx_PDB_helix_id 
_struct_conf.beg_label_comp_id 
_struct_conf.beg_label_asym_id 
_struct_conf.beg_label_seq_id 
_struct_conf.pdbx_beg_PDB_ins_code 
_struct_conf.end_label_comp_id 
_struct_conf.end_label_asym_id 
_struct_conf.end_label_seq_id 
_struct_conf.pdbx_end_PDB_ins_code 
_struct_conf.beg_auth_comp_id 
_struct_conf.beg_auth_asym_id 
_struct_conf.beg_auth_seq_id 
_struct_conf.end_auth_comp_id 
_struct_conf.end_auth_asym_id 
_struct_conf.end_auth_seq_id 
_struct_conf.pdbx_PDB_helix_class 
_struct_conf.details 
_struct_conf.pdbx_PDB_helix_length 
HELX_P HELX_P1 AA1 SER A 75  ? ASP A 85  ? SER A 89  ASP A 99  1 ? 11 
HELX_P HELX_P2 AA2 VAL A 140 ? GLY A 152 ? VAL A 154 GLY A 166 1 ? 13 
HELX_P HELX_P3 AA3 ASP A 159 ? ILE A 161 ? ASP A 173 ILE A 175 5 ? 3  
# 
_struct_conf_type.id          HELX_P 
_struct_conf_type.criteria    ? 
_struct_conf_type.reference   ? 
# 
loop_
_struct_conn.id 
_struct_conn.conn_type_id 
_struct_conn.pdbx_leaving_atom_flag 
_struct_conn.pdbx_PDB_id 
_struct_conn.ptnr1_label_asym_id 
_struct_conn.ptnr1_label_comp_id 
_struct_conn.ptnr1_label_seq_id 
_struct_conn.ptnr1_label_atom_id 
_struct_conn.pdbx_ptnr1_label_alt_id 
_struct_conn.pdbx_ptnr1_PDB_ins_code 
_struct_conn.pdbx_ptnr1_standard_comp_id 
_struct_conn.ptnr1_symmetry 
_struct_conn.ptnr2_label_asym_id 
_struct_conn.ptnr2_label_comp_id 
_struct_conn.ptnr2_label_seq_id 
_struct_conn.ptnr2_label_atom_id 
_struct_conn.pdbx_ptnr2_label_alt_id 
_struct_conn.pdbx_ptnr2_PDB_ins_code 
_struct_conn.ptnr1_auth_asym_id 
_struct_conn.ptnr1_auth_comp_id 
_struct_conn.ptnr1_auth_seq_id 
_struct_conn.ptnr2_auth_asym_id 
_struct_conn.ptnr2_auth_comp_id 
_struct_conn.ptnr2_auth_seq_id 
_struct_conn.ptnr2_symmetry 
_struct_conn.pdbx_ptnr3_label_atom_id 
_struct_conn.pdbx_ptnr3_label_seq_id 
_struct_conn.pdbx_ptnr3_label_comp_id 
_struct_conn.pdbx_ptnr3_label_asym_id 
_struct_conn.pdbx_ptnr3_label_alt_id 
_struct_conn.pdbx_ptnr3_PDB_ins_code 
_struct_conn.details 
_struct_conn.pdbx_dist_value 
_struct_conn.pdbx_value_order 
_struct_conn.pdbx_role 
metalc1 metalc ? ? A CYS 45  SG  ? ? ? 1_555 C ZN  . ZN ? ? A CYS 59  A ZN  202 1_555  ? ? ? ? ? ? ? 2.353 ? ? 
metalc2 metalc ? ? A CYS 48  SG  ? ? ? 1_555 B CU1 . CU ? ? A CYS 62  A CU1 201 1_555  ? ? ? ? ? ? ? 2.295 ? ? 
metalc3 metalc ? ? A CYS 48  SG  ? ? ? 1_555 C ZN  . ZN ? ? A CYS 62  A ZN  202 1_555  ? ? ? ? ? ? ? 2.374 ? ? 
metalc4 metalc ? ? A MET 50  SD  ? ? ? 1_555 B CU1 . CU ? ? A MET 64  A CU1 201 1_555  ? ? ? ? ? ? ? 2.362 ? ? 
metalc5 metalc ? ? A CYS 74  SG  ? ? ? 1_555 C ZN  . ZN ? ? A CYS 88  A ZN  202 1_555  ? ? ? ? ? ? ? 2.322 ? ? 
metalc6 metalc ? ? A ASP 78  OD2 ? ? ? 1_555 C ZN  . ZN ? ? A ASP 92  A ZN  202 1_555  ? ? ? ? ? ? ? 1.950 ? ? 
metalc7 metalc ? ? A HIS 90  NE2 ? ? ? 1_555 B CU1 . CU ? ? A HIS 104 A CU1 201 36_555 ? ? ? ? ? ? ? 2.312 ? ? 
metalc8 metalc ? ? A MET 131 SD  ? ? ? 1_555 B CU1 . CU ? ? A MET 145 A CU1 201 1_555  ? ? ? ? ? ? ? 2.363 ? ? 
# 
_struct_conn_type.id          metalc 
_struct_conn_type.criteria    ? 
_struct_conn_type.reference   ? 
# 
loop_
_pdbx_struct_conn_angle.id 
_pdbx_struct_conn_angle.ptnr1_label_atom_id 
_pdbx_struct_conn_angle.ptnr1_label_alt_id 
_pdbx_struct_conn_angle.ptnr1_label_asym_id 
_pdbx_struct_conn_angle.ptnr1_label_comp_id 
_pdbx_struct_conn_angle.ptnr1_label_seq_id 
_pdbx_struct_conn_angle.ptnr1_auth_atom_id 
_pdbx_struct_conn_angle.ptnr1_auth_asym_id 
_pdbx_struct_conn_angle.ptnr1_auth_comp_id 
_pdbx_struct_conn_angle.ptnr1_auth_seq_id 
_pdbx_struct_conn_angle.ptnr1_PDB_ins_code 
_pdbx_struct_conn_angle.ptnr1_symmetry 
_pdbx_struct_conn_angle.ptnr2_label_atom_id 
_pdbx_struct_conn_angle.ptnr2_label_alt_id 
_pdbx_struct_conn_angle.ptnr2_label_asym_id 
_pdbx_struct_conn_angle.ptnr2_label_comp_id 
_pdbx_struct_conn_angle.ptnr2_label_seq_id 
_pdbx_struct_conn_angle.ptnr2_auth_atom_id 
_pdbx_struct_conn_angle.ptnr2_auth_asym_id 
_pdbx_struct_conn_angle.ptnr2_auth_comp_id 
_pdbx_struct_conn_angle.ptnr2_auth_seq_id 
_pdbx_struct_conn_angle.ptnr2_PDB_ins_code 
_pdbx_struct_conn_angle.ptnr2_symmetry 
_pdbx_struct_conn_angle.ptnr3_label_atom_id 
_pdbx_struct_conn_angle.ptnr3_label_alt_id 
_pdbx_struct_conn_angle.ptnr3_label_asym_id 
_pdbx_struct_conn_angle.ptnr3_label_comp_id 
_pdbx_struct_conn_angle.ptnr3_label_seq_id 
_pdbx_struct_conn_angle.ptnr3_auth_atom_id 
_pdbx_struct_conn_angle.ptnr3_auth_asym_id 
_pdbx_struct_conn_angle.ptnr3_auth_comp_id 
_pdbx_struct_conn_angle.ptnr3_auth_seq_id 
_pdbx_struct_conn_angle.ptnr3_PDB_ins_code 
_pdbx_struct_conn_angle.ptnr3_symmetry 
_pdbx_struct_conn_angle.value 
_pdbx_struct_conn_angle.value_esd 
1  SG  ? A CYS 45 ? A CYS 59  ? 1_555 ZN ? C ZN  . ? A ZN  202 ? 1_555 SG  ? A CYS 48  ? A CYS 62  ? 1_555 106.7 ? 
2  SG  ? A CYS 45 ? A CYS 59  ? 1_555 ZN ? C ZN  . ? A ZN  202 ? 1_555 SG  ? A CYS 74  ? A CYS 88  ? 1_555 113.3 ? 
3  SG  ? A CYS 48 ? A CYS 62  ? 1_555 ZN ? C ZN  . ? A ZN  202 ? 1_555 SG  ? A CYS 74  ? A CYS 88  ? 1_555 111.4 ? 
4  SG  ? A CYS 45 ? A CYS 59  ? 1_555 ZN ? C ZN  . ? A ZN  202 ? 1_555 OD2 ? A ASP 78  ? A ASP 92  ? 1_555 113.2 ? 
5  SG  ? A CYS 48 ? A CYS 62  ? 1_555 ZN ? C ZN  . ? A ZN  202 ? 1_555 OD2 ? A ASP 78  ? A ASP 92  ? 1_555 107.0 ? 
6  SG  ? A CYS 74 ? A CYS 88  ? 1_555 ZN ? C ZN  . ? A ZN  202 ? 1_555 OD2 ? A ASP 78  ? A ASP 92  ? 1_555 105.2 ? 
7  SG  ? A CYS 48 ? A CYS 62  ? 1_555 CU ? B CU1 . ? A CU1 201 ? 1_555 SD  ? A MET 50  ? A MET 64  ? 1_555 106.3 ? 
8  SG  ? A CYS 48 ? A CYS 62  ? 1_555 CU ? B CU1 . ? A CU1 201 ? 1_555 NE2 ? A HIS 90  ? A HIS 104 ? 1_555 46.8  ? 
9  SD  ? A MET 50 ? A MET 64  ? 1_555 CU ? B CU1 . ? A CU1 201 ? 1_555 NE2 ? A HIS 90  ? A HIS 104 ? 1_555 126.3 ? 
10 SG  ? A CYS 48 ? A CYS 62  ? 1_555 CU ? B CU1 . ? A CU1 201 ? 1_555 SD  ? A MET 131 ? A MET 145 ? 1_555 121.9 ? 
11 SD  ? A MET 50 ? A MET 64  ? 1_555 CU ? B CU1 . ? A CU1 201 ? 1_555 SD  ? A MET 131 ? A MET 145 ? 1_555 113.5 ? 
12 NE2 ? A HIS 90 ? A HIS 104 ? 1_555 CU ? B CU1 . ? A CU1 201 ? 1_555 SD  ? A MET 131 ? A MET 145 ? 1_555 75.4  ? 
# 
loop_
_struct_sheet.id 
_struct_sheet.type 
_struct_sheet.number_strands 
_struct_sheet.details 
AA1 ? 4 ? 
AA2 ? 3 ? 
# 
loop_
_struct_sheet_order.sheet_id 
_struct_sheet_order.range_id_1 
_struct_sheet_order.range_id_2 
_struct_sheet_order.offset 
_struct_sheet_order.sense 
AA1 1 2 ? anti-parallel 
AA1 2 3 ? anti-parallel 
AA1 3 4 ? anti-parallel 
AA2 1 2 ? anti-parallel 
AA2 2 3 ? anti-parallel 
# 
loop_
_struct_sheet_range.sheet_id 
_struct_sheet_range.id 
_struct_sheet_range.beg_label_comp_id 
_struct_sheet_range.beg_label_asym_id 
_struct_sheet_range.beg_label_seq_id 
_struct_sheet_range.pdbx_beg_PDB_ins_code 
_struct_sheet_range.end_label_comp_id 
_struct_sheet_range.end_label_asym_id 
_struct_sheet_range.end_label_seq_id 
_struct_sheet_range.pdbx_end_PDB_ins_code 
_struct_sheet_range.beg_auth_comp_id 
_struct_sheet_range.beg_auth_asym_id 
_struct_sheet_range.beg_auth_seq_id 
_struct_sheet_range.end_auth_comp_id 
_struct_sheet_range.end_auth_asym_id 
_struct_sheet_range.end_auth_seq_id 
AA1 1 LYS A 71  ? PHE A 73  ? LYS A 85  PHE A 87  
AA1 2 GLY A 60  ? THR A 64  ? GLY A 74  THR A 78  
AA1 3 VAL A 92  ? HIS A 98  ? VAL A 106 HIS A 112 
AA1 4 PHE A 113 ? ASN A 115 ? PHE A 127 ASN A 129 
AA2 1 GLY A 132 ? PHE A 138 ? GLY A 146 PHE A 152 
AA2 2 TRP A 120 ? GLY A 129 ? TRP A 134 GLY A 143 
AA2 3 LYS A 154 ? ARG A 157 ? LYS A 168 ARG A 171 
# 
loop_
_pdbx_struct_sheet_hbond.sheet_id 
_pdbx_struct_sheet_hbond.range_id_1 
_pdbx_struct_sheet_hbond.range_id_2 
_pdbx_struct_sheet_hbond.range_1_label_atom_id 
_pdbx_struct_sheet_hbond.range_1_label_comp_id 
_pdbx_struct_sheet_hbond.range_1_label_asym_id 
_pdbx_struct_sheet_hbond.range_1_label_seq_id 
_pdbx_struct_sheet_hbond.range_1_PDB_ins_code 
_pdbx_struct_sheet_hbond.range_1_auth_atom_id 
_pdbx_struct_sheet_hbond.range_1_auth_comp_id 
_pdbx_struct_sheet_hbond.range_1_auth_asym_id 
_pdbx_struct_sheet_hbond.range_1_auth_seq_id 
_pdbx_struct_sheet_hbond.range_2_label_atom_id 
_pdbx_struct_sheet_hbond.range_2_label_comp_id 
_pdbx_struct_sheet_hbond.range_2_label_asym_id 
_pdbx_struct_sheet_hbond.range_2_label_seq_id 
_pdbx_struct_sheet_hbond.range_2_PDB_ins_code 
_pdbx_struct_sheet_hbond.range_2_auth_atom_id 
_pdbx_struct_sheet_hbond.range_2_auth_comp_id 
_pdbx_struct_sheet_hbond.range_2_auth_asym_id 
_pdbx_struct_sheet_hbond.range_2_auth_seq_id 
AA1 1 2 O LYS A 71  ? O LYS A 85  N LEU A 62  ? N LEU A 76  
AA1 2 3 N TYR A 63  ? N TYR A 77  O LYS A 93  ? O LYS A 107 
AA1 3 4 N VAL A 97  ? N VAL A 111 O ILE A 114 ? O ILE A 128 
AA2 1 2 O GLY A 132 ? O GLY A 146 N GLY A 129 ? N GLY A 143 
AA2 2 3 N PHE A 121 ? N PHE A 135 O TYR A 156 ? O TYR A 170 
# 
_pdbx_validate_close_contact.id               1 
_pdbx_validate_close_contact.PDB_model_num    1 
_pdbx_validate_close_contact.auth_atom_id_1   O 
_pdbx_validate_close_contact.auth_asym_id_1   A 
_pdbx_validate_close_contact.auth_comp_id_1   HOH 
_pdbx_validate_close_contact.auth_seq_id_1    359 
_pdbx_validate_close_contact.PDB_ins_code_1   ? 
_pdbx_validate_close_contact.label_alt_id_1   ? 
_pdbx_validate_close_contact.auth_atom_id_2   O 
_pdbx_validate_close_contact.auth_asym_id_2   A 
_pdbx_validate_close_contact.auth_comp_id_2   HOH 
_pdbx_validate_close_contact.auth_seq_id_2    375 
_pdbx_validate_close_contact.PDB_ins_code_2   ? 
_pdbx_validate_close_contact.label_alt_id_2   ? 
_pdbx_validate_close_contact.dist             2.19 
# 
_pdbx_validate_torsion.id              1 
_pdbx_validate_torsion.PDB_model_num   1 
_pdbx_validate_torsion.auth_comp_id    LYS 
_pdbx_validate_torsion.auth_asym_id    A 
_pdbx_validate_torsion.auth_seq_id     107 
_pdbx_validate_torsion.PDB_ins_code    ? 
_pdbx_validate_torsion.label_alt_id    ? 
_pdbx_validate_torsion.phi             -106.74 
_pdbx_validate_torsion.psi             -80.19 
# 
loop_
_pdbx_struct_special_symmetry.id 
_pdbx_struct_special_symmetry.PDB_model_num 
_pdbx_struct_special_symmetry.auth_asym_id 
_pdbx_struct_special_symmetry.auth_comp_id 
_pdbx_struct_special_symmetry.auth_seq_id 
_pdbx_struct_special_symmetry.PDB_ins_code 
_pdbx_struct_special_symmetry.label_asym_id 
_pdbx_struct_special_symmetry.label_comp_id 
_pdbx_struct_special_symmetry.label_seq_id 
1 1 A HOH 389 ? I HOH . 
2 1 A HOH 394 ? I HOH . 
3 1 A HOH 398 ? I HOH . 
# 
_pdbx_entry_details.entry_id                 7OG7 
_pdbx_entry_details.has_ligand_of_interest   Y 
_pdbx_entry_details.compound_details         ? 
_pdbx_entry_details.source_details           ? 
_pdbx_entry_details.nonpolymer_details       ? 
_pdbx_entry_details.sequence_details         ? 
# 
loop_
_pdbx_unobs_or_zero_occ_residues.id 
_pdbx_unobs_or_zero_occ_residues.PDB_model_num 
_pdbx_unobs_or_zero_occ_residues.polymer_flag 
_pdbx_unobs_or_zero_occ_residues.occupancy_flag 
_pdbx_unobs_or_zero_occ_residues.auth_asym_id 
_pdbx_unobs_or_zero_occ_residues.auth_comp_id 
_pdbx_unobs_or_zero_occ_residues.auth_seq_id 
_pdbx_unobs_or_zero_occ_residues.PDB_ins_code 
_pdbx_unobs_or_zero_occ_residues.label_asym_id 
_pdbx_unobs_or_zero_occ_residues.label_comp_id 
_pdbx_unobs_or_zero_occ_residues.label_seq_id 
1  1 Y 1 A MET 15  ? A MET 1   
2  1 Y 1 A LYS 16  ? A LYS 2   
3  1 Y 1 A TYR 17  ? A TYR 3   
4  1 Y 1 A LEU 18  ? A LEU 4   
5  1 Y 1 A LEU 19  ? A LEU 5   
6  1 Y 1 A PRO 20  ? A PRO 6   
7  1 Y 1 A THR 21  ? A THR 7   
8  1 Y 1 A ALA 22  ? A ALA 8   
9  1 Y 1 A ALA 23  ? A ALA 9   
10 1 Y 1 A ALA 24  ? A ALA 10  
11 1 Y 1 A GLY 25  ? A GLY 11  
12 1 Y 1 A LEU 26  ? A LEU 12  
13 1 Y 1 A LEU 27  ? A LEU 13  
14 1 Y 1 A LEU 28  ? A LEU 14  
15 1 Y 1 A LEU 29  ? A LEU 15  
16 1 Y 1 A ALA 30  ? A ALA 16  
17 1 Y 1 A ALA 31  ? A ALA 17  
18 1 Y 1 A GLN 32  ? A GLN 18  
19 1 Y 1 A PRO 33  ? A PRO 19  
20 1 Y 1 A ALA 34  ? A ALA 20  
21 1 Y 1 A MET 35  ? A MET 21  
22 1 Y 1 A ALA 36  ? A ALA 22  
23 1 Y 1 A MET 37  ? A MET 23  
24 1 Y 1 A ASP 38  ? A ASP 24  
25 1 Y 1 A GLY 39  ? A GLY 25  
26 1 Y 1 A GLY 40  ? A GLY 26  
27 1 Y 1 A PRO 41  ? A PRO 27  
28 1 Y 1 A ASP 42  ? A ASP 28  
29 1 Y 1 A THR 43  ? A THR 29  
30 1 Y 1 A VAL 44  ? A VAL 30  
31 1 Y 1 A ALA 45  ? A ALA 31  
32 1 Y 1 A LEU 180 ? A LEU 166 
33 1 Y 1 A LEU 181 ? A LEU 167 
34 1 Y 1 A GLU 182 ? A GLU 168 
35 1 Y 1 A ASN 183 ? A ASN 169 
36 1 Y 1 A LEU 184 ? A LEU 170 
37 1 Y 1 A TYR 185 ? A TYR 171 
38 1 Y 1 A PHE 186 ? A PHE 172 
39 1 Y 1 A GLN 187 ? A GLN 173 
40 1 Y 1 A SER 188 ? A SER 174 
41 1 Y 1 A TRP 189 ? A TRP 175 
42 1 Y 1 A SER 190 ? A SER 176 
43 1 Y 1 A HIS 191 ? A HIS 177 
44 1 Y 1 A PRO 192 ? A PRO 178 
45 1 Y 1 A GLN 193 ? A GLN 179 
46 1 Y 1 A PHE 194 ? A PHE 180 
47 1 Y 1 A GLU 195 ? A GLU 181 
48 1 Y 1 A LYS 196 ? A LYS 182 
# 
loop_
_chem_comp_atom.comp_id 
_chem_comp_atom.atom_id 
_chem_comp_atom.type_symbol 
_chem_comp_atom.pdbx_aromatic_flag 
_chem_comp_atom.pdbx_stereo_config 
_chem_comp_atom.pdbx_ordinal 
ALA N    N  N N 1   
ALA CA   C  N S 2   
ALA C    C  N N 3   
ALA O    O  N N 4   
ALA CB   C  N N 5   
ALA OXT  O  N N 6   
ALA H    H  N N 7   
ALA H2   H  N N 8   
ALA HA   H  N N 9   
ALA HB1  H  N N 10  
ALA HB2  H  N N 11  
ALA HB3  H  N N 12  
ALA HXT  H  N N 13  
ARG N    N  N N 14  
ARG CA   C  N S 15  
ARG C    C  N N 16  
ARG O    O  N N 17  
ARG CB   C  N N 18  
ARG CG   C  N N 19  
ARG CD   C  N N 20  
ARG NE   N  N N 21  
ARG CZ   C  N N 22  
ARG NH1  N  N N 23  
ARG NH2  N  N N 24  
ARG OXT  O  N N 25  
ARG H    H  N N 26  
ARG H2   H  N N 27  
ARG HA   H  N N 28  
ARG HB2  H  N N 29  
ARG HB3  H  N N 30  
ARG HG2  H  N N 31  
ARG HG3  H  N N 32  
ARG HD2  H  N N 33  
ARG HD3  H  N N 34  
ARG HE   H  N N 35  
ARG HH11 H  N N 36  
ARG HH12 H  N N 37  
ARG HH21 H  N N 38  
ARG HH22 H  N N 39  
ARG HXT  H  N N 40  
ASN N    N  N N 41  
ASN CA   C  N S 42  
ASN C    C  N N 43  
ASN O    O  N N 44  
ASN CB   C  N N 45  
ASN CG   C  N N 46  
ASN OD1  O  N N 47  
ASN ND2  N  N N 48  
ASN OXT  O  N N 49  
ASN H    H  N N 50  
ASN H2   H  N N 51  
ASN HA   H  N N 52  
ASN HB2  H  N N 53  
ASN HB3  H  N N 54  
ASN HD21 H  N N 55  
ASN HD22 H  N N 56  
ASN HXT  H  N N 57  
ASP N    N  N N 58  
ASP CA   C  N S 59  
ASP C    C  N N 60  
ASP O    O  N N 61  
ASP CB   C  N N 62  
ASP CG   C  N N 63  
ASP OD1  O  N N 64  
ASP OD2  O  N N 65  
ASP OXT  O  N N 66  
ASP H    H  N N 67  
ASP H2   H  N N 68  
ASP HA   H  N N 69  
ASP HB2  H  N N 70  
ASP HB3  H  N N 71  
ASP HD2  H  N N 72  
ASP HXT  H  N N 73  
CCN N    N  N N 74  
CCN C1   C  N N 75  
CCN C2   C  N N 76  
CCN H21  H  N N 77  
CCN H22  H  N N 78  
CCN H23  H  N N 79  
CU1 CU   CU N N 80  
CYS N    N  N N 81  
CYS CA   C  N R 82  
CYS C    C  N N 83  
CYS O    O  N N 84  
CYS CB   C  N N 85  
CYS SG   S  N N 86  
CYS OXT  O  N N 87  
CYS H    H  N N 88  
CYS H2   H  N N 89  
CYS HA   H  N N 90  
CYS HB2  H  N N 91  
CYS HB3  H  N N 92  
CYS HG   H  N N 93  
CYS HXT  H  N N 94  
GLN N    N  N N 95  
GLN CA   C  N S 96  
GLN C    C  N N 97  
GLN O    O  N N 98  
GLN CB   C  N N 99  
GLN CG   C  N N 100 
GLN CD   C  N N 101 
GLN OE1  O  N N 102 
GLN NE2  N  N N 103 
GLN OXT  O  N N 104 
GLN H    H  N N 105 
GLN H2   H  N N 106 
GLN HA   H  N N 107 
GLN HB2  H  N N 108 
GLN HB3  H  N N 109 
GLN HG2  H  N N 110 
GLN HG3  H  N N 111 
GLN HE21 H  N N 112 
GLN HE22 H  N N 113 
GLN HXT  H  N N 114 
GLU N    N  N N 115 
GLU CA   C  N S 116 
GLU C    C  N N 117 
GLU O    O  N N 118 
GLU CB   C  N N 119 
GLU CG   C  N N 120 
GLU CD   C  N N 121 
GLU OE1  O  N N 122 
GLU OE2  O  N N 123 
GLU OXT  O  N N 124 
GLU H    H  N N 125 
GLU H2   H  N N 126 
GLU HA   H  N N 127 
GLU HB2  H  N N 128 
GLU HB3  H  N N 129 
GLU HG2  H  N N 130 
GLU HG3  H  N N 131 
GLU HE2  H  N N 132 
GLU HXT  H  N N 133 
GLY N    N  N N 134 
GLY CA   C  N N 135 
GLY C    C  N N 136 
GLY O    O  N N 137 
GLY OXT  O  N N 138 
GLY H    H  N N 139 
GLY H2   H  N N 140 
GLY HA2  H  N N 141 
GLY HA3  H  N N 142 
GLY HXT  H  N N 143 
HIS N    N  N N 144 
HIS CA   C  N S 145 
HIS C    C  N N 146 
HIS O    O  N N 147 
HIS CB   C  N N 148 
HIS CG   C  Y N 149 
HIS ND1  N  Y N 150 
HIS CD2  C  Y N 151 
HIS CE1  C  Y N 152 
HIS NE2  N  Y N 153 
HIS OXT  O  N N 154 
HIS H    H  N N 155 
HIS H2   H  N N 156 
HIS HA   H  N N 157 
HIS HB2  H  N N 158 
HIS HB3  H  N N 159 
HIS HD1  H  N N 160 
HIS HD2  H  N N 161 
HIS HE1  H  N N 162 
HIS HE2  H  N N 163 
HIS HXT  H  N N 164 
HOH O    O  N N 165 
HOH H1   H  N N 166 
HOH H2   H  N N 167 
ILE N    N  N N 168 
ILE CA   C  N S 169 
ILE C    C  N N 170 
ILE O    O  N N 171 
ILE CB   C  N S 172 
ILE CG1  C  N N 173 
ILE CG2  C  N N 174 
ILE CD1  C  N N 175 
ILE OXT  O  N N 176 
ILE H    H  N N 177 
ILE H2   H  N N 178 
ILE HA   H  N N 179 
ILE HB   H  N N 180 
ILE HG12 H  N N 181 
ILE HG13 H  N N 182 
ILE HG21 H  N N 183 
ILE HG22 H  N N 184 
ILE HG23 H  N N 185 
ILE HD11 H  N N 186 
ILE HD12 H  N N 187 
ILE HD13 H  N N 188 
ILE HXT  H  N N 189 
LEU N    N  N N 190 
LEU CA   C  N S 191 
LEU C    C  N N 192 
LEU O    O  N N 193 
LEU CB   C  N N 194 
LEU CG   C  N N 195 
LEU CD1  C  N N 196 
LEU CD2  C  N N 197 
LEU OXT  O  N N 198 
LEU H    H  N N 199 
LEU H2   H  N N 200 
LEU HA   H  N N 201 
LEU HB2  H  N N 202 
LEU HB3  H  N N 203 
LEU HG   H  N N 204 
LEU HD11 H  N N 205 
LEU HD12 H  N N 206 
LEU HD13 H  N N 207 
LEU HD21 H  N N 208 
LEU HD22 H  N N 209 
LEU HD23 H  N N 210 
LEU HXT  H  N N 211 
LYS N    N  N N 212 
LYS CA   C  N S 213 
LYS C    C  N N 214 
LYS O    O  N N 215 
LYS CB   C  N N 216 
LYS CG   C  N N 217 
LYS CD   C  N N 218 
LYS CE   C  N N 219 
LYS NZ   N  N N 220 
LYS OXT  O  N N 221 
LYS H    H  N N 222 
LYS H2   H  N N 223 
LYS HA   H  N N 224 
LYS HB2  H  N N 225 
LYS HB3  H  N N 226 
LYS HG2  H  N N 227 
LYS HG3  H  N N 228 
LYS HD2  H  N N 229 
LYS HD3  H  N N 230 
LYS HE2  H  N N 231 
LYS HE3  H  N N 232 
LYS HZ1  H  N N 233 
LYS HZ2  H  N N 234 
LYS HZ3  H  N N 235 
LYS HXT  H  N N 236 
MET N    N  N N 237 
MET CA   C  N S 238 
MET C    C  N N 239 
MET O    O  N N 240 
MET CB   C  N N 241 
MET CG   C  N N 242 
MET SD   S  N N 243 
MET CE   C  N N 244 
MET OXT  O  N N 245 
MET H    H  N N 246 
MET H2   H  N N 247 
MET HA   H  N N 248 
MET HB2  H  N N 249 
MET HB3  H  N N 250 
MET HG2  H  N N 251 
MET HG3  H  N N 252 
MET HE1  H  N N 253 
MET HE2  H  N N 254 
MET HE3  H  N N 255 
MET HXT  H  N N 256 
PHE N    N  N N 257 
PHE CA   C  N S 258 
PHE C    C  N N 259 
PHE O    O  N N 260 
PHE CB   C  N N 261 
PHE CG   C  Y N 262 
PHE CD1  C  Y N 263 
PHE CD2  C  Y N 264 
PHE CE1  C  Y N 265 
PHE CE2  C  Y N 266 
PHE CZ   C  Y N 267 
PHE OXT  O  N N 268 
PHE H    H  N N 269 
PHE H2   H  N N 270 
PHE HA   H  N N 271 
PHE HB2  H  N N 272 
PHE HB3  H  N N 273 
PHE HD1  H  N N 274 
PHE HD2  H  N N 275 
PHE HE1  H  N N 276 
PHE HE2  H  N N 277 
PHE HZ   H  N N 278 
PHE HXT  H  N N 279 
PRO N    N  N N 280 
PRO CA   C  N S 281 
PRO C    C  N N 282 
PRO O    O  N N 283 
PRO CB   C  N N 284 
PRO CG   C  N N 285 
PRO CD   C  N N 286 
PRO OXT  O  N N 287 
PRO H    H  N N 288 
PRO HA   H  N N 289 
PRO HB2  H  N N 290 
PRO HB3  H  N N 291 
PRO HG2  H  N N 292 
PRO HG3  H  N N 293 
PRO HD2  H  N N 294 
PRO HD3  H  N N 295 
PRO HXT  H  N N 296 
SER N    N  N N 297 
SER CA   C  N S 298 
SER C    C  N N 299 
SER O    O  N N 300 
SER CB   C  N N 301 
SER OG   O  N N 302 
SER OXT  O  N N 303 
SER H    H  N N 304 
SER H2   H  N N 305 
SER HA   H  N N 306 
SER HB2  H  N N 307 
SER HB3  H  N N 308 
SER HG   H  N N 309 
SER HXT  H  N N 310 
THR N    N  N N 311 
THR CA   C  N S 312 
THR C    C  N N 313 
THR O    O  N N 314 
THR CB   C  N R 315 
THR OG1  O  N N 316 
THR CG2  C  N N 317 
THR OXT  O  N N 318 
THR H    H  N N 319 
THR H2   H  N N 320 
THR HA   H  N N 321 
THR HB   H  N N 322 
THR HG1  H  N N 323 
THR HG21 H  N N 324 
THR HG22 H  N N 325 
THR HG23 H  N N 326 
THR HXT  H  N N 327 
TRP N    N  N N 328 
TRP CA   C  N S 329 
TRP C    C  N N 330 
TRP O    O  N N 331 
TRP CB   C  N N 332 
TRP CG   C  Y N 333 
TRP CD1  C  Y N 334 
TRP CD2  C  Y N 335 
TRP NE1  N  Y N 336 
TRP CE2  C  Y N 337 
TRP CE3  C  Y N 338 
TRP CZ2  C  Y N 339 
TRP CZ3  C  Y N 340 
TRP CH2  C  Y N 341 
TRP OXT  O  N N 342 
TRP H    H  N N 343 
TRP H2   H  N N 344 
TRP HA   H  N N 345 
TRP HB2  H  N N 346 
TRP HB3  H  N N 347 
TRP HD1  H  N N 348 
TRP HE1  H  N N 349 
TRP HE3  H  N N 350 
TRP HZ2  H  N N 351 
TRP HZ3  H  N N 352 
TRP HH2  H  N N 353 
TRP HXT  H  N N 354 
TYR N    N  N N 355 
TYR CA   C  N S 356 
TYR C    C  N N 357 
TYR O    O  N N 358 
TYR CB   C  N N 359 
TYR CG   C  Y N 360 
TYR CD1  C  Y N 361 
TYR CD2  C  Y N 362 
TYR CE1  C  Y N 363 
TYR CE2  C  Y N 364 
TYR CZ   C  Y N 365 
TYR OH   O  N N 366 
TYR OXT  O  N N 367 
TYR H    H  N N 368 
TYR H2   H  N N 369 
TYR HA   H  N N 370 
TYR HB2  H  N N 371 
TYR HB3  H  N N 372 
TYR HD1  H  N N 373 
TYR HD2  H  N N 374 
TYR HE1  H  N N 375 
TYR HE2  H  N N 376 
TYR HH   H  N N 377 
TYR HXT  H  N N 378 
VAL N    N  N N 379 
VAL CA   C  N S 380 
VAL C    C  N N 381 
VAL O    O  N N 382 
VAL CB   C  N N 383 
VAL CG1  C  N N 384 
VAL CG2  C  N N 385 
VAL OXT  O  N N 386 
VAL H    H  N N 387 
VAL H2   H  N N 388 
VAL HA   H  N N 389 
VAL HB   H  N N 390 
VAL HG11 H  N N 391 
VAL HG12 H  N N 392 
VAL HG13 H  N N 393 
VAL HG21 H  N N 394 
VAL HG22 H  N N 395 
VAL HG23 H  N N 396 
VAL HXT  H  N N 397 
ZN  ZN   ZN N N 398 
# 
loop_
_chem_comp_bond.comp_id 
_chem_comp_bond.atom_id_1 
_chem_comp_bond.atom_id_2 
_chem_comp_bond.value_order 
_chem_comp_bond.pdbx_aromatic_flag 
_chem_comp_bond.pdbx_stereo_config 
_chem_comp_bond.pdbx_ordinal 
ALA N   CA   sing N N 1   
ALA N   H    sing N N 2   
ALA N   H2   sing N N 3   
ALA CA  C    sing N N 4   
ALA CA  CB   sing N N 5   
ALA CA  HA   sing N N 6   
ALA C   O    doub N N 7   
ALA C   OXT  sing N N 8   
ALA CB  HB1  sing N N 9   
ALA CB  HB2  sing N N 10  
ALA CB  HB3  sing N N 11  
ALA OXT HXT  sing N N 12  
ARG N   CA   sing N N 13  
ARG N   H    sing N N 14  
ARG N   H2   sing N N 15  
ARG CA  C    sing N N 16  
ARG CA  CB   sing N N 17  
ARG CA  HA   sing N N 18  
ARG C   O    doub N N 19  
ARG C   OXT  sing N N 20  
ARG CB  CG   sing N N 21  
ARG CB  HB2  sing N N 22  
ARG CB  HB3  sing N N 23  
ARG CG  CD   sing N N 24  
ARG CG  HG2  sing N N 25  
ARG CG  HG3  sing N N 26  
ARG CD  NE   sing N N 27  
ARG CD  HD2  sing N N 28  
ARG CD  HD3  sing N N 29  
ARG NE  CZ   sing N N 30  
ARG NE  HE   sing N N 31  
ARG CZ  NH1  sing N N 32  
ARG CZ  NH2  doub N N 33  
ARG NH1 HH11 sing N N 34  
ARG NH1 HH12 sing N N 35  
ARG NH2 HH21 sing N N 36  
ARG NH2 HH22 sing N N 37  
ARG OXT HXT  sing N N 38  
ASN N   CA   sing N N 39  
ASN N   H    sing N N 40  
ASN N   H2   sing N N 41  
ASN CA  C    sing N N 42  
ASN CA  CB   sing N N 43  
ASN CA  HA   sing N N 44  
ASN C   O    doub N N 45  
ASN C   OXT  sing N N 46  
ASN CB  CG   sing N N 47  
ASN CB  HB2  sing N N 48  
ASN CB  HB3  sing N N 49  
ASN CG  OD1  doub N N 50  
ASN CG  ND2  sing N N 51  
ASN ND2 HD21 sing N N 52  
ASN ND2 HD22 sing N N 53  
ASN OXT HXT  sing N N 54  
ASP N   CA   sing N N 55  
ASP N   H    sing N N 56  
ASP N   H2   sing N N 57  
ASP CA  C    sing N N 58  
ASP CA  CB   sing N N 59  
ASP CA  HA   sing N N 60  
ASP C   O    doub N N 61  
ASP C   OXT  sing N N 62  
ASP CB  CG   sing N N 63  
ASP CB  HB2  sing N N 64  
ASP CB  HB3  sing N N 65  
ASP CG  OD1  doub N N 66  
ASP CG  OD2  sing N N 67  
ASP OD2 HD2  sing N N 68  
ASP OXT HXT  sing N N 69  
CCN N   C1   trip N N 70  
CCN C1  C2   sing N N 71  
CCN C2  H21  sing N N 72  
CCN C2  H22  sing N N 73  
CCN C2  H23  sing N N 74  
CYS N   CA   sing N N 75  
CYS N   H    sing N N 76  
CYS N   H2   sing N N 77  
CYS CA  C    sing N N 78  
CYS CA  CB   sing N N 79  
CYS CA  HA   sing N N 80  
CYS C   O    doub N N 81  
CYS C   OXT  sing N N 82  
CYS CB  SG   sing N N 83  
CYS CB  HB2  sing N N 84  
CYS CB  HB3  sing N N 85  
CYS SG  HG   sing N N 86  
CYS OXT HXT  sing N N 87  
GLN N   CA   sing N N 88  
GLN N   H    sing N N 89  
GLN N   H2   sing N N 90  
GLN CA  C    sing N N 91  
GLN CA  CB   sing N N 92  
GLN CA  HA   sing N N 93  
GLN C   O    doub N N 94  
GLN C   OXT  sing N N 95  
GLN CB  CG   sing N N 96  
GLN CB  HB2  sing N N 97  
GLN CB  HB3  sing N N 98  
GLN CG  CD   sing N N 99  
GLN CG  HG2  sing N N 100 
GLN CG  HG3  sing N N 101 
GLN CD  OE1  doub N N 102 
GLN CD  NE2  sing N N 103 
GLN NE2 HE21 sing N N 104 
GLN NE2 HE22 sing N N 105 
GLN OXT HXT  sing N N 106 
GLU N   CA   sing N N 107 
GLU N   H    sing N N 108 
GLU N   H2   sing N N 109 
GLU CA  C    sing N N 110 
GLU CA  CB   sing N N 111 
GLU CA  HA   sing N N 112 
GLU C   O    doub N N 113 
GLU C   OXT  sing N N 114 
GLU CB  CG   sing N N 115 
GLU CB  HB2  sing N N 116 
GLU CB  HB3  sing N N 117 
GLU CG  CD   sing N N 118 
GLU CG  HG2  sing N N 119 
GLU CG  HG3  sing N N 120 
GLU CD  OE1  doub N N 121 
GLU CD  OE2  sing N N 122 
GLU OE2 HE2  sing N N 123 
GLU OXT HXT  sing N N 124 
GLY N   CA   sing N N 125 
GLY N   H    sing N N 126 
GLY N   H2   sing N N 127 
GLY CA  C    sing N N 128 
GLY CA  HA2  sing N N 129 
GLY CA  HA3  sing N N 130 
GLY C   O    doub N N 131 
GLY C   OXT  sing N N 132 
GLY OXT HXT  sing N N 133 
HIS N   CA   sing N N 134 
HIS N   H    sing N N 135 
HIS N   H2   sing N N 136 
HIS CA  C    sing N N 137 
HIS CA  CB   sing N N 138 
HIS CA  HA   sing N N 139 
HIS C   O    doub N N 140 
HIS C   OXT  sing N N 141 
HIS CB  CG   sing N N 142 
HIS CB  HB2  sing N N 143 
HIS CB  HB3  sing N N 144 
HIS CG  ND1  sing Y N 145 
HIS CG  CD2  doub Y N 146 
HIS ND1 CE1  doub Y N 147 
HIS ND1 HD1  sing N N 148 
HIS CD2 NE2  sing Y N 149 
HIS CD2 HD2  sing N N 150 
HIS CE1 NE2  sing Y N 151 
HIS CE1 HE1  sing N N 152 
HIS NE2 HE2  sing N N 153 
HIS OXT HXT  sing N N 154 
HOH O   H1   sing N N 155 
HOH O   H2   sing N N 156 
ILE N   CA   sing N N 157 
ILE N   H    sing N N 158 
ILE N   H2   sing N N 159 
ILE CA  C    sing N N 160 
ILE CA  CB   sing N N 161 
ILE CA  HA   sing N N 162 
ILE C   O    doub N N 163 
ILE C   OXT  sing N N 164 
ILE CB  CG1  sing N N 165 
ILE CB  CG2  sing N N 166 
ILE CB  HB   sing N N 167 
ILE CG1 CD1  sing N N 168 
ILE CG1 HG12 sing N N 169 
ILE CG1 HG13 sing N N 170 
ILE CG2 HG21 sing N N 171 
ILE CG2 HG22 sing N N 172 
ILE CG2 HG23 sing N N 173 
ILE CD1 HD11 sing N N 174 
ILE CD1 HD12 sing N N 175 
ILE CD1 HD13 sing N N 176 
ILE OXT HXT  sing N N 177 
LEU N   CA   sing N N 178 
LEU N   H    sing N N 179 
LEU N   H2   sing N N 180 
LEU CA  C    sing N N 181 
LEU CA  CB   sing N N 182 
LEU CA  HA   sing N N 183 
LEU C   O    doub N N 184 
LEU C   OXT  sing N N 185 
LEU CB  CG   sing N N 186 
LEU CB  HB2  sing N N 187 
LEU CB  HB3  sing N N 188 
LEU CG  CD1  sing N N 189 
LEU CG  CD2  sing N N 190 
LEU CG  HG   sing N N 191 
LEU CD1 HD11 sing N N 192 
LEU CD1 HD12 sing N N 193 
LEU CD1 HD13 sing N N 194 
LEU CD2 HD21 sing N N 195 
LEU CD2 HD22 sing N N 196 
LEU CD2 HD23 sing N N 197 
LEU OXT HXT  sing N N 198 
LYS N   CA   sing N N 199 
LYS N   H    sing N N 200 
LYS N   H2   sing N N 201 
LYS CA  C    sing N N 202 
LYS CA  CB   sing N N 203 
LYS CA  HA   sing N N 204 
LYS C   O    doub N N 205 
LYS C   OXT  sing N N 206 
LYS CB  CG   sing N N 207 
LYS CB  HB2  sing N N 208 
LYS CB  HB3  sing N N 209 
LYS CG  CD   sing N N 210 
LYS CG  HG2  sing N N 211 
LYS CG  HG3  sing N N 212 
LYS CD  CE   sing N N 213 
LYS CD  HD2  sing N N 214 
LYS CD  HD3  sing N N 215 
LYS CE  NZ   sing N N 216 
LYS CE  HE2  sing N N 217 
LYS CE  HE3  sing N N 218 
LYS NZ  HZ1  sing N N 219 
LYS NZ  HZ2  sing N N 220 
LYS NZ  HZ3  sing N N 221 
LYS OXT HXT  sing N N 222 
MET N   CA   sing N N 223 
MET N   H    sing N N 224 
MET N   H2   sing N N 225 
MET CA  C    sing N N 226 
MET CA  CB   sing N N 227 
MET CA  HA   sing N N 228 
MET C   O    doub N N 229 
MET C   OXT  sing N N 230 
MET CB  CG   sing N N 231 
MET CB  HB2  sing N N 232 
MET CB  HB3  sing N N 233 
MET CG  SD   sing N N 234 
MET CG  HG2  sing N N 235 
MET CG  HG3  sing N N 236 
MET SD  CE   sing N N 237 
MET CE  HE1  sing N N 238 
MET CE  HE2  sing N N 239 
MET CE  HE3  sing N N 240 
MET OXT HXT  sing N N 241 
PHE N   CA   sing N N 242 
PHE N   H    sing N N 243 
PHE N   H2   sing N N 244 
PHE CA  C    sing N N 245 
PHE CA  CB   sing N N 246 
PHE CA  HA   sing N N 247 
PHE C   O    doub N N 248 
PHE C   OXT  sing N N 249 
PHE CB  CG   sing N N 250 
PHE CB  HB2  sing N N 251 
PHE CB  HB3  sing N N 252 
PHE CG  CD1  doub Y N 253 
PHE CG  CD2  sing Y N 254 
PHE CD1 CE1  sing Y N 255 
PHE CD1 HD1  sing N N 256 
PHE CD2 CE2  doub Y N 257 
PHE CD2 HD2  sing N N 258 
PHE CE1 CZ   doub Y N 259 
PHE CE1 HE1  sing N N 260 
PHE CE2 CZ   sing Y N 261 
PHE CE2 HE2  sing N N 262 
PHE CZ  HZ   sing N N 263 
PHE OXT HXT  sing N N 264 
PRO N   CA   sing N N 265 
PRO N   CD   sing N N 266 
PRO N   H    sing N N 267 
PRO CA  C    sing N N 268 
PRO CA  CB   sing N N 269 
PRO CA  HA   sing N N 270 
PRO C   O    doub N N 271 
PRO C   OXT  sing N N 272 
PRO CB  CG   sing N N 273 
PRO CB  HB2  sing N N 274 
PRO CB  HB3  sing N N 275 
PRO CG  CD   sing N N 276 
PRO CG  HG2  sing N N 277 
PRO CG  HG3  sing N N 278 
PRO CD  HD2  sing N N 279 
PRO CD  HD3  sing N N 280 
PRO OXT HXT  sing N N 281 
SER N   CA   sing N N 282 
SER N   H    sing N N 283 
SER N   H2   sing N N 284 
SER CA  C    sing N N 285 
SER CA  CB   sing N N 286 
SER CA  HA   sing N N 287 
SER C   O    doub N N 288 
SER C   OXT  sing N N 289 
SER CB  OG   sing N N 290 
SER CB  HB2  sing N N 291 
SER CB  HB3  sing N N 292 
SER OG  HG   sing N N 293 
SER OXT HXT  sing N N 294 
THR N   CA   sing N N 295 
THR N   H    sing N N 296 
THR N   H2   sing N N 297 
THR CA  C    sing N N 298 
THR CA  CB   sing N N 299 
THR CA  HA   sing N N 300 
THR C   O    doub N N 301 
THR C   OXT  sing N N 302 
THR CB  OG1  sing N N 303 
THR CB  CG2  sing N N 304 
THR CB  HB   sing N N 305 
THR OG1 HG1  sing N N 306 
THR CG2 HG21 sing N N 307 
THR CG2 HG22 sing N N 308 
THR CG2 HG23 sing N N 309 
THR OXT HXT  sing N N 310 
TRP N   CA   sing N N 311 
TRP N   H    sing N N 312 
TRP N   H2   sing N N 313 
TRP CA  C    sing N N 314 
TRP CA  CB   sing N N 315 
TRP CA  HA   sing N N 316 
TRP C   O    doub N N 317 
TRP C   OXT  sing N N 318 
TRP CB  CG   sing N N 319 
TRP CB  HB2  sing N N 320 
TRP CB  HB3  sing N N 321 
TRP CG  CD1  doub Y N 322 
TRP CG  CD2  sing Y N 323 
TRP CD1 NE1  sing Y N 324 
TRP CD1 HD1  sing N N 325 
TRP CD2 CE2  doub Y N 326 
TRP CD2 CE3  sing Y N 327 
TRP NE1 CE2  sing Y N 328 
TRP NE1 HE1  sing N N 329 
TRP CE2 CZ2  sing Y N 330 
TRP CE3 CZ3  doub Y N 331 
TRP CE3 HE3  sing N N 332 
TRP CZ2 CH2  doub Y N 333 
TRP CZ2 HZ2  sing N N 334 
TRP CZ3 CH2  sing Y N 335 
TRP CZ3 HZ3  sing N N 336 
TRP CH2 HH2  sing N N 337 
TRP OXT HXT  sing N N 338 
TYR N   CA   sing N N 339 
TYR N   H    sing N N 340 
TYR N   H2   sing N N 341 
TYR CA  C    sing N N 342 
TYR CA  CB   sing N N 343 
TYR CA  HA   sing N N 344 
TYR C   O    doub N N 345 
TYR C   OXT  sing N N 346 
TYR CB  CG   sing N N 347 
TYR CB  HB2  sing N N 348 
TYR CB  HB3  sing N N 349 
TYR CG  CD1  doub Y N 350 
TYR CG  CD2  sing Y N 351 
TYR CD1 CE1  sing Y N 352 
TYR CD1 HD1  sing N N 353 
TYR CD2 CE2  doub Y N 354 
TYR CD2 HD2  sing N N 355 
TYR CE1 CZ   doub Y N 356 
TYR CE1 HE1  sing N N 357 
TYR CE2 CZ   sing Y N 358 
TYR CE2 HE2  sing N N 359 
TYR CZ  OH   sing N N 360 
TYR OH  HH   sing N N 361 
TYR OXT HXT  sing N N 362 
VAL N   CA   sing N N 363 
VAL N   H    sing N N 364 
VAL N   H2   sing N N 365 
VAL CA  C    sing N N 366 
VAL CA  CB   sing N N 367 
VAL CA  HA   sing N N 368 
VAL C   O    doub N N 369 
VAL C   OXT  sing N N 370 
VAL CB  CG1  sing N N 371 
VAL CB  CG2  sing N N 372 
VAL CB  HB   sing N N 373 
VAL CG1 HG11 sing N N 374 
VAL CG1 HG12 sing N N 375 
VAL CG1 HG13 sing N N 376 
VAL CG2 HG21 sing N N 377 
VAL CG2 HG22 sing N N 378 
VAL CG2 HG23 sing N N 379 
VAL OXT HXT  sing N N 380 
# 
loop_
_pdbx_audit_support.funding_organization 
_pdbx_audit_support.country 
_pdbx_audit_support.grant_number 
_pdbx_audit_support.ordinal 
'European Research Council (ERC)'  Germany 310656    1 
'German Research Foundation (DFG)' Germany 235777276 2 
# 
loop_
_pdbx_entity_instance_feature.ordinal 
_pdbx_entity_instance_feature.comp_id 
_pdbx_entity_instance_feature.asym_id 
_pdbx_entity_instance_feature.seq_num 
_pdbx_entity_instance_feature.auth_comp_id 
_pdbx_entity_instance_feature.auth_asym_id 
_pdbx_entity_instance_feature.auth_seq_num 
_pdbx_entity_instance_feature.feature_type 
_pdbx_entity_instance_feature.details 
1 CU1 ? ? CU1 ? ? 'SUBJECT OF INVESTIGATION' ? 
2 ZN  ? ? ZN  ? ? 'SUBJECT OF INVESTIGATION' ? 
# 
_atom_sites.entry_id                    7OG7 
_atom_sites.Cartn_transf_matrix[1][1]   ? 
_atom_sites.Cartn_transf_matrix[1][2]   ? 
_atom_sites.Cartn_transf_matrix[1][3]   ? 
_atom_sites.Cartn_transf_matrix[2][1]   ? 
_atom_sites.Cartn_transf_matrix[2][2]   ? 
_atom_sites.Cartn_transf_matrix[2][3]   ? 
_atom_sites.Cartn_transf_matrix[3][1]   ? 
_atom_sites.Cartn_transf_matrix[3][2]   ? 
_atom_sites.Cartn_transf_matrix[3][3]   ? 
_atom_sites.Cartn_transf_vector[1]      ? 
_atom_sites.Cartn_transf_vector[2]      ? 
_atom_sites.Cartn_transf_vector[3]      ? 
_atom_sites.fract_transf_matrix[1][1]   -0.00291639 
_atom_sites.fract_transf_matrix[1][2]   -0.00272737 
_atom_sites.fract_transf_matrix[1][3]   0.00390491 
_atom_sites.fract_transf_matrix[2][1]   0.00472920 
_atom_sites.fract_transf_matrix[2][2]   -0.00220319 
_atom_sites.fract_transf_matrix[2][3]   0.00199320 
_atom_sites.fract_transf_matrix[3][1]   0.00056707 
_atom_sites.fract_transf_matrix[3][2]   0.00434737 
_atom_sites.fract_transf_matrix[3][3]   0.00345992 
_atom_sites.fract_transf_vector[1]      0.189893 
_atom_sites.fract_transf_vector[2]      -0.038037 
_atom_sites.fract_transf_vector[3]      0.104469 
_atom_sites.solution_primary            ? 
_atom_sites.solution_secondary          ? 
_atom_sites.solution_hydrogens          ? 
_atom_sites.special_details             ? 
# 
loop_
_atom_type.symbol 
C  
CU 
H  
N  
O  
S  
ZN 
# 
loop_
_atom_site.group_PDB 
_atom_site.id 
_atom_site.type_symbol 
_atom_site.label_atom_id 
_atom_site.label_alt_id 
_atom_site.label_comp_id 
_atom_site.label_asym_id 
_atom_site.label_entity_id 
_atom_site.label_seq_id 
_atom_site.pdbx_PDB_ins_code 
_atom_site.Cartn_x 
_atom_site.Cartn_y 
_atom_site.Cartn_z 
_atom_site.occupancy 
_atom_site.B_iso_or_equiv 
_atom_site.pdbx_formal_charge 
_atom_site.auth_seq_id 
_atom_site.auth_comp_id 
_atom_site.auth_asym_id 
_atom_site.auth_atom_id 
_atom_site.pdbx_PDB_model_num 
ATOM   1    N  N   . PRO A 1 32  ? 3.231   12.142  18.427  1.00 74.34 ?  46  PRO A N   1 
ATOM   2    C  CA  . PRO A 1 32  ? 2.597   10.819  18.519  1.00 69.37 ?  46  PRO A CA  1 
ATOM   3    C  C   . PRO A 1 32  ? 1.993   10.375  17.182  1.00 62.90 ?  46  PRO A C   1 
ATOM   4    O  O   . PRO A 1 32  ? 0.932   10.873  16.794  1.00 61.07 ?  46  PRO A O   1 
ATOM   5    C  CB  . PRO A 1 32  ? 1.497   11.022  19.574  1.00 70.03 ?  46  PRO A CB  1 
ATOM   6    C  CG  . PRO A 1 32  ? 1.859   12.303  20.289  1.00 77.79 ?  46  PRO A CG  1 
ATOM   7    C  CD  . PRO A 1 32  ? 2.554   13.145  19.267  1.00 77.55 ?  46  PRO A CD  1 
ATOM   8    N  N   . PRO A 1 33  ? 2.657   9.451   16.488  1.00 61.41 ?  47  PRO A N   1 
ATOM   9    C  CA  . PRO A 1 33  ? 2.148   9.022   15.178  1.00 52.78 ?  47  PRO A CA  1 
ATOM   10   C  C   . PRO A 1 33  ? 0.756   8.427   15.311  1.00 46.53 ?  47  PRO A C   1 
ATOM   11   O  O   . PRO A 1 33  ? 0.466   7.686   16.252  1.00 52.62 ?  47  PRO A O   1 
ATOM   12   C  CB  . PRO A 1 33  ? 3.164   7.966   14.721  1.00 49.79 ?  47  PRO A CB  1 
ATOM   13   C  CG  . PRO A 1 33  ? 4.320   8.057   15.683  1.00 49.79 ?  47  PRO A CG  1 
ATOM   14   C  CD  . PRO A 1 33  ? 3.786   8.629   16.949  1.00 57.10 ?  47  PRO A CD  1 
ATOM   15   N  N   . LYS A 1 34  ? -0.113  8.757   14.362  1.00 44.88 ?  48  LYS A N   1 
ATOM   16   C  CA  . LYS A 1 34  ? -1.385  8.065   14.276  1.00 39.94 ?  48  LYS A CA  1 
ATOM   17   C  C   . LYS A 1 34  ? -1.141  6.622   13.836  1.00 42.02 ?  48  LYS A C   1 
ATOM   18   O  O   . LYS A 1 34  ? -0.178  6.322   13.121  1.00 41.40 ?  48  LYS A O   1 
ATOM   19   C  CB  . LYS A 1 34  ? -2.319  8.808   13.322  1.00 42.36 ?  48  LYS A CB  1 
ATOM   20   C  CG  . LYS A 1 34  ? -2.377  10.317  13.600  1.00 44.95 ?  48  LYS A CG  1 
ATOM   21   C  CD  . LYS A 1 34  ? -3.242  11.064  12.577  1.00 49.59 ?  48  LYS A CD  1 
ATOM   22   C  CE  . LYS A 1 34  ? -3.082  12.589  12.666  1.00 51.86 ?  48  LYS A CE  1 
ATOM   23   N  NZ  . LYS A 1 34  ? -3.832  13.346  11.585  1.00 44.29 ?  48  LYS A NZ  1 
ATOM   24   N  N   . GLN A 1 35  ? -1.985  5.717   14.316  1.00 38.25 ?  49  GLN A N   1 
ATOM   25   C  CA  . GLN A 1 35  ? -1.782  4.287   14.143  1.00 37.59 ?  49  GLN A CA  1 
ATOM   26   C  C   . GLN A 1 35  ? -2.643  3.754   13.012  1.00 29.53 ?  49  GLN A C   1 
ATOM   27   O  O   . GLN A 1 35  ? -3.728  4.272   12.749  1.00 33.60 ?  49  GLN A O   1 
ATOM   28   C  CB  . GLN A 1 35  ? -2.146  3.534   15.425  1.00 44.09 ?  49  GLN A CB  1 
ATOM   29   C  CG  . GLN A 1 35  ? -1.541  4.137   16.655  1.00 48.83 ?  49  GLN A CG  1 
ATOM   30   C  CD  . GLN A 1 35  ? -0.083  3.862   16.690  1.00 44.64 ?  49  GLN A CD  1 
ATOM   31   O  OE1 . GLN A 1 35  ? 0.323   2.703   16.790  1.00 46.94 ?  49  GLN A OE1 1 
ATOM   32   N  NE2 . GLN A 1 35  ? 0.734   4.914   16.560  1.00 42.87 ?  49  GLN A NE2 1 
ATOM   33   N  N   . ALA A 1 36  ? -2.172  2.688   12.372  1.00 31.47 ?  50  ALA A N   1 
ATOM   34   C  CA  . ALA A 1 36  ? -3.027  2.006   11.424  1.00 26.87 ?  50  ALA A CA  1 
ATOM   35   C  C   . ALA A 1 36  ? -4.206  1.398   12.171  1.00 32.36 ?  50  ALA A C   1 
ATOM   36   O  O   . ALA A 1 36  ? -4.179  1.228   13.392  1.00 32.67 ?  50  ALA A O   1 
ATOM   37   C  CB  . ALA A 1 36  ? -2.244  0.943   10.644  1.00 27.71 ?  50  ALA A CB  1 
ATOM   38   N  N   . GLN A 1 37  ? -5.261  1.108   11.423  1.00 28.74 ?  51  GLN A N   1 
ATOM   39   C  CA  . GLN A 1 37  ? -6.507  0.596   11.961  1.00 30.76 ?  51  GLN A CA  1 
ATOM   40   C  C   . GLN A 1 37  ? -6.930  -0.610  11.149  1.00 29.46 ?  51  GLN A C   1 
ATOM   41   O  O   . GLN A 1 37  ? -6.566  -0.740  9.980   1.00 30.40 ?  51  GLN A O   1 
ATOM   42   C  CB  . GLN A 1 37  ? -7.616  1.643   11.901  1.00 32.67 ?  51  GLN A CB  1 
ATOM   43   C  CG  . GLN A 1 37  ? -7.206  2.987   12.475  1.00 36.11 ?  51  GLN A CG  1 
ATOM   44   C  CD  . GLN A 1 37  ? -7.247  2.996   13.978  1.00 44.93 ?  51  GLN A CD  1 
ATOM   45   O  OE1 . GLN A 1 37  ? -8.317  2.853   14.574  1.00 56.76 ?  51  GLN A OE1 1 
ATOM   46   N  NE2 . GLN A 1 37  ? -6.081  3.163   14.612  1.00 46.03 ?  51  GLN A NE2 1 
ATOM   47   N  N   . ALA A 1 38  ? -7.719  -1.490  11.768  1.00 27.49 ?  52  ALA A N   1 
ATOM   48   C  CA  . ALA A 1 38  ? -8.310  -2.580  11.006  1.00 29.64 ?  52  ALA A CA  1 
ATOM   49   C  C   . ALA A 1 38  ? -9.168  -2.030  9.863   1.00 32.37 ?  52  ALA A C   1 
ATOM   50   O  O   . ALA A 1 38  ? -9.752  -0.948  9.957   1.00 32.82 ?  52  ALA A O   1 
ATOM   51   C  CB  . ALA A 1 38  ? -9.152  -3.488  11.919  1.00 30.44 ?  52  ALA A CB  1 
ATOM   52   N  N   . ILE A 1 39  ? -9.227  -2.785  8.769   1.00 29.59 ?  53  ILE A N   1 
ATOM   53   C  CA  . ILE A 1 39  ? -10.118 -2.506  7.649   1.00 32.94 ?  53  ILE A CA  1 
ATOM   54   C  C   . ILE A 1 39  ? -11.231 -3.542  7.696   1.00 35.96 ?  53  ILE A C   1 
ATOM   55   O  O   . ILE A 1 39  ? -10.959 -4.748  7.662   1.00 35.49 ?  53  ILE A O   1 
ATOM   56   C  CB  . ILE A 1 39  ? -9.374  -2.560  6.302   1.00 33.24 ?  53  ILE A CB  1 
ATOM   57   C  CG1 . ILE A 1 39  ? -8.198  -1.581  6.280   1.00 27.19 ?  53  ILE A CG1 1 
ATOM   58   C  CG2 . ILE A 1 39  ? -10.353 -2.291  5.109   1.00 32.34 ?  53  ILE A CG2 1 
ATOM   59   C  CD1 . ILE A 1 39  ? -7.341  -1.715  4.996   1.00 30.40 ?  53  ILE A CD1 1 
ATOM   60   N  N   . ASP A 1 40  ? -12.481 -3.088  7.773   1.00 35.08 ?  54  ASP A N   1 
ATOM   61   C  CA  . ASP A 1 40  ? -13.593 -4.024  7.837   1.00 38.55 ?  54  ASP A CA  1 
ATOM   62   C  C   . ASP A 1 40  ? -14.313 -4.088  6.489   1.00 40.83 ?  54  ASP A C   1 
ATOM   63   O  O   . ASP A 1 40  ? -13.990 -3.371  5.539   1.00 36.26 ?  54  ASP A O   1 
ATOM   64   C  CB  . ASP A 1 40  ? -14.549 -3.673  8.986   1.00 39.17 ?  54  ASP A CB  1 
ATOM   65   C  CG  . ASP A 1 40  ? -15.260 -2.350  8.794   1.00 45.23 ?  54  ASP A CG  1 
ATOM   66   O  OD1 . ASP A 1 40  ? -15.916 -2.162  7.747   1.00 48.20 ?  54  ASP A OD1 1 
ATOM   67   O  OD2 . ASP A 1 40  ? -15.187 -1.497  9.711   1.00 52.27 -1 54  ASP A OD2 1 
ATOM   68   N  N   . SER A 1 41  ? -15.303 -4.978  6.413   1.00 35.60 ?  55  SER A N   1 
ATOM   69   C  CA  . SER A 1 41  ? -15.956 -5.296  5.149   1.00 38.84 ?  55  SER A CA  1 
ATOM   70   C  C   . SER A 1 41  ? -16.802 -4.156  4.590   1.00 40.57 ?  55  SER A C   1 
ATOM   71   O  O   . SER A 1 41  ? -17.222 -4.242  3.434   1.00 40.72 ?  55  SER A O   1 
ATOM   72   C  CB  . SER A 1 41  ? -16.832 -6.538  5.314   1.00 42.56 ?  55  SER A CB  1 
ATOM   73   O  OG  . SER A 1 41  ? -17.881 -6.273  6.215   1.00 45.52 ?  55  SER A OG  1 
ATOM   74   N  N   . THR A 1 42  ? -17.061 -3.097  5.357   1.00 37.38 ?  56  THR A N   1 
ATOM   75   C  CA  . THR A 1 42  ? -17.809 -1.968  4.818   1.00 41.56 ?  56  THR A CA  1 
ATOM   76   C  C   . THR A 1 42  ? -16.920 -0.815  4.348   1.00 41.27 ?  56  THR A C   1 
ATOM   77   O  O   . THR A 1 42  ? -17.432 0.141   3.755   1.00 37.08 ?  56  THR A O   1 
ATOM   78   C  CB  . THR A 1 42  ? -18.807 -1.445  5.854   1.00 42.62 ?  56  THR A CB  1 
ATOM   79   O  OG1 . THR A 1 42  ? -18.113 -0.683  6.845   1.00 44.56 ?  56  THR A OG1 1 
ATOM   80   C  CG2 . THR A 1 42  ? -19.545 -2.609  6.521   1.00 45.39 ?  56  THR A CG2 1 
ATOM   81   N  N   . HIS A 1 43  ? -15.615 -0.888  4.571   1.00 35.16 ?  57  HIS A N   1 
ATOM   82   C  CA  . HIS A 1 43  ? -14.735 0.214   4.206   1.00 35.36 ?  57  HIS A CA  1 
ATOM   83   C  C   . HIS A 1 43  ? -14.523 0.277   2.696   1.00 33.29 ?  57  HIS A C   1 
ATOM   84   O  O   . HIS A 1 43  ? -14.252 -0.742  2.049   1.00 30.99 ?  57  HIS A O   1 
ATOM   85   C  CB  . HIS A 1 43  ? -13.395 0.072   4.917   1.00 33.82 ?  57  HIS A CB  1 
ATOM   86   C  CG  . HIS A 1 43  ? -13.421 0.546   6.333   1.00 39.28 ?  57  HIS A CG  1 
ATOM   87   N  ND1 . HIS A 1 43  ? -12.884 -0.183  7.371   1.00 34.47 ?  57  HIS A ND1 1 
ATOM   88   C  CD2 . HIS A 1 43  ? -13.913 1.683   6.884   1.00 41.29 ?  57  HIS A CD2 1 
ATOM   89   C  CE1 . HIS A 1 43  ? -13.047 0.481   8.501   1.00 39.83 ?  57  HIS A CE1 1 
ATOM   90   N  NE2 . HIS A 1 43  ? -13.665 1.619   8.234   1.00 39.61 ?  57  HIS A NE2 1 
ATOM   91   N  N   . GLU A 1 44  ? -14.616 1.490   2.148   1.00 32.71 ?  58  GLU A N   1 
ATOM   92   C  CA  . GLU A 1 44  ? -14.489 1.755   0.723   1.00 34.02 ?  58  GLU A CA  1 
ATOM   93   C  C   . GLU A 1 44  ? -13.207 2.533   0.455   1.00 33.22 ?  58  GLU A C   1 
ATOM   94   O  O   . GLU A 1 44  ? -12.791 3.368   1.265   1.00 28.53 ?  58  GLU A O   1 
ATOM   95   C  CB  . GLU A 1 44  ? -15.702 2.554   0.202   1.00 33.42 ?  58  GLU A CB  1 
ATOM   96   C  CG  . GLU A 1 44  ? -17.024 1.807   0.319   1.00 38.68 ?  58  GLU A CG  1 
ATOM   97   C  CD  . GLU A 1 44  ? -18.250 2.666   -0.017  1.00 52.47 ?  58  GLU A CD  1 
ATOM   98   O  OE1 . GLU A 1 44  ? -18.095 3.760   -0.597  1.00 49.22 ?  58  GLU A OE1 1 
ATOM   99   O  OE2 . GLU A 1 44  ? -19.384 2.232   0.299   1.00 59.02 -1 58  GLU A OE2 1 
ATOM   100  N  N   . CYS A 1 45  ? -12.589 2.260   -0.699  1.00 32.63 ?  59  CYS A N   1 
ATOM   101  C  CA  . CYS A 1 45  ? -11.318 2.896   -1.034  1.00 30.47 ?  59  CYS A CA  1 
ATOM   102  C  C   . CYS A 1 45  ? -11.494 4.401   -1.139  1.00 29.75 ?  59  CYS A C   1 
ATOM   103  O  O   . CYS A 1 45  ? -12.414 4.886   -1.806  1.00 28.69 ?  59  CYS A O   1 
ATOM   104  C  CB  . CYS A 1 45  ? -10.770 2.353   -2.356  1.00 25.75 ?  59  CYS A CB  1 
ATOM   105  S  SG  . CYS A 1 45  ? -9.231  3.186   -2.888  1.00 25.72 ?  59  CYS A SG  1 
ATOM   106  N  N   . HIS A 1 46  ? -10.585 5.144   -0.505  1.00 28.57 ?  60  HIS A N   1 
ATOM   107  C  CA  . HIS A 1 46  ? -10.691 6.597   -0.518  1.00 31.64 ?  60  HIS A CA  1 
ATOM   108  C  C   . HIS A 1 46  ? -10.583 7.158   -1.934  1.00 32.04 ?  60  HIS A C   1 
ATOM   109  O  O   . HIS A 1 46  ? -11.190 8.188   -2.237  1.00 31.70 ?  60  HIS A O   1 
ATOM   110  C  CB  . HIS A 1 46  ? -9.607  7.202   0.372   1.00 27.87 ?  60  HIS A CB  1 
ATOM   111  C  CG  . HIS A 1 46  ? -9.744  8.678   0.568   1.00 31.85 ?  60  HIS A CG  1 
ATOM   112  N  ND1 . HIS A 1 46  ? -10.761 9.239   1.310   1.00 34.06 ?  60  HIS A ND1 1 
ATOM   113  C  CD2 . HIS A 1 46  ? -8.979  9.709   0.135   1.00 28.26 ?  60  HIS A CD2 1 
ATOM   114  C  CE1 . HIS A 1 46  ? -10.620 10.555  1.322   1.00 32.09 ?  60  HIS A CE1 1 
ATOM   115  N  NE2 . HIS A 1 46  ? -9.547  10.865  0.613   1.00 34.69 ?  60  HIS A NE2 1 
ATOM   116  N  N   . LEU A 1 47  ? -9.807  6.513   -2.803  1.00 28.69 ?  61  LEU A N   1 
ATOM   117  C  CA  . LEU A 1 47  ? -9.646  7.023   -4.164  1.00 30.23 ?  61  LEU A CA  1 
ATOM   118  C  C   . LEU A 1 47  ? -10.785 6.567   -5.076  1.00 31.72 ?  61  LEU A C   1 
ATOM   119  O  O   . LEU A 1 47  ? -11.472 7.393   -5.682  1.00 31.04 ?  61  LEU A O   1 
ATOM   120  C  CB  . LEU A 1 47  ? -8.294  6.590   -4.728  1.00 25.18 ?  61  LEU A CB  1 
ATOM   121  C  CG  . LEU A 1 47  ? -7.887  7.228   -6.066  1.00 26.78 ?  61  LEU A CG  1 
ATOM   122  C  CD1 . LEU A 1 47  ? -7.686  8.709   -5.855  1.00 35.97 ?  61  LEU A CD1 1 
ATOM   123  C  CD2 . LEU A 1 47  ? -6.620  6.602   -6.618  1.00 27.44 ?  61  LEU A CD2 1 
ATOM   124  N  N   . CYS A 1 48  ? -11.022 5.259   -5.169  1.00 28.53 ?  62  CYS A N   1 
ATOM   125  C  CA  . CYS A 1 48  ? -11.890 4.719   -6.209  1.00 28.21 ?  62  CYS A CA  1 
ATOM   126  C  C   . CYS A 1 48  ? -13.240 4.221   -5.698  1.00 32.81 ?  62  CYS A C   1 
ATOM   127  O  O   . CYS A 1 48  ? -14.052 3.764   -6.502  1.00 30.71 ?  62  CYS A O   1 
ATOM   128  C  CB  . CYS A 1 48  ? -11.182 3.572   -6.938  1.00 28.68 ?  62  CYS A CB  1 
ATOM   129  S  SG  . CYS A 1 48  ? -11.167 2.034   -5.939  1.00 25.81 ?  62  CYS A SG  1 
ATOM   130  N  N   . GLY A 1 49  ? -13.479 4.233   -4.391  1.00 28.56 ?  63  GLY A N   1 
ATOM   131  C  CA  . GLY A 1 49  ? -14.760 3.846   -3.840  1.00 28.18 ?  63  GLY A CA  1 
ATOM   132  C  C   . GLY A 1 49  ? -15.040 2.353   -3.730  1.00 32.76 ?  63  GLY A C   1 
ATOM   133  O  O   . GLY A 1 49  ? -16.092 1.983   -3.194  1.00 30.01 ?  63  GLY A O   1 
ATOM   134  N  N   . MET A 1 50  ? -14.157 1.477   -4.205  1.00 28.60 ?  64  MET A N   1 
ATOM   135  C  CA  . MET A 1 50  ? -14.493 0.056   -4.199  1.00 29.92 ?  64  MET A CA  1 
ATOM   136  C  C   . MET A 1 50  ? -14.337 -0.520  -2.788  1.00 33.06 ?  64  MET A C   1 
ATOM   137  O  O   . MET A 1 50  ? -13.556 -0.019  -1.979  1.00 26.69 ?  64  MET A O   1 
ATOM   138  C  CB  . MET A 1 50  ? -13.638 -0.713  -5.219  1.00 29.53 ?  64  MET A CB  1 
ATOM   139  C  CG  . MET A 1 50  ? -12.232 -1.117  -4.752  1.00 29.11 ?  64  MET A CG  1 
ATOM   140  S  SD  . MET A 1 50  ? -11.194 -1.689  -6.101  1.00 30.21 ?  64  MET A SD  1 
ATOM   141  C  CE  . MET A 1 50  ? -12.309 -2.751  -7.032  1.00 34.55 ?  64  MET A CE  1 
ATOM   142  N  N   . LEU A 1 51  ? -15.125 -1.560  -2.481  1.00 32.86 ?  65  LEU A N   1 
ATOM   143  C  CA  . LEU A 1 51  ? -14.984 -2.253  -1.197  1.00 33.69 ?  65  LEU A CA  1 
ATOM   144  C  C   . LEU A 1 51  ? -13.624 -2.933  -1.103  1.00 34.32 ?  65  LEU A C   1 
ATOM   145  O  O   . LEU A 1 51  ? -13.243 -3.703  -1.986  1.00 39.57 ?  65  LEU A O   1 
ATOM   146  C  CB  . LEU A 1 51  ? -16.089 -3.292  -1.029  1.00 38.72 ?  65  LEU A CB  1 
ATOM   147  C  CG  . LEU A 1 51  ? -17.479 -2.736  -0.742  1.00 39.02 ?  65  LEU A CG  1 
ATOM   148  C  CD1 . LEU A 1 51  ? -18.513 -3.844  -0.906  1.00 46.07 ?  65  LEU A CD1 1 
ATOM   149  C  CD2 . LEU A 1 51  ? -17.520 -2.144  0.660   1.00 40.92 ?  65  LEU A CD2 1 
ATOM   150  N  N   . ILE A 1 52  ? -12.905 -2.678  -0.014  1.00 31.31 ?  66  ILE A N   1 
ATOM   151  C  CA  . ILE A 1 52  ? -11.488 -3.022  0.034   1.00 27.37 ?  66  ILE A CA  1 
ATOM   152  C  C   . ILE A 1 52  ? -11.261 -4.514  0.296   1.00 34.87 ?  66  ILE A C   1 
ATOM   153  O  O   . ILE A 1 52  ? -10.487 -5.171  -0.412  1.00 30.35 ?  66  ILE A O   1 
ATOM   154  C  CB  . ILE A 1 52  ? -10.785 -2.145  1.087   1.00 28.14 ?  66  ILE A CB  1 
ATOM   155  C  CG1 . ILE A 1 52  ? -10.761 -0.686  0.607   1.00 27.86 ?  66  ILE A CG1 1 
ATOM   156  C  CG2 . ILE A 1 52  ? -9.392  -2.671  1.361   1.00 27.62 ?  66  ILE A CG2 1 
ATOM   157  C  CD1 . ILE A 1 52  ? -10.305 0.321   1.648   1.00 26.47 ?  66  ILE A CD1 1 
ATOM   158  N  N   . THR A 1 53  ? -11.883 -5.073  1.338   1.00 34.37 ?  67  THR A N   1 
ATOM   159  C  CA  . THR A 1 53  ? -11.413 -6.369  1.824   1.00 34.94 ?  67  THR A CA  1 
ATOM   160  C  C   . THR A 1 53  ? -11.835 -7.538  0.947   1.00 40.46 ?  67  THR A C   1 
ATOM   161  O  O   . THR A 1 53  ? -11.329 -8.647  1.148   1.00 43.00 ?  67  THR A O   1 
ATOM   162  C  CB  . THR A 1 53  ? -11.886 -6.617  3.257   1.00 37.44 ?  67  THR A CB  1 
ATOM   163  O  OG1 . THR A 1 53  ? -13.316 -6.591  3.301   1.00 37.93 ?  67  THR A OG1 1 
ATOM   164  C  CG2 . THR A 1 53  ? -11.337 -5.536  4.168   1.00 34.36 ?  67  THR A CG2 1 
ATOM   165  N  N   . GLU A 1 54  ? -12.705 -7.317  -0.036  1.00 38.63 ?  68  GLU A N   1 
ATOM   166  C  CA  . GLU A 1 54  ? -13.034 -8.384  -0.977  1.00 46.60 ?  68  GLU A CA  1 
ATOM   167  C  C   . GLU A 1 54  ? -11.836 -8.807  -1.817  1.00 48.76 ?  68  GLU A C   1 
ATOM   168  O  O   . GLU A 1 54  ? -11.759 -9.965  -2.248  1.00 53.51 ?  68  GLU A O   1 
ATOM   169  C  CB  . GLU A 1 54  ? -14.153 -7.934  -1.912  1.00 47.25 ?  68  GLU A CB  1 
ATOM   170  C  CG  . GLU A 1 54  ? -15.059 -6.878  -1.331  1.00 51.60 ?  68  GLU A CG  1 
ATOM   171  C  CD  . GLU A 1 54  ? -16.393 -6.828  -2.051  1.00 57.98 ?  68  GLU A CD  1 
ATOM   172  O  OE1 . GLU A 1 54  ? -16.398 -6.997  -3.293  1.00 56.10 ?  68  GLU A OE1 1 
ATOM   173  O  OE2 . GLU A 1 54  ? -17.430 -6.641  -1.374  1.00 66.64 -1 68  GLU A OE2 1 
ATOM   174  N  N   . PHE A 1 55  ? -10.906 -7.896  -2.076  1.00 38.84 ?  69  PHE A N   1 
ATOM   175  C  CA  . PHE A 1 55  ? -9.920  -8.099  -3.125  1.00 32.96 ?  69  PHE A CA  1 
ATOM   176  C  C   . PHE A 1 55  ? -8.572  -8.513  -2.569  1.00 32.37 ?  69  PHE A C   1 
ATOM   177  O  O   . PHE A 1 55  ? -8.251  -8.241  -1.405  1.00 34.93 ?  69  PHE A O   1 
ATOM   178  C  CB  . PHE A 1 55  ? -9.772  -6.811  -3.944  1.00 34.64 ?  69  PHE A CB  1 
ATOM   179  C  CG  . PHE A 1 55  ? -11.044 -6.391  -4.601  1.00 37.13 ?  69  PHE A CG  1 
ATOM   180  C  CD1 . PHE A 1 55  ? -11.416 -6.939  -5.820  1.00 38.05 ?  69  PHE A CD1 1 
ATOM   181  C  CD2 . PHE A 1 55  ? -11.899 -5.504  -3.977  1.00 37.79 ?  69  PHE A CD2 1 
ATOM   182  C  CE1 . PHE A 1 55  ? -12.609 -6.576  -6.419  1.00 41.53 ?  69  PHE A CE1 1 
ATOM   183  C  CE2 . PHE A 1 55  ? -13.097 -5.131  -4.571  1.00 42.10 ?  69  PHE A CE2 1 
ATOM   184  C  CZ  . PHE A 1 55  ? -13.454 -5.671  -5.797  1.00 43.47 ?  69  PHE A CZ  1 
ATOM   185  N  N   . PRO A 1 56  ? -7.730  -9.125  -3.389  1.00 32.10 ?  70  PRO A N   1 
ATOM   186  C  CA  . PRO A 1 56  ? -6.392  -9.534  -2.948  1.00 30.51 ?  70  PRO A CA  1 
ATOM   187  C  C   . PRO A 1 56  ? -5.376  -8.392  -3.072  1.00 30.42 ?  70  PRO A C   1 
ATOM   188  O  O   . PRO A 1 56  ? -5.680  -7.329  -3.586  1.00 29.20 ?  70  PRO A O   1 
ATOM   189  C  CB  . PRO A 1 56  ? -6.048  -10.665 -3.912  1.00 29.62 ?  70  PRO A CB  1 
ATOM   190  C  CG  . PRO A 1 56  ? -6.713  -10.241 -5.189  1.00 34.03 ?  70  PRO A CG  1 
ATOM   191  C  CD  . PRO A 1 56  ? -7.980  -9.507  -4.800  1.00 31.91 ?  70  PRO A CD  1 
ATOM   192  N  N   . GLY A 1 57  ? -4.141  -8.665  -2.618  1.00 28.08 ?  71  GLY A N   1 
ATOM   193  C  CA  . GLY A 1 57  ? -3.063  -7.702  -2.726  1.00 27.80 ?  71  GLY A CA  1 
ATOM   194  C  C   . GLY A 1 57  ? -2.933  -6.820  -1.493  1.00 24.55 ?  71  GLY A C   1 
ATOM   195  O  O   . GLY A 1 57  ? -3.897  -6.610  -0.745  1.00 24.94 ?  71  GLY A O   1 
ATOM   196  N  N   . PRO A 1 58  ? -1.730  -6.297  -1.253  1.00 23.78 ?  72  PRO A N   1 
ATOM   197  C  CA  . PRO A 1 58  ? -1.524  -5.439  -0.075  1.00 24.01 ?  72  PRO A CA  1 
ATOM   198  C  C   . PRO A 1 58  ? -2.404  -4.208  -0.150  1.00 22.84 ?  72  PRO A C   1 
ATOM   199  O  O   . PRO A 1 58  ? -2.534  -3.591  -1.209  1.00 22.90 ?  72  PRO A O   1 
ATOM   200  C  CB  . PRO A 1 58  ? -0.041  -5.068  -0.153  1.00 23.89 ?  72  PRO A CB  1 
ATOM   201  C  CG  . PRO A 1 58  ? 0.349   -5.263  -1.625  1.00 22.91 ?  72  PRO A CG  1 
ATOM   202  C  CD  . PRO A 1 58  ? -0.515  -6.432  -2.081  1.00 25.39 ?  72  PRO A CD  1 
ATOM   203  N  N   . LYS A 1 59  ? -2.998  -3.833  0.990   1.00 22.34 ?  73  LYS A N   1 
ATOM   204  C  CA  . LYS A 1 59  ? -3.842  -2.646  1.053   1.00 20.35 ?  73  LYS A CA  1 
ATOM   205  C  C   . LYS A 1 59  ? -3.050  -1.509  1.651   1.00 22.70 ?  73  LYS A C   1 
ATOM   206  O  O   . LYS A 1 59  ? -1.906  -1.694  2.087   1.00 21.50 ?  73  LYS A O   1 
ATOM   207  C  CB  . LYS A 1 59  ? -5.103  -2.907  1.871   1.00 21.23 ?  73  LYS A CB  1 
ATOM   208  C  CG  . LYS A 1 59  ? -5.853  -4.157  1.389   1.00 24.74 ?  73  LYS A CG  1 
ATOM   209  C  CD  . LYS A 1 59  ? -6.224  -4.017  -0.085  1.00 24.76 ?  73  LYS A CD  1 
ATOM   210  C  CE  . LYS A 1 59  ? -7.200  -5.115  -0.509  1.00 30.58 ?  73  LYS A CE  1 
ATOM   211  N  NZ  . LYS A 1 59  ? -6.677  -6.461  -0.124  1.00 24.59 ?  73  LYS A NZ  1 
ATOM   212  N  N   . GLY A 1 60  ? -3.638  -0.327  1.707   1.00 25.06 ?  74  GLY A N   1 
ATOM   213  C  CA  . GLY A 1 60  ? -2.897  0.817   2.225   1.00 21.58 ?  74  GLY A CA  1 
ATOM   214  C  C   . GLY A 1 60  ? -3.756  1.693   3.096   1.00 22.40 ?  74  GLY A C   1 
ATOM   215  O  O   . GLY A 1 60  ? -4.977  1.735   2.955   1.00 24.13 ?  74  GLY A O   1 
ATOM   216  N  N   . GLU A 1 61  ? -3.098  2.415   4.011   1.00 24.52 ?  75  GLU A N   1 
ATOM   217  C  CA  . GLU A 1 61  ? -3.769  3.437   4.800   1.00 23.66 ?  75  GLU A CA  1 
ATOM   218  C  C   . GLU A 1 61  ? -2.862  4.645   4.938   1.00 24.57 ?  75  GLU A C   1 
ATOM   219  O  O   . GLU A 1 61  ? -1.634  4.532   4.891   1.00 24.40 ?  75  GLU A O   1 
ATOM   220  C  CB  . GLU A 1 61  ? -4.148  2.957   6.218   1.00 24.46 ?  75  GLU A CB  1 
ATOM   221  C  CG  . GLU A 1 61  ? -5.203  1.856   6.234   1.00 27.44 ?  75  GLU A CG  1 
ATOM   222  C  CD  . GLU A 1 61  ? -5.435  1.278   7.631   1.00 27.62 ?  75  GLU A CD  1 
ATOM   223  O  OE1 . GLU A 1 61  ? -4.966  1.878   8.621   1.00 27.69 ?  75  GLU A OE1 1 
ATOM   224  O  OE2 . GLU A 1 61  ? -6.097  0.221   7.726   1.00 29.11 -1 75  GLU A OE2 1 
ATOM   225  N  N   . LEU A 1 62  ? -3.474  5.806   5.117   1.00 24.36 ?  76  LEU A N   1 
ATOM   226  C  CA  . LEU A 1 62  ? -2.658  6.971   5.443   1.00 24.28 ?  76  LEU A CA  1 
ATOM   227  C  C   . LEU A 1 62  ? -3.524  8.008   6.142   1.00 21.88 ?  76  LEU A C   1 
ATOM   228  O  O   . LEU A 1 62  ? -4.756  7.952   6.102   1.00 25.01 ?  76  LEU A O   1 
ATOM   229  C  CB  . LEU A 1 62  ? -1.973  7.550   4.195   1.00 24.78 ?  76  LEU A CB  1 
ATOM   230  C  CG  . LEU A 1 62  ? -2.828  8.030   3.001   1.00 27.76 ?  76  LEU A CG  1 
ATOM   231  C  CD1 . LEU A 1 62  ? -3.664  9.232   3.358   1.00 28.33 ?  76  LEU A CD1 1 
ATOM   232  C  CD2 . LEU A 1 62  ? -1.948  8.336   1.783   1.00 25.01 ?  76  LEU A CD2 1 
ATOM   233  N  N   . TYR A 1 63  ? -2.853  8.944   6.797   1.00 27.40 ?  77  TYR A N   1 
ATOM   234  C  CA  . TYR A 1 63  ? -3.491  10.088  7.433   1.00 29.41 ?  77  TYR A CA  1 
ATOM   235  C  C   . TYR A 1 63  ? -3.043  11.363  6.739   1.00 28.16 ?  77  TYR A C   1 
ATOM   236  O  O   . TYR A 1 63  ? -1.890  11.470  6.327   1.00 27.03 ?  77  TYR A O   1 
ATOM   237  C  CB  . TYR A 1 63  ? -3.122  10.178  8.917   1.00 30.67 ?  77  TYR A CB  1 
ATOM   238  C  CG  . TYR A 1 63  ? -3.713  9.082   9.763   1.00 32.33 ?  77  TYR A CG  1 
ATOM   239  C  CD1 . TYR A 1 63  ? -4.953  9.244   10.366  1.00 32.13 ?  77  TYR A CD1 1 
ATOM   240  C  CD2 . TYR A 1 63  ? -3.036  7.886   9.962   1.00 32.08 ?  77  TYR A CD2 1 
ATOM   241  C  CE1 . TYR A 1 63  ? -5.499  8.258   11.150  1.00 36.63 ?  77  TYR A CE1 1 
ATOM   242  C  CE2 . TYR A 1 63  ? -3.583  6.889   10.748  1.00 31.03 ?  77  TYR A CE2 1 
ATOM   243  C  CZ  . TYR A 1 63  ? -4.808  7.078   11.339  1.00 34.06 ?  77  TYR A CZ  1 
ATOM   244  O  OH  . TYR A 1 63  ? -5.369  6.093   12.134  1.00 34.04 ?  77  TYR A OH  1 
ATOM   245  N  N   . THR A 1 64  ? -3.951  12.326  6.611   1.00 30.30 ?  78  THR A N   1 
ATOM   246  C  CA  . THR A 1 64  ? -3.572  13.681  6.229   1.00 36.37 ?  78  THR A CA  1 
ATOM   247  C  C   . THR A 1 64  ? -3.552  14.573  7.469   1.00 38.01 ?  78  THR A C   1 
ATOM   248  O  O   . THR A 1 64  ? -4.268  14.323  8.442   1.00 39.96 ?  78  THR A O   1 
ATOM   249  C  CB  . THR A 1 64  ? -4.532  14.257  5.180   1.00 36.27 ?  78  THR A CB  1 
ATOM   250  O  OG1 . THR A 1 64  ? -5.882  14.118  5.641   1.00 37.64 ?  78  THR A OG1 1 
ATOM   251  C  CG2 . THR A 1 64  ? -4.370  13.529  3.841   1.00 32.55 ?  78  THR A CG2 1 
ATOM   252  N  N   . LYS A 1 65  ? -2.707  15.611  7.425   1.00 40.75 ?  79  LYS A N   1 
ATOM   253  C  CA  . LYS A 1 65  ? -2.548  16.522  8.562   1.00 49.26 ?  79  LYS A CA  1 
ATOM   254  C  C   . LYS A 1 65  ? -3.882  17.081  9.041   1.00 49.95 ?  79  LYS A C   1 
ATOM   255  O  O   . LYS A 1 65  ? -4.044  17.380  10.230  1.00 50.10 ?  79  LYS A O   1 
ATOM   256  C  CB  . LYS A 1 65  ? -1.611  17.673  8.177   1.00 47.73 ?  79  LYS A CB  1 
ATOM   257  C  CG  . LYS A 1 65  ? -0.270  17.697  8.911   1.00 55.63 ?  79  LYS A CG  1 
ATOM   258  C  CD  . LYS A 1 65  ? -0.412  18.276  10.330  1.00 68.07 ?  79  LYS A CD  1 
ATOM   259  C  CE  . LYS A 1 65  ? 0.926   18.372  11.074  1.00 66.81 ?  79  LYS A CE  1 
ATOM   260  N  NZ  . LYS A 1 65  ? 1.510   17.035  11.396  1.00 66.56 ?  79  LYS A NZ  1 
ATOM   261  N  N   . THR A 1 66  ? -4.847  17.205  8.136   1.00 49.96 ?  80  THR A N   1 
ATOM   262  C  CA  . THR A 1 66  ? -6.096  17.905  8.374   1.00 49.75 ?  80  THR A CA  1 
ATOM   263  C  C   . THR A 1 66  ? -7.167  17.047  9.036   1.00 56.39 ?  80  THR A C   1 
ATOM   264  O  O   . THR A 1 66  ? -8.153  17.603  9.533   1.00 59.33 ?  80  THR A O   1 
ATOM   265  C  CB  . THR A 1 66  ? -6.637  18.457  7.043   1.00 55.65 ?  80  THR A CB  1 
ATOM   266  O  OG1 . THR A 1 66  ? -7.033  17.374  6.185   1.00 57.98 ?  80  THR A OG1 1 
ATOM   267  C  CG2 . THR A 1 66  ? -5.564  19.271  6.342   1.00 53.82 ?  80  THR A CG2 1 
ATOM   268  N  N   . SER A 1 67  ? -7.017  15.722  9.064   1.00 49.39 ?  81  SER A N   1 
ATOM   269  C  CA  . SER A 1 67  ? -8.093  14.862  9.533   1.00 47.33 ?  81  SER A CA  1 
ATOM   270  C  C   . SER A 1 67  ? -7.551  13.748  10.412  1.00 48.82 ?  81  SER A C   1 
ATOM   271  O  O   . SER A 1 67  ? -6.515  13.148  10.108  1.00 49.21 ?  81  SER A O   1 
ATOM   272  C  CB  . SER A 1 67  ? -8.877  14.245  8.367   1.00 45.86 ?  81  SER A CB  1 
ATOM   273  O  OG  . SER A 1 67  ? -9.903  13.395  8.866   1.00 49.29 ?  81  SER A OG  1 
ATOM   274  N  N   . GLU A 1 68  ? -8.280  13.465  11.494  1.00 44.74 ?  82  GLU A N   1 
ATOM   275  C  CA  . GLU A 1 68  ? -7.933  12.383  12.403  1.00 44.74 ?  82  GLU A CA  1 
ATOM   276  C  C   . GLU A 1 68  ? -8.462  11.031  11.939  1.00 38.89 ?  82  GLU A C   1 
ATOM   277  O  O   . GLU A 1 68  ? -8.134  10.012  12.559  1.00 39.80 ?  82  GLU A O   1 
ATOM   278  C  CB  . GLU A 1 68  ? -8.470  12.685  13.811  1.00 46.28 ?  82  GLU A CB  1 
ATOM   279  C  CG  . GLU A 1 68  ? -7.903  13.941  14.454  1.00 53.05 ?  82  GLU A CG  1 
ATOM   280  C  CD  . GLU A 1 68  ? -6.383  13.966  14.443  1.00 59.83 ?  82  GLU A CD  1 
ATOM   281  O  OE1 . GLU A 1 68  ? -5.798  14.662  13.574  1.00 61.29 ?  82  GLU A OE1 1 
ATOM   282  O  OE2 . GLU A 1 68  ? -5.772  13.276  15.293  1.00 60.33 -1 82  GLU A OE2 1 
ATOM   283  N  N   . LYS A 1 69  ? -9.280  11.001  10.891  1.00 34.37 ?  83  LYS A N   1 
ATOM   284  C  CA  . LYS A 1 69  ? -9.855  9.765   10.379  1.00 36.13 ?  83  LYS A CA  1 
ATOM   285  C  C   . LYS A 1 69  ? -8.933  9.171   9.317   1.00 39.52 ?  83  LYS A C   1 
ATOM   286  O  O   . LYS A 1 69  ? -8.546  9.856   8.357   1.00 31.71 ?  83  LYS A O   1 
ATOM   287  C  CB  . LYS A 1 69  ? -11.246 10.024  9.800   1.00 38.29 ?  83  LYS A CB  1 
ATOM   288  C  CG  . LYS A 1 69  ? -12.045 8.779   9.484   1.00 40.02 ?  83  LYS A CG  1 
ATOM   289  C  CD  . LYS A 1 69  ? -13.455 9.131   9.022   1.00 46.51 ?  83  LYS A CD  1 
ATOM   290  C  CE  . LYS A 1 69  ? -14.296 7.883   8.796   1.00 59.36 ?  83  LYS A CE  1 
ATOM   291  N  NZ  . LYS A 1 69  ? -15.757 8.206   8.768   1.00 60.08 ?  83  LYS A NZ  1 
ATOM   292  N  N   . VAL A 1 70  ? -8.575  7.897   9.500   1.00 35.75 ?  84  VAL A N   1 
ATOM   293  C  CA  . VAL A 1 70  ? -7.679  7.240   8.558   1.00 30.85 ?  84  VAL A CA  1 
ATOM   294  C  C   . VAL A 1 70  ? -8.351  7.159   7.193   1.00 31.00 ?  84  VAL A C   1 
ATOM   295  O  O   . VAL A 1 70  ? -9.581  7.053   7.084   1.00 33.14 ?  84  VAL A O   1 
ATOM   296  C  CB  . VAL A 1 70  ? -7.291  5.840   9.059   1.00 30.34 ?  84  VAL A CB  1 
ATOM   297  C  CG1 . VAL A 1 70  ? -8.505  4.922   9.033   1.00 30.76 ?  84  VAL A CG1 1 
ATOM   298  C  CG2 . VAL A 1 70  ? -6.154  5.278   8.231   1.00 26.34 ?  84  VAL A CG2 1 
ATOM   299  N  N   . LYS A 1 71  ? -7.537  7.201   6.143   1.00 29.88 ?  85  LYS A N   1 
ATOM   300  C  CA  . LYS A 1 71  ? -7.987  6.985   4.771   1.00 28.79 ?  85  LYS A CA  1 
ATOM   301  C  C   . LYS A 1 71  ? -7.491  5.618   4.305   1.00 24.18 ?  85  LYS A C   1 
ATOM   302  O  O   . LYS A 1 71  ? -6.286  5.368   4.288   1.00 26.39 ?  85  LYS A O   1 
ATOM   303  C  CB  . LYS A 1 71  ? -7.472  8.090   3.847   1.00 32.29 ?  85  LYS A CB  1 
ATOM   304  C  CG  . LYS A 1 71  ? -8.067  9.468   4.135   1.00 31.47 ?  85  LYS A CG  1 
ATOM   305  C  CD  . LYS A 1 71  ? -7.211  10.611  3.582   1.00 37.93 ?  85  LYS A CD  1 
ATOM   306  C  CE  . LYS A 1 71  ? -7.944  11.972  3.697   1.00 37.36 ?  85  LYS A CE  1 
ATOM   307  N  NZ  . LYS A 1 71  ? -8.382  12.260  5.093   1.00 34.68 ?  85  LYS A NZ  1 
ATOM   308  N  N   . ASN A 1 72  ? -8.432  4.758   3.930   1.00 24.06 ?  86  ASN A N   1 
ATOM   309  C  CA  . ASN A 1 72  ? -8.191  3.384   3.526   1.00 24.27 ?  86  ASN A CA  1 
ATOM   310  C  C   . ASN A 1 72  ? -8.185  3.299   2.009   1.00 28.04 ?  86  ASN A C   1 
ATOM   311  O  O   . ASN A 1 72  ? -8.983  3.975   1.350   1.00 26.53 ?  86  ASN A O   1 
ATOM   312  C  CB  . ASN A 1 72  ? -9.294  2.479   4.072   1.00 23.56 ?  86  ASN A CB  1 
ATOM   313  C  CG  . ASN A 1 72  ? -9.342  2.480   5.591   1.00 31.58 ?  86  ASN A CG  1 
ATOM   314  O  OD1 . ASN A 1 72  ? -8.300  2.361   6.245   1.00 31.00 ?  86  ASN A OD1 1 
ATOM   315  N  ND2 . ASN A 1 72  ? -10.538 2.628   6.158   1.00 30.44 ?  86  ASN A ND2 1 
ATOM   316  N  N   . PHE A 1 73  ? -7.323  2.438   1.469   1.00 23.70 ?  87  PHE A N   1 
ATOM   317  C  CA  . PHE A 1 73  ? -7.151  2.242   0.035   1.00 23.51 ?  87  PHE A CA  1 
ATOM   318  C  C   . PHE A 1 73  ? -7.174  0.760   -0.305  1.00 26.76 ?  87  PHE A C   1 
ATOM   319  O  O   . PHE A 1 73  ? -6.626  -0.072  0.446   1.00 27.07 ?  87  PHE A O   1 
ATOM   320  C  CB  . PHE A 1 73  ? -5.834  2.879   -0.420  1.00 25.76 ?  87  PHE A CB  1 
ATOM   321  C  CG  . PHE A 1 73  ? -5.825  4.371   -0.258  1.00 26.66 ?  87  PHE A CG  1 
ATOM   322  C  CD1 . PHE A 1 73  ? -5.497  4.950   0.962   1.00 27.25 ?  87  PHE A CD1 1 
ATOM   323  C  CD2 . PHE A 1 73  ? -6.220  5.194   -1.306  1.00 25.52 ?  87  PHE A CD2 1 
ATOM   324  C  CE1 . PHE A 1 73  ? -5.502  6.352   1.117   1.00 25.46 ?  87  PHE A CE1 1 
ATOM   325  C  CE2 . PHE A 1 73  ? -6.240  6.584   -1.152  1.00 26.05 ?  87  PHE A CE2 1 
ATOM   326  C  CZ  . PHE A 1 73  ? -5.878  7.158   0.066   1.00 26.93 ?  87  PHE A CZ  1 
ATOM   327  N  N   . CYS A 1 74  ? -7.779  0.461   -1.471  1.00 26.73 ?  88  CYS A N   1 
ATOM   328  C  CA  . CYS A 1 74  ? -7.985  -0.885  -2.007  1.00 24.05 ?  88  CYS A CA  1 
ATOM   329  C  C   . CYS A 1 74  ? -6.700  -1.562  -2.446  1.00 25.35 ?  88  CYS A C   1 
ATOM   330  O  O   . CYS A 1 74  ? -6.713  -2.780  -2.692  1.00 24.66 ?  88  CYS A O   1 
ATOM   331  C  CB  . CYS A 1 74  ? -8.941  -0.830  -3.209  1.00 25.57 ?  88  CYS A CB  1 
ATOM   332  S  SG  . CYS A 1 74  ? -8.165  -0.096  -4.717  1.00 25.62 ?  88  CYS A SG  1 
ATOM   333  N  N   . SER A 1 75  ? -5.601  -0.820  -2.554  1.00 23.95 ?  89  SER A N   1 
ATOM   334  C  CA  . SER A 1 75  ? -4.378  -1.325  -3.166  1.00 24.56 ?  89  SER A CA  1 
ATOM   335  C  C   . SER A 1 75  ? -3.263  -0.343  -2.863  1.00 25.07 ?  89  SER A C   1 
ATOM   336  O  O   . SER A 1 75  ? -3.521  0.846   -2.654  1.00 23.67 ?  89  SER A O   1 
ATOM   337  C  CB  . SER A 1 75  ? -4.536  -1.469  -4.695  1.00 23.97 ?  89  SER A CB  1 
ATOM   338  O  OG  . SER A 1 75  ? -4.939  -0.216  -5.262  1.00 27.69 ?  89  SER A OG  1 
ATOM   339  N  N   . THR A 1 76  ? -2.024  -0.843  -2.847  1.00 25.80 ?  90  THR A N   1 
ATOM   340  C  CA  . THR A 1 76  ? -0.888  0.072   -2.839  1.00 26.14 ?  90  THR A CA  1 
ATOM   341  C  C   . THR A 1 76  ? -0.883  0.971   -4.081  1.00 27.22 ?  90  THR A C   1 
ATOM   342  O  O   . THR A 1 76  ? -0.450  2.129   -4.014  1.00 23.64 ?  90  THR A O   1 
ATOM   343  C  CB  . THR A 1 76  ? 0.412   -0.725  -2.727  1.00 24.41 ?  90  THR A CB  1 
ATOM   344  O  OG1 . THR A 1 76  ? 0.416   -1.756  -3.722  1.00 23.52 ?  90  THR A OG1 1 
ATOM   345  C  CG2 . THR A 1 76  ? 0.508   -1.360  -1.337  1.00 23.51 ?  90  THR A CG2 1 
ATOM   346  N  N   . ARG A 1 77  ? -1.392  0.474   -5.211  1.00 26.49 ?  91  ARG A N   1 
ATOM   347  C  CA  . ARG A 1 77  ? -1.525  1.309   -6.405  1.00 28.99 ?  91  ARG A CA  1 
ATOM   348  C  C   . ARG A 1 77  ? -2.278  2.614   -6.112  1.00 28.26 ?  91  ARG A C   1 
ATOM   349  O  O   . ARG A 1 77  ? -1.787  3.714   -6.412  1.00 24.73 ?  91  ARG A O   1 
ATOM   350  C  CB  . ARG A 1 77  ? -2.238  0.516   -7.511  1.00 28.95 ?  91  ARG A CB  1 
ATOM   351  C  CG  . ARG A 1 77  ? -2.310  1.236   -8.834  1.00 35.26 ?  91  ARG A CG  1 
ATOM   352  C  CD  . ARG A 1 77  ? -3.363  0.578   -9.743  1.00 43.03 ?  91  ARG A CD  1 
ATOM   353  N  NE  . ARG A 1 77  ? -3.480  1.214   -11.051 1.00 44.49 ?  91  ARG A NE  1 
ATOM   354  C  CZ  . ARG A 1 77  ? -3.259  0.595   -12.210 1.00 50.29 ?  91  ARG A CZ  1 
ATOM   355  N  NH1 . ARG A 1 77  ? -2.914  -0.688  -12.234 1.00 43.16 ?  91  ARG A NH1 1 
ATOM   356  N  NH2 . ARG A 1 77  ? -3.390  1.260   -13.351 1.00 53.29 ?  91  ARG A NH2 1 
ATOM   357  N  N   . ASP A 1 78  ? -3.498  2.503   -5.565  1.00 23.98 ?  92  ASP A N   1 
ATOM   358  C  CA  . ASP A 1 78  ? -4.317  3.685   -5.305  1.00 26.72 ?  92  ASP A CA  1 
ATOM   359  C  C   . ASP A 1 78  ? -3.762  4.530   -4.165  1.00 28.05 ?  92  ASP A C   1 
ATOM   360  O  O   . ASP A 1 78  ? -3.896  5.763   -4.192  1.00 26.57 ?  92  ASP A O   1 
ATOM   361  C  CB  . ASP A 1 78  ? -5.761  3.292   -4.995  1.00 24.03 ?  92  ASP A CB  1 
ATOM   362  C  CG  . ASP A 1 78  ? -6.574  3.022   -6.264  1.00 30.30 ?  92  ASP A CG  1 
ATOM   363  O  OD1 . ASP A 1 78  ? -5.964  2.909   -7.343  1.00 27.24 ?  92  ASP A OD1 1 
ATOM   364  O  OD2 . ASP A 1 78  ? -7.814  2.949   -6.188  1.00 27.41 -1 92  ASP A OD2 1 
ATOM   365  N  N   . LEU A 1 79  ? -3.158  3.890   -3.158  1.00 23.38 ?  93  LEU A N   1 
ATOM   366  C  CA  . LEU A 1 79  ? -2.462  4.632   -2.107  1.00 25.64 ?  93  LEU A CA  1 
ATOM   367  C  C   . LEU A 1 79  ? -1.419  5.581   -2.698  1.00 26.29 ?  93  LEU A C   1 
ATOM   368  O  O   . LEU A 1 79  ? -1.386  6.778   -2.378  1.00 25.81 ?  93  LEU A O   1 
ATOM   369  C  CB  . LEU A 1 79  ? -1.786  3.654   -1.141  1.00 23.10 ?  93  LEU A CB  1 
ATOM   370  C  CG  . LEU A 1 79  ? -0.997  4.261   0.010   1.00 25.57 ?  93  LEU A CG  1 
ATOM   371  C  CD1 . LEU A 1 79  ? -1.955  4.737   1.118   1.00 23.39 ?  93  LEU A CD1 1 
ATOM   372  C  CD2 . LEU A 1 79  ? 0.022   3.273   0.548   1.00 24.73 ?  93  LEU A CD2 1 
ATOM   373  N  N   . PHE A 1 80  ? -0.551  5.054   -3.572  1.00 26.74 ?  94  PHE A N   1 
ATOM   374  C  CA  . PHE A 1 80  ? 0.488   5.909   -4.143  1.00 28.79 ?  94  PHE A CA  1 
ATOM   375  C  C   . PHE A 1 80  ? -0.090  6.941   -5.102  1.00 32.10 ?  94  PHE A C   1 
ATOM   376  O  O   . PHE A 1 80  ? 0.398   8.077   -5.146  1.00 30.13 ?  94  PHE A O   1 
ATOM   377  C  CB  . PHE A 1 80  ? 1.555   5.079   -4.846  1.00 27.48 ?  94  PHE A CB  1 
ATOM   378  C  CG  . PHE A 1 80  ? 2.596   4.562   -3.920  1.00 29.00 ?  94  PHE A CG  1 
ATOM   379  C  CD1 . PHE A 1 80  ? 3.635   5.381   -3.506  1.00 28.71 ?  94  PHE A CD1 1 
ATOM   380  C  CD2 . PHE A 1 80  ? 2.511   3.270   -3.417  1.00 27.26 ?  94  PHE A CD2 1 
ATOM   381  C  CE1 . PHE A 1 80  ? 4.603   4.904   -2.626  1.00 27.96 ?  94  PHE A CE1 1 
ATOM   382  C  CE2 . PHE A 1 80  ? 3.460   2.788   -2.543  1.00 27.29 ?  94  PHE A CE2 1 
ATOM   383  C  CZ  . PHE A 1 80  ? 4.512   3.606   -2.143  1.00 28.93 ?  94  PHE A CZ  1 
ATOM   384  N  N   . SER A 1 81  ? -1.108  6.564   -5.895  1.00 29.30 ?  95  SER A N   1 
ATOM   385  C  CA  . SER A 1 81  ? -1.768  7.553   -6.743  1.00 31.33 ?  95  SER A CA  1 
ATOM   386  C  C   . SER A 1 81  ? -2.257  8.746   -5.929  1.00 35.00 ?  95  SER A C   1 
ATOM   387  O  O   . SER A 1 81  ? -2.128  9.898   -6.361  1.00 33.24 ?  95  SER A O   1 
ATOM   388  C  CB  . SER A 1 81  ? -2.950  6.929   -7.490  1.00 31.11 ?  95  SER A CB  1 
ATOM   389  O  OG  . SER A 1 81  ? -2.514  5.847   -8.285  1.00 41.64 ?  95  SER A OG  1 
ATOM   390  N  N   . PHE A 1 82  ? -2.849  8.487   -4.761  1.00 28.49 ?  96  PHE A N   1 
ATOM   391  C  CA  . PHE A 1 82  ? -3.358  9.575   -3.933  1.00 29.47 ?  96  PHE A CA  1 
ATOM   392  C  C   . PHE A 1 82  ? -2.220  10.403  -3.341  1.00 34.41 ?  96  PHE A C   1 
ATOM   393  O  O   . PHE A 1 82  ? -2.231  11.641  -3.424  1.00 31.66 ?  96  PHE A O   1 
ATOM   394  C  CB  . PHE A 1 82  ? -4.246  9.022   -2.825  1.00 28.22 ?  96  PHE A CB  1 
ATOM   395  C  CG  . PHE A 1 82  ? -4.805  10.074  -1.911  1.00 31.02 ?  96  PHE A CG  1 
ATOM   396  C  CD1 . PHE A 1 82  ? -4.084  10.501  -0.797  1.00 30.41 ?  96  PHE A CD1 1 
ATOM   397  C  CD2 . PHE A 1 82  ? -6.049  10.643  -2.165  1.00 27.61 ?  96  PHE A CD2 1 
ATOM   398  C  CE1 . PHE A 1 82  ? -4.604  11.484  0.053   1.00 31.26 ?  96  PHE A CE1 1 
ATOM   399  C  CE2 . PHE A 1 82  ? -6.580  11.609  -1.314  1.00 31.28 ?  96  PHE A CE2 1 
ATOM   400  C  CZ  . PHE A 1 82  ? -5.861  12.030  -0.206  1.00 30.06 ?  96  PHE A CZ  1 
ATOM   401  N  N   . LEU A 1 83  ? -1.237  9.745   -2.719  1.00 27.54 ?  97  LEU A N   1 
ATOM   402  C  CA  . LEU A 1 83  ? -0.225  10.508  -1.993  1.00 29.58 ?  97  LEU A CA  1 
ATOM   403  C  C   . LEU A 1 83  ? 0.755   11.221  -2.920  1.00 30.68 ?  97  LEU A C   1 
ATOM   404  O  O   . LEU A 1 83  ? 1.465   12.119  -2.462  1.00 33.95 ?  97  LEU A O   1 
ATOM   405  C  CB  . LEU A 1 83  ? 0.551   9.612   -1.017  1.00 27.38 ?  97  LEU A CB  1 
ATOM   406  C  CG  . LEU A 1 83  ? 1.586   8.605   -1.525  1.00 30.65 ?  97  LEU A CG  1 
ATOM   407  C  CD1 . LEU A 1 83  ? 2.976   9.218   -1.708  1.00 28.79 ?  97  LEU A CD1 1 
ATOM   408  C  CD2 . LEU A 1 83  ? 1.650   7.395   -0.566  1.00 26.55 ?  97  LEU A CD2 1 
ATOM   409  N  N   . LEU A 1 84  ? 0.814   10.853  -4.200  1.00 31.82 ?  98  LEU A N   1 
ATOM   410  C  CA  . LEU A 1 84  ? 1.663   11.565  -5.149  1.00 32.26 ?  98  LEU A CA  1 
ATOM   411  C  C   . LEU A 1 84  ? 0.940   12.700  -5.871  1.00 34.31 ?  98  LEU A C   1 
ATOM   412  O  O   . LEU A 1 84  ? 1.587   13.478  -6.575  1.00 37.64 ?  98  LEU A O   1 
ATOM   413  C  CB  . LEU A 1 84  ? 2.233   10.589  -6.179  1.00 29.60 ?  98  LEU A CB  1 
ATOM   414  C  CG  . LEU A 1 84  ? 3.286   9.617   -5.651  1.00 32.36 ?  98  LEU A CG  1 
ATOM   415  C  CD1 . LEU A 1 84  ? 3.648   8.618   -6.740  1.00 36.99 ?  98  LEU A CD1 1 
ATOM   416  C  CD2 . LEU A 1 84  ? 4.541   10.361  -5.179  1.00 34.38 ?  98  LEU A CD2 1 
ATOM   417  N  N   . ASP A 1 85  ? -0.365  12.793  -5.738  1.00 32.87 ?  99  ASP A N   1 
ATOM   418  C  CA  . ASP A 1 85  ? -1.149  13.867  -6.334  1.00 32.32 ?  99  ASP A CA  1 
ATOM   419  C  C   . ASP A 1 85  ? -0.754  15.215  -5.711  1.00 33.76 ?  99  ASP A C   1 
ATOM   420  O  O   . ASP A 1 85  ? -0.836  15.366  -4.481  1.00 32.04 ?  99  ASP A O   1 
ATOM   421  C  CB  . ASP A 1 85  ? -2.625  13.550  -6.095  1.00 29.95 ?  99  ASP A CB  1 
ATOM   422  C  CG  . ASP A 1 85  ? -3.569  14.597  -6.662  1.00 38.30 ?  99  ASP A CG  1 
ATOM   423  O  OD1 . ASP A 1 85  ? -3.130  15.736  -6.954  1.00 38.28 ?  99  ASP A OD1 1 
ATOM   424  O  OD2 . ASP A 1 85  ? -4.767  14.275  -6.797  1.00 41.33 -1 99  ASP A OD2 1 
ATOM   425  N  N   . PRO A 1 86  ? -0.331  16.206  -6.508  1.00 34.36 ?  100 PRO A N   1 
ATOM   426  C  CA  . PRO A 1 86  ? 0.081   17.506  -5.930  1.00 34.39 ?  100 PRO A CA  1 
ATOM   427  C  C   . PRO A 1 86  ? -0.921  18.113  -4.968  1.00 33.57 ?  100 PRO A C   1 
ATOM   428  O  O   . PRO A 1 86  ? -0.521  18.829  -4.037  1.00 36.16 ?  100 PRO A O   1 
ATOM   429  C  CB  . PRO A 1 86  ? 0.269   18.399  -7.167  1.00 33.56 ?  100 PRO A CB  1 
ATOM   430  C  CG  . PRO A 1 86  ? 0.509   17.452  -8.302  1.00 36.34 ?  100 PRO A CG  1 
ATOM   431  C  CD  . PRO A 1 86  ? -0.247  16.189  -7.977  1.00 34.78 ?  100 PRO A CD  1 
ATOM   432  N  N   . GLU A 1 87  ? -2.219  17.864  -5.148  1.00 31.96 ?  101 GLU A N   1 
ATOM   433  C  CA  . GLU A 1 87  ? -3.179  18.417  -4.202  1.00 32.76 ?  101 GLU A CA  1 
ATOM   434  C  C   . GLU A 1 87  ? -2.996  17.879  -2.779  1.00 38.78 ?  101 GLU A C   1 
ATOM   435  O  O   . GLU A 1 87  ? -3.413  18.544  -1.821  1.00 35.39 ?  101 GLU A O   1 
ATOM   436  C  CB  . GLU A 1 87  ? -4.612  18.146  -4.666  1.00 37.70 ?  101 GLU A CB  1 
ATOM   437  C  CG  . GLU A 1 87  ? -5.642  18.670  -3.675  1.00 40.85 ?  101 GLU A CG  1 
ATOM   438  C  CD  . GLU A 1 87  ? -7.082  18.500  -4.140  1.00 42.26 ?  101 GLU A CD  1 
ATOM   439  O  OE1 . GLU A 1 87  ? -7.310  18.067  -5.294  1.00 44.32 ?  101 GLU A OE1 1 
ATOM   440  O  OE2 . GLU A 1 87  ? -7.986  18.798  -3.330  1.00 47.05 -1 101 GLU A OE2 1 
ATOM   441  N  N   . TYR A 1 88  ? -2.386  16.701  -2.610  1.00 32.49 ?  102 TYR A N   1 
ATOM   442  C  CA  . TYR A 1 88  ? -2.319  16.056  -1.300  1.00 36.05 ?  102 TYR A CA  1 
ATOM   443  C  C   . TYR A 1 88  ? -0.908  15.772  -0.823  1.00 31.40 ?  102 TYR A C   1 
ATOM   444  O  O   . TYR A 1 88  ? -0.732  15.406  0.344   1.00 35.72 ?  102 TYR A O   1 
ATOM   445  C  CB  . TYR A 1 88  ? -3.087  14.723  -1.308  1.00 34.14 ?  102 TYR A CB  1 
ATOM   446  C  CG  . TYR A 1 88  ? -4.518  14.835  -1.778  1.00 32.50 ?  102 TYR A CG  1 
ATOM   447  C  CD1 . TYR A 1 88  ? -5.464  15.483  -1.006  1.00 35.45 ?  102 TYR A CD1 1 
ATOM   448  C  CD2 . TYR A 1 88  ? -4.924  14.272  -2.979  1.00 33.24 ?  102 TYR A CD2 1 
ATOM   449  C  CE1 . TYR A 1 88  ? -6.771  15.590  -1.413  1.00 39.06 ?  102 TYR A CE1 1 
ATOM   450  C  CE2 . TYR A 1 88  ? -6.257  14.371  -3.408  1.00 39.62 ?  102 TYR A CE2 1 
ATOM   451  C  CZ  . TYR A 1 88  ? -7.171  15.038  -2.608  1.00 43.05 ?  102 TYR A CZ  1 
ATOM   452  O  OH  . TYR A 1 88  ? -8.493  15.157  -2.991  1.00 44.51 ?  102 TYR A OH  1 
ATOM   453  N  N   . VAL A 1 89  ? 0.096   15.936  -1.680  1.00 30.05 ?  103 VAL A N   1 
ATOM   454  C  CA  . VAL A 1 89  ? 1.425   15.424  -1.380  1.00 33.94 ?  103 VAL A CA  1 
ATOM   455  C  C   . VAL A 1 89  ? 1.966   15.973  -0.061  1.00 38.73 ?  103 VAL A C   1 
ATOM   456  O  O   . VAL A 1 89  ? 2.676   15.260  0.661   1.00 40.36 ?  103 VAL A O   1 
ATOM   457  C  CB  . VAL A 1 89  ? 2.370   15.723  -2.557  1.00 36.71 ?  103 VAL A CB  1 
ATOM   458  C  CG1 . VAL A 1 89  ? 2.555   17.231  -2.729  1.00 36.21 ?  103 VAL A CG1 1 
ATOM   459  C  CG2 . VAL A 1 89  ? 3.685   15.023  -2.357  1.00 37.45 ?  103 VAL A CG2 1 
ATOM   460  N  N   . HIS A 1 90  ? 1.646   17.226  0.282   1.00 34.10 ?  104 HIS A N   1 
ATOM   461  C  CA  . HIS A 1 90  ? 2.109   17.829  1.533   1.00 34.25 ?  104 HIS A CA  1 
ATOM   462  C  C   . HIS A 1 90  ? 1.201   17.545  2.710   1.00 31.92 ?  104 HIS A C   1 
ATOM   463  O  O   . HIS A 1 90  ? 1.600   17.788  3.850   1.00 34.81 ?  104 HIS A O   1 
ATOM   464  C  CB  . HIS A 1 90  ? 2.211   19.352  1.409   1.00 37.04 ?  104 HIS A CB  1 
ATOM   465  C  CG  . HIS A 1 90  ? 3.110   19.790  0.311   1.00 31.50 ?  104 HIS A CG  1 
ATOM   466  N  ND1 . HIS A 1 90  ? 4.428   19.402  0.244   1.00 30.70 ?  104 HIS A ND1 1 
ATOM   467  C  CD2 . HIS A 1 90  ? 2.875   20.542  -0.791  1.00 34.49 ?  104 HIS A CD2 1 
ATOM   468  C  CE1 . HIS A 1 90  ? 4.978   19.912  -0.843  1.00 36.31 ?  104 HIS A CE1 1 
ATOM   469  N  NE2 . HIS A 1 90  ? 4.059   20.613  -1.483  1.00 33.15 ?  104 HIS A NE2 1 
ATOM   470  N  N   . GLN A 1 91  ? -0.026  17.124  2.459   1.00 28.75 ?  105 GLN A N   1 
ATOM   471  C  CA  A GLN A 1 91  ? -0.935  16.855  3.556   0.56 33.98 ?  105 GLN A CA  1 
ATOM   472  C  CA  B GLN A 1 91  ? -0.977  16.832  3.522   0.44 33.98 ?  105 GLN A CA  1 
ATOM   473  C  C   . GLN A 1 91  ? -0.740  15.473  4.171   1.00 35.05 ?  105 GLN A C   1 
ATOM   474  O  O   . GLN A 1 91  ? -1.218  15.243  5.290   1.00 34.36 ?  105 GLN A O   1 
ATOM   475  C  CB  A GLN A 1 91  ? -2.369  17.037  3.070   0.56 35.50 ?  105 GLN A CB  1 
ATOM   476  C  CB  B GLN A 1 91  ? -2.409  16.877  2.975   0.44 35.40 ?  105 GLN A CB  1 
ATOM   477  C  CG  A GLN A 1 91  ? -2.638  18.477  2.639   0.56 36.44 ?  105 GLN A CG  1 
ATOM   478  C  CG  B GLN A 1 91  ? -2.820  18.176  2.261   0.44 36.71 ?  105 GLN A CG  1 
ATOM   479  C  CD  A GLN A 1 91  ? -2.146  19.451  3.681   0.56 36.11 ?  105 GLN A CD  1 
ATOM   480  C  CD  B GLN A 1 91  ? -4.263  18.126  1.769   0.44 36.74 ?  105 GLN A CD  1 
ATOM   481  O  OE1 A GLN A 1 91  ? -2.688  19.511  4.784   0.56 41.81 ?  105 GLN A OE1 1 
ATOM   482  O  OE1 B GLN A 1 91  ? -5.137  17.559  2.430   0.44 41.22 ?  105 GLN A OE1 1 
ATOM   483  N  NE2 A GLN A 1 91  ? -1.092  20.190  3.358   0.56 34.25 ?  105 GLN A NE2 1 
ATOM   484  N  NE2 B GLN A 1 91  ? -4.514  18.701  0.597   0.44 39.34 ?  105 GLN A NE2 1 
ATOM   485  N  N   . VAL A 1 92  ? -0.022  14.571  3.499   1.00 34.22 ?  106 VAL A N   1 
ATOM   486  C  CA  . VAL A 1 92  ? 0.057   13.167  3.909   1.00 31.55 ?  106 VAL A CA  1 
ATOM   487  C  C   . VAL A 1 92  ? 1.128   12.996  4.976   1.00 29.27 ?  106 VAL A C   1 
ATOM   488  O  O   . VAL A 1 92  ? 2.293   13.338  4.760   1.00 34.32 ?  106 VAL A O   1 
ATOM   489  C  CB  . VAL A 1 92  ? 0.339   12.251  2.702   1.00 31.22 ?  106 VAL A CB  1 
ATOM   490  C  CG1 . VAL A 1 92  ? 0.701   10.826  3.171   1.00 25.12 ?  106 VAL A CG1 1 
ATOM   491  C  CG2 . VAL A 1 92  ? -0.855  12.232  1.761   1.00 29.00 ?  106 VAL A CG2 1 
ATOM   492  N  N   . LYS A 1 93  ? 0.743   12.453  6.132   1.00 32.54 ?  107 LYS A N   1 
ATOM   493  C  CA  . LYS A 1 93  ? 1.773   12.189  7.123   1.00 35.33 ?  107 LYS A CA  1 
ATOM   494  C  C   . LYS A 1 93  ? 2.114   10.709  7.282   1.00 29.29 ?  107 LYS A C   1 
ATOM   495  O  O   . LYS A 1 93  ? 2.989   10.199  6.580   1.00 32.00 ?  107 LYS A O   1 
ATOM   496  C  CB  . LYS A 1 93  ? 1.295   12.752  8.466   1.00 38.46 ?  107 LYS A CB  1 
ATOM   497  C  CG  . LYS A 1 93  ? 1.212   14.276  8.502   1.00 43.69 ?  107 LYS A CG  1 
ATOM   498  C  CD  . LYS A 1 93  ? 2.580   14.907  8.209   1.00 41.08 ?  107 LYS A CD  1 
ATOM   499  C  CE  . LYS A 1 93  ? 3.678   14.379  9.147   1.00 52.44 ?  107 LYS A CE  1 
ATOM   500  N  NZ  . LYS A 1 93  ? 3.495   14.804  10.577  1.00 61.72 ?  107 LYS A NZ  1 
ATOM   501  N  N   . GLU A 1 94  ? 1.305   9.968   8.023   1.00 27.76 ?  108 GLU A N   1 
ATOM   502  C  CA  . GLU A 1 94  ? 1.624   8.565   8.264   1.00 30.35 ?  108 GLU A CA  1 
ATOM   503  C  C   . GLU A 1 94  ? 1.136   7.736   7.090   1.00 23.22 ?  108 GLU A C   1 
ATOM   504  O  O   . GLU A 1 94  ? 0.024   7.943   6.598   1.00 25.83 ?  108 GLU A O   1 
ATOM   505  C  CB  . GLU A 1 94  ? 0.976   8.060   9.561   1.00 31.72 ?  108 GLU A CB  1 
ATOM   506  C  CG  . GLU A 1 94  ? 1.595   8.632   10.838  1.00 36.03 ?  108 GLU A CG  1 
ATOM   507  C  CD  . GLU A 1 94  ? 0.920   9.924   11.289  1.00 40.31 ?  108 GLU A CD  1 
ATOM   508  O  OE1 . GLU A 1 94  ? 0.128   10.502  10.505  1.00 37.63 ?  108 GLU A OE1 1 
ATOM   509  O  OE2 . GLU A 1 94  ? 1.172   10.344  12.439  1.00 42.08 -1 108 GLU A OE2 1 
ATOM   510  N  N   . VAL A 1 95  ? 1.957   6.784   6.643   1.00 26.50 ?  109 VAL A N   1 
ATOM   511  C  CA  . VAL A 1 95  ? 1.564   5.913   5.530   1.00 26.33 ?  109 VAL A CA  1 
ATOM   512  C  C   . VAL A 1 95  ? 1.882   4.469   5.905   1.00 24.10 ?  109 VAL A C   1 
ATOM   513  O  O   . VAL A 1 95  ? 3.023   4.157   6.263   1.00 22.61 ?  109 VAL A O   1 
ATOM   514  C  CB  . VAL A 1 95  ? 2.277   6.299   4.217   1.00 25.01 ?  109 VAL A CB  1 
ATOM   515  C  CG1 . VAL A 1 95  ? 1.745   5.445   3.064   1.00 24.66 ?  109 VAL A CG1 1 
ATOM   516  C  CG2 . VAL A 1 95  ? 2.072   7.793   3.899   1.00 22.41 ?  109 VAL A CG2 1 
ATOM   517  N  N   . TYR A 1 96  ? 0.895   3.589   5.765   1.00 22.29 ?  110 TYR A N   1 
ATOM   518  C  CA  . TYR A 1 96  ? 1.027   2.185   6.151   1.00 24.39 ?  110 TYR A CA  1 
ATOM   519  C  C   . TYR A 1 96  ? 0.626   1.256   5.005   1.00 22.80 ?  110 TYR A C   1 
ATOM   520  O  O   . TYR A 1 96  ? -0.317  1.533   4.260   1.00 20.92 ?  110 TYR A O   1 
ATOM   521  C  CB  . TYR A 1 96  ? 0.146   1.884   7.371   1.00 21.05 ?  110 TYR A CB  1 
ATOM   522  C  CG  . TYR A 1 96  ? 0.484   2.721   8.563   1.00 25.24 ?  110 TYR A CG  1 
ATOM   523  C  CD1 . TYR A 1 96  ? 1.660   2.503   9.259   1.00 28.90 ?  110 TYR A CD1 1 
ATOM   524  C  CD2 . TYR A 1 96  ? -0.359  3.746   8.984   1.00 27.56 ?  110 TYR A CD2 1 
ATOM   525  C  CE1 . TYR A 1 96  ? 1.992   3.271   10.365  1.00 29.99 ?  110 TYR A CE1 1 
ATOM   526  C  CE2 . TYR A 1 96  ? -0.034  4.532   10.100  1.00 25.58 ?  110 TYR A CE2 1 
ATOM   527  C  CZ  . TYR A 1 96  ? 1.152   4.280   10.767  1.00 34.19 ?  110 TYR A CZ  1 
ATOM   528  O  OH  . TYR A 1 96  ? 1.513   5.025   11.859  1.00 36.63 ?  110 TYR A OH  1 
ATOM   529  N  N   . VAL A 1 97  ? 1.311   0.125   4.901   1.00 20.67 ?  111 VAL A N   1 
ATOM   530  C  CA  . VAL A 1 97  ? 0.976   -0.871  3.886   1.00 23.32 ?  111 VAL A CA  1 
ATOM   531  C  C   . VAL A 1 97  ? 1.037   -2.248  4.543   1.00 23.44 ?  111 VAL A C   1 
ATOM   532  O  O   . VAL A 1 97  ? 1.741   -2.440  5.534   1.00 22.32 ?  111 VAL A O   1 
ATOM   533  C  CB  . VAL A 1 97  ? 1.923   -0.790  2.666   1.00 22.38 ?  111 VAL A CB  1 
ATOM   534  C  CG1 . VAL A 1 97  ? 1.706   0.520   1.881   1.00 25.20 ?  111 VAL A CG1 1 
ATOM   535  C  CG2 . VAL A 1 97  ? 3.382   -0.928  3.090   1.00 23.48 ?  111 VAL A CG2 1 
ATOM   536  N  N   . HIS A 1 98  ? 0.287   -3.208  4.003   1.00 22.45 ?  112 HIS A N   1 
ATOM   537  C  CA  . HIS A 1 98  ? 0.430   -4.579  4.491   1.00 24.29 ?  112 HIS A CA  1 
ATOM   538  C  C   . HIS A 1 98  ? 1.822   -5.105  4.180   1.00 23.70 ?  112 HIS A C   1 
ATOM   539  O  O   . HIS A 1 98  ? 2.367   -4.870  3.099   1.00 23.55 ?  112 HIS A O   1 
ATOM   540  C  CB  . HIS A 1 98  ? -0.593  -5.517  3.852   1.00 23.09 ?  112 HIS A CB  1 
ATOM   541  C  CG  . HIS A 1 98  ? -1.968  -5.383  4.409   1.00 23.73 ?  112 HIS A CG  1 
ATOM   542  N  ND1 . HIS A 1 98  ? -3.050  -5.078  3.624   1.00 21.45 ?  112 HIS A ND1 1 
ATOM   543  C  CD2 . HIS A 1 98  ? -2.444  -5.539  5.666   1.00 26.04 ?  112 HIS A CD2 1 
ATOM   544  C  CE1 . HIS A 1 98  ? -4.141  -5.048  4.368   1.00 25.63 ?  112 HIS A CE1 1 
ATOM   545  N  NE2 . HIS A 1 98  ? -3.798  -5.317  5.615   1.00 25.42 ?  112 HIS A NE2 1 
ATOM   546  N  N   . ASP A 1 99  ? 2.393   -5.830  5.138   1.00 22.64 ?  113 ASP A N   1 
ATOM   547  C  CA  . ASP A 1 99  ? 3.695   -6.462  4.972   1.00 21.30 ?  113 ASP A CA  1 
ATOM   548  C  C   . ASP A 1 99  ? 3.483   -7.817  4.303   1.00 27.20 ?  113 ASP A C   1 
ATOM   549  O  O   . ASP A 1 99  ? 3.016   -8.768  4.943   1.00 23.35 ?  113 ASP A O   1 
ATOM   550  C  CB  . ASP A 1 99  ? 4.391   -6.638  6.314   1.00 24.60 ?  113 ASP A CB  1 
ATOM   551  C  CG  . ASP A 1 99  ? 5.783   -7.196  6.169   1.00 23.88 ?  113 ASP A CG  1 
ATOM   552  O  OD1 . ASP A 1 99  ? 6.203   -7.481  5.021   1.00 26.31 ?  113 ASP A OD1 1 
ATOM   553  O  OD2 . ASP A 1 99  ? 6.470   -7.340  7.205   1.00 26.59 -1 113 ASP A OD2 1 
ATOM   554  N  N   . MET A 1 100 ? 3.823   -7.914  3.025   1.00 23.99 ?  114 MET A N   1 
ATOM   555  C  CA  . MET A 1 100 ? 3.618   -9.181  2.342   1.00 27.88 ?  114 MET A CA  1 
ATOM   556  C  C   . MET A 1 100 ? 4.707   -10.210 2.657   1.00 30.28 ?  114 MET A C   1 
ATOM   557  O  O   . MET A 1 100 ? 4.630   -11.344 2.169   1.00 31.39 ?  114 MET A O   1 
ATOM   558  C  CB  . MET A 1 100 ? 3.480   -8.914  0.840   1.00 28.61 ?  114 MET A CB  1 
ATOM   559  C  CG  . MET A 1 100 ? 2.335   -7.902  0.564   1.00 27.32 ?  114 MET A CG  1 
ATOM   560  S  SD  . MET A 1 100 ? 0.732   -8.330  1.372   0.90 35.44 ?  114 MET A SD  1 
ATOM   561  C  CE  . MET A 1 100 ? 0.562   -9.779  0.387   1.00 25.89 ?  114 MET A CE  1 
ATOM   562  N  N   . SER A 1 101 ? 5.703   -9.848  3.477   1.00 25.87 ?  115 SER A N   1 
ATOM   563  C  CA  . SER A 1 101 ? 6.589   -10.835 4.096   1.00 27.97 ?  115 SER A CA  1 
ATOM   564  C  C   . SER A 1 101 ? 5.863   -11.716 5.109   1.00 33.05 ?  115 SER A C   1 
ATOM   565  O  O   . SER A 1 101 ? 6.341   -12.817 5.397   1.00 33.08 ?  115 SER A O   1 
ATOM   566  C  CB  . SER A 1 101 ? 7.758   -10.153 4.822   1.00 27.97 ?  115 SER A CB  1 
ATOM   567  O  OG  . SER A 1 101 ? 8.667   -9.501  3.939   1.00 32.53 ?  115 SER A OG  1 
ATOM   568  N  N   . LEU A 1 102 ? 4.750   -11.242 5.688   1.00 29.65 ?  116 LEU A N   1 
ATOM   569  C  CA  . LEU A 1 102 ? 4.050   -11.926 6.770   1.00 29.43 ?  116 LEU A CA  1 
ATOM   570  C  C   . LEU A 1 102 ? 2.650   -12.387 6.417   1.00 34.56 ?  116 LEU A C   1 
ATOM   571  O  O   . LEU A 1 102 ? 2.124   -13.272 7.096   1.00 28.72 ?  116 LEU A O   1 
ATOM   572  C  CB  . LEU A 1 102 ? 3.916   -11.018 8.007   1.00 28.11 ?  116 LEU A CB  1 
ATOM   573  C  CG  . LEU A 1 102 ? 5.199   -10.553 8.682   1.00 28.80 ?  116 LEU A CG  1 
ATOM   574  C  CD1 . LEU A 1 102 ? 4.863   -9.720  9.916   1.00 28.71 ?  116 LEU A CD1 1 
ATOM   575  C  CD2 . LEU A 1 102 ? 6.063   -11.778 9.032   1.00 28.27 ?  116 LEU A CD2 1 
ATOM   576  N  N   . SER A 1 103 ? 2.002   -11.756 5.447   1.00 36.76 ?  117 SER A N   1 
ATOM   577  C  CA  . SER A 1 103 ? 0.622   -12.036 5.094   1.00 38.25 ?  117 SER A CA  1 
ATOM   578  C  C   . SER A 1 103 ? 0.547   -12.603 3.687   1.00 39.61 ?  117 SER A C   1 
ATOM   579  O  O   . SER A 1 103 ? 1.307   -12.181 2.806   1.00 35.88 ?  117 SER A O   1 
ATOM   580  C  CB  . SER A 1 103 ? -0.248  -10.773 5.155   1.00 40.74 ?  117 SER A CB  1 
ATOM   581  O  OG  . SER A 1 103 ? -0.421  -10.333 6.487   1.00 43.79 ?  117 SER A OG  1 
ATOM   582  N  N   . PRO A 1 104 ? -0.348  -13.558 3.448   1.00 40.72 ?  118 PRO A N   1 
ATOM   583  C  CA  . PRO A 1 104 ? -0.547  -14.060 2.086   1.00 37.71 ?  118 PRO A CA  1 
ATOM   584  C  C   . PRO A 1 104 ? -1.150  -12.997 1.173   1.00 32.24 ?  118 PRO A C   1 
ATOM   585  O  O   . PRO A 1 104 ? -1.953  -12.160 1.588   1.00 31.06 ?  118 PRO A O   1 
ATOM   586  C  CB  . PRO A 1 104 ? -1.509  -15.238 2.278   1.00 40.96 ?  118 PRO A CB  1 
ATOM   587  C  CG  . PRO A 1 104 ? -2.180  -14.985 3.596   1.00 38.55 ?  118 PRO A CG  1 
ATOM   588  C  CD  . PRO A 1 104 ? -1.154  -14.290 4.445   1.00 43.57 ?  118 PRO A CD  1 
ATOM   589  N  N   . TRP A 1 105 ? -0.757  -13.064 -0.102  1.00 33.51 ?  119 TRP A N   1 
ATOM   590  C  CA  . TRP A 1 105 ? -1.197  -12.086 -1.095  1.00 28.70 ?  119 TRP A CA  1 
ATOM   591  C  C   . TRP A 1 105 ? -2.716  -12.028 -1.199  1.00 30.76 ?  119 TRP A C   1 
ATOM   592  O  O   . TRP A 1 105 ? -3.298  -10.942 -1.261  1.00 31.28 ?  119 TRP A O   1 
ATOM   593  C  CB  . TRP A 1 105 ? -0.581  -12.428 -2.453  1.00 29.92 ?  119 TRP A CB  1 
ATOM   594  C  CG  . TRP A 1 105 ? -0.708  -11.332 -3.473  1.00 28.32 ?  119 TRP A CG  1 
ATOM   595  C  CD1 . TRP A 1 105 ? -1.714  -11.162 -4.373  1.00 30.70 ?  119 TRP A CD1 1 
ATOM   596  C  CD2 . TRP A 1 105 ? 0.208   -10.249 -3.684  1.00 26.94 ?  119 TRP A CD2 1 
ATOM   597  N  NE1 . TRP A 1 105 ? -1.481  -10.050 -5.138  1.00 29.72 ?  119 TRP A NE1 1 
ATOM   598  C  CE2 . TRP A 1 105 ? -0.304  -9.471  -4.736  1.00 28.16 ?  119 TRP A CE2 1 
ATOM   599  C  CE3 . TRP A 1 105 ? 1.413   -9.863  -3.079  1.00 25.56 ?  119 TRP A CE3 1 
ATOM   600  C  CZ2 . TRP A 1 105 ? 0.350   -8.335  -5.217  1.00 25.80 ?  119 TRP A CZ2 1 
ATOM   601  C  CZ3 . TRP A 1 105 ? 2.070   -8.731  -3.560  1.00 26.99 ?  119 TRP A CZ3 1 
ATOM   602  C  CH2 . TRP A 1 105 ? 1.534   -7.983  -4.615  1.00 25.50 ?  119 TRP A CH2 1 
ATOM   603  N  N   . ALA A 1 106 ? -3.382  -13.188 -1.207  1.00 33.19 ?  120 ALA A N   1 
ATOM   604  C  CA  . ALA A 1 106 ? -4.833  -13.217 -1.409  1.00 32.77 ?  120 ALA A CA  1 
ATOM   605  C  C   . ALA A 1 106 ? -5.600  -12.653 -0.220  1.00 35.90 ?  120 ALA A C   1 
ATOM   606  O  O   . ALA A 1 106 ? -6.687  -12.096 -0.395  1.00 38.48 ?  120 ALA A O   1 
ATOM   607  C  CB  . ALA A 1 106 ? -5.294  -14.650 -1.687  1.00 37.96 ?  120 ALA A CB  1 
ATOM   608  N  N   . LYS A 1 107 ? -5.066  -12.763 0.989   1.00 36.71 ?  121 LYS A N   1 
ATOM   609  C  CA  . LYS A 1 107 ? -5.791  -12.348 2.189   1.00 38.11 ?  121 LYS A CA  1 
ATOM   610  C  C   . LYS A 1 107 ? -4.821  -11.657 3.130   1.00 43.62 ?  121 LYS A C   1 
ATOM   611  O  O   . LYS A 1 107 ? -4.375  -12.231 4.129   1.00 40.34 ?  121 LYS A O   1 
ATOM   612  C  CB  . LYS A 1 107 ? -6.469  -13.544 2.868   1.00 45.69 ?  121 LYS A CB  1 
ATOM   613  C  CG  . LYS A 1 107 ? -7.764  -13.176 3.597   1.00 59.20 ?  121 LYS A CG  1 
ATOM   614  C  CD  . LYS A 1 107 ? -8.468  -14.402 4.191   1.00 62.87 ?  121 LYS A CD  1 
ATOM   615  C  CE  . LYS A 1 107 ? -9.879  -14.067 4.683   1.00 63.93 ?  121 LYS A CE  1 
ATOM   616  N  NZ  . LYS A 1 107 ? -9.892  -12.931 5.647   1.00 64.07 ?  121 LYS A NZ  1 
ATOM   617  N  N   . PRO A 1 108 ? -4.444  -10.423 2.825   1.00 37.92 ?  122 PRO A N   1 
ATOM   618  C  CA  . PRO A 1 108 ? -3.532  -9.711  3.718   1.00 37.24 ?  122 PRO A CA  1 
ATOM   619  C  C   . PRO A 1 108 ? -4.168  -9.547  5.082   1.00 34.55 ?  122 PRO A C   1 
ATOM   620  O  O   . PRO A 1 108 ? -5.389  -9.515  5.232   1.00 35.87 ?  122 PRO A O   1 
ATOM   621  C  CB  . PRO A 1 108 ? -3.319  -8.361  3.021   1.00 32.67 ?  122 PRO A CB  1 
ATOM   622  C  CG  . PRO A 1 108 ? -4.499  -8.220  2.126   1.00 36.00 ?  122 PRO A CG  1 
ATOM   623  C  CD  . PRO A 1 108 ? -4.834  -9.607  1.668   1.00 35.00 ?  122 PRO A CD  1 
ATOM   624  N  N   . ASN A 1 109 ? -3.324  -9.458  6.092   1.00 38.81 ?  123 ASN A N   1 
ATOM   625  C  CA  . ASN A 1 109 ? -3.800  -9.428  7.459   1.00 36.77 ?  123 ASN A CA  1 
ATOM   626  C  C   . ASN A 1 109 ? -3.496  -8.066  8.086   1.00 34.44 ?  123 ASN A C   1 
ATOM   627  O  O   . ASN A 1 109 ? -2.338  -7.610  8.080   1.00 30.01 ?  123 ASN A O   1 
ATOM   628  C  CB  . ASN A 1 109 ? -3.174  -10.567 8.266   1.00 39.17 ?  123 ASN A CB  1 
ATOM   629  C  CG  . ASN A 1 109 ? -3.839  -10.729 9.601   1.00 37.72 ?  123 ASN A CG  1 
ATOM   630  O  OD1 . ASN A 1 109 ? -3.728  -9.854  10.439  1.00 29.81 ?  123 ASN A OD1 1 
ATOM   631  N  ND2 . ASN A 1 109 ? -4.585  -11.819 9.784   1.00 47.09 ?  123 ASN A ND2 1 
ATOM   632  N  N   . ASP A 1 110 ? -4.543  -7.436  8.634   1.00 31.03 ?  124 ASP A N   1 
ATOM   633  C  CA  . ASP A 1 110 ? -4.488  -6.112  9.254   1.00 30.91 ?  124 ASP A CA  1 
ATOM   634  C  C   . ASP A 1 110 ? -3.682  -6.082  10.539  1.00 30.00 ?  124 ASP A C   1 
ATOM   635  O  O   . ASP A 1 110 ? -3.570  -5.014  11.155  1.00 28.52 ?  124 ASP A O   1 
ATOM   636  C  CB  . ASP A 1 110 ? -5.896  -5.605  9.550   1.00 29.89 ?  124 ASP A CB  1 
ATOM   637  C  CG  . ASP A 1 110 ? -6.715  -5.360  8.285   1.00 31.76 ?  124 ASP A CG  1 
ATOM   638  O  OD1 . ASP A 1 110 ? -6.138  -5.342  7.179   1.00 30.80 ?  124 ASP A OD1 1 
ATOM   639  O  OD2 . ASP A 1 110 ? -7.945  -5.188  8.408   1.00 31.90 -1 124 ASP A OD2 1 
ATOM   640  N  N   . SER A 1 111 ? -3.160  -7.220  10.981  1.00 27.00 ?  125 SER A N   1 
ATOM   641  C  CA  . SER A 1 111 ? -2.280  -7.233  12.133  1.00 25.10 ?  125 SER A CA  1 
ATOM   642  C  C   . SER A 1 111 ? -0.862  -6.849  11.761  1.00 27.82 ?  125 SER A C   1 
ATOM   643  O  O   . SER A 1 111 ? -0.032  -6.652  12.652  1.00 24.96 ?  125 SER A O   1 
ATOM   644  C  CB  . SER A 1 111 ? -2.279  -8.624  12.792  1.00 25.88 ?  125 SER A CB  1 
ATOM   645  O  OG  . SER A 1 111 ? -3.573  -8.973  13.249  1.00 31.63 ?  125 SER A OG  1 
ATOM   646  N  N   . HIS A 1 112 ? -0.568  -6.707  10.473  1.00 25.76 ?  126 HIS A N   1 
ATOM   647  C  CA  . HIS A 1 112 ? 0.808   -6.597  10.007  1.00 23.48 ?  126 HIS A CA  1 
ATOM   648  C  C   . HIS A 1 112 ? 0.987   -5.407  9.071   1.00 27.70 ?  126 HIS A C   1 
ATOM   649  O  O   . HIS A 1 112 ? 1.510   -5.534  7.963   1.00 25.84 ?  126 HIS A O   1 
ATOM   650  C  CB  . HIS A 1 112 ? 1.224   -7.902  9.335   1.00 27.31 ?  126 HIS A CB  1 
ATOM   651  C  CG  . HIS A 1 112 ? 1.134   -9.086  10.246  1.00 27.86 ?  126 HIS A CG  1 
ATOM   652  N  ND1 . HIS A 1 112 ? 1.845   -9.166  11.427  1.00 27.31 ?  126 HIS A ND1 1 
ATOM   653  C  CD2 . HIS A 1 112 ? 0.428   -10.242 10.148  1.00 28.61 ?  126 HIS A CD2 1 
ATOM   654  C  CE1 . HIS A 1 112 ? 1.578   -10.321 12.018  1.00 27.43 ?  126 HIS A CE1 1 
ATOM   655  N  NE2 . HIS A 1 112 ? 0.714   -10.989 11.267  1.00 28.29 ?  126 HIS A NE2 1 
ATOM   656  N  N   . PHE A 1 113 ? 0.538   -4.225  9.494   1.00 25.33 ?  127 PHE A N   1 
ATOM   657  C  CA  . PHE A 1 113 ? 0.806   -3.009  8.733   1.00 21.71 ?  127 PHE A CA  1 
ATOM   658  C  C   . PHE A 1 113 ? 2.197   -2.499  9.075   1.00 25.11 ?  127 PHE A C   1 
ATOM   659  O  O   . PHE A 1 113 ? 2.569   -2.441  10.252  1.00 25.90 ?  127 PHE A O   1 
ATOM   660  C  CB  . PHE A 1 113 ? -0.226  -1.924  9.048   1.00 25.26 ?  127 PHE A CB  1 
ATOM   661  C  CG  . PHE A 1 113 ? -1.519  -2.029  8.267   1.00 26.34 ?  127 PHE A CG  1 
ATOM   662  C  CD1 . PHE A 1 113 ? -1.571  -1.676  6.909   1.00 23.33 ?  127 PHE A CD1 1 
ATOM   663  C  CD2 . PHE A 1 113 ? -2.695  -2.409  8.901   1.00 23.75 ?  127 PHE A CD2 1 
ATOM   664  C  CE1 . PHE A 1 113 ? -2.763  -1.745  6.192   1.00 24.40 ?  127 PHE A CE1 1 
ATOM   665  C  CE2 . PHE A 1 113 ? -3.907  -2.466  8.194   1.00 25.51 ?  127 PHE A CE2 1 
ATOM   666  C  CZ  . PHE A 1 113 ? -3.937  -2.137  6.832   1.00 26.41 ?  127 PHE A CZ  1 
ATOM   667  N  N   . ILE A 1 114 ? 2.966   -2.127  8.055   1.00 20.73 ?  128 ILE A N   1 
ATOM   668  C  CA  . ILE A 1 114 ? 4.286   -1.570  8.265   1.00 22.43 ?  128 ILE A CA  1 
ATOM   669  C  C   . ILE A 1 114 ? 4.308   -0.136  7.759   1.00 24.69 ?  128 ILE A C   1 
ATOM   670  O  O   . ILE A 1 114 ? 3.475   0.289   6.955   1.00 23.09 ?  128 ILE A O   1 
ATOM   671  C  CB  . ILE A 1 114 ? 5.400   -2.409  7.602   1.00 23.42 ?  128 ILE A CB  1 
ATOM   672  C  CG1 . ILE A 1 114 ? 5.121   -2.608  6.107   1.00 25.08 ?  128 ILE A CG1 1 
ATOM   673  C  CG2 . ILE A 1 114 ? 5.551   -3.749  8.334   1.00 21.87 ?  128 ILE A CG2 1 
ATOM   674  C  CD1 . ILE A 1 114 ? 6.276   -3.283  5.341   1.00 25.40 ?  128 ILE A CD1 1 
ATOM   675  N  N   . ASN A 1 115 ? 5.298   0.604   8.243   1.00 24.60 ?  129 ASN A N   1 
ATOM   676  C  CA  . ASN A 1 115 ? 5.537   1.965   7.798   1.00 28.35 ?  129 ASN A CA  1 
ATOM   677  C  C   . ASN A 1 115 ? 5.967   1.935   6.338   1.00 22.47 ?  129 ASN A C   1 
ATOM   678  O  O   . ASN A 1 115 ? 7.068   1.487   6.020   1.00 22.43 ?  129 ASN A O   1 
ATOM   679  C  CB  . ASN A 1 115 ? 6.607   2.609   8.676   1.00 28.75 ?  129 ASN A CB  1 
ATOM   680  C  CG  . ASN A 1 115 ? 6.883   4.051   8.298   1.00 28.87 ?  129 ASN A CG  1 
ATOM   681  O  OD1 . ASN A 1 115 ? 6.399   4.550   7.276   1.00 26.21 ?  129 ASN A OD1 1 
ATOM   682  N  ND2 . ASN A 1 115 ? 7.665   4.730   9.126   1.00 30.77 ?  129 ASN A ND2 1 
ATOM   683  N  N   . ALA A 1 116 ? 5.103   2.415   5.451   1.00 23.91 ?  130 ALA A N   1 
ATOM   684  C  CA  . ALA A 1 116 ? 5.409   2.364   4.025   1.00 23.47 ?  130 ALA A CA  1 
ATOM   685  C  C   . ALA A 1 116 ? 6.721   3.061   3.702   1.00 27.30 ?  130 ALA A C   1 
ATOM   686  O  O   . ALA A 1 116 ? 7.415   2.677   2.756   1.00 24.26 ?  130 ALA A O   1 
ATOM   687  C  CB  . ALA A 1 116 ? 4.266   2.998   3.239   1.00 25.14 ?  130 ALA A CB  1 
ATOM   688  N  N   . ARG A 1 117 ? 7.072   4.107   4.453   1.00 26.79 ?  131 ARG A N   1 
ATOM   689  C  CA  . ARG A 1 117 ? 8.283   4.853   4.123   1.00 27.19 ?  131 ARG A CA  1 
ATOM   690  C  C   . ARG A 1 117 ? 9.554   4.031   4.324   1.00 25.84 ?  131 ARG A C   1 
ATOM   691  O  O   . ARG A 1 117 ? 10.582  4.347   3.716   1.00 30.70 ?  131 ARG A O   1 
ATOM   692  C  CB  . ARG A 1 117 ? 8.332   6.154   4.943   1.00 29.54 ?  131 ARG A CB  1 
ATOM   693  C  CG  . ARG A 1 117 ? 7.192   7.102   4.609   1.00 27.87 ?  131 ARG A CG  1 
ATOM   694  C  CD  . ARG A 1 117 ? 7.327   8.439   5.337   1.00 34.00 ?  131 ARG A CD  1 
ATOM   695  N  NE  . ARG A 1 117 ? 6.077   9.203   5.306   1.00 34.62 ?  131 ARG A NE  1 
ATOM   696  C  CZ  . ARG A 1 117 ? 5.761   10.050  4.337   1.00 43.28 ?  131 ARG A CZ  1 
ATOM   697  N  NH1 . ARG A 1 117 ? 6.607   10.222  3.326   1.00 42.85 ?  131 ARG A NH1 1 
ATOM   698  N  NH2 . ARG A 1 117 ? 4.606   10.721  4.370   1.00 32.76 ?  131 ARG A NH2 1 
ATOM   699  N  N   . LEU A 1 118 ? 9.506   2.955   5.113   1.00 27.54 ?  132 LEU A N   1 
ATOM   700  C  CA  . LEU A 1 118 ? 10.678  2.104   5.340   1.00 25.84 ?  132 LEU A CA  1 
ATOM   701  C  C   . LEU A 1 118 ? 10.575  0.753   4.632   1.00 28.81 ?  132 LEU A C   1 
ATOM   702  O  O   . LEU A 1 118 ? 11.452  -0.098  4.812   1.00 31.93 ?  132 LEU A O   1 
ATOM   703  C  CB  . LEU A 1 118 ? 10.895  1.881   6.845   1.00 30.46 ?  132 LEU A CB  1 
ATOM   704  C  CG  . LEU A 1 118 ? 10.947  3.143   7.722   1.00 36.58 ?  132 LEU A CG  1 
ATOM   705  C  CD1 . LEU A 1 118 ? 10.996  2.785   9.217   1.00 31.12 ?  132 LEU A CD1 1 
ATOM   706  C  CD2 . LEU A 1 118 ? 12.111  4.056   7.342   1.00 40.12 ?  132 LEU A CD2 1 
ATOM   707  N  N   . ALA A 1 119 ? 9.541   0.545   3.823   1.00 25.59 ?  133 ALA A N   1 
ATOM   708  C  CA  . ALA A 1 119 ? 9.291   -0.735  3.176   1.00 28.17 ?  133 ALA A CA  1 
ATOM   709  C  C   . ALA A 1 119 ? 10.077  -0.874  1.872   1.00 29.47 ?  133 ALA A C   1 
ATOM   710  O  O   . ALA A 1 119 ? 10.627  0.089   1.331   1.00 28.10 ?  133 ALA A O   1 
ATOM   711  C  CB  . ALA A 1 119 ? 7.796   -0.906  2.900   1.00 25.55 ?  133 ALA A CB  1 
ATOM   712  N  N   . TRP A 1 120 ? 10.090  -2.104  1.360   1.00 30.09 ?  134 TRP A N   1 
ATOM   713  C  CA  . TRP A 1 120 ? 10.578  -2.444  0.027   1.00 28.14 ?  134 TRP A CA  1 
ATOM   714  C  C   . TRP A 1 120 ? 9.395   -2.710  -0.896  1.00 31.00 ?  134 TRP A C   1 
ATOM   715  O  O   . TRP A 1 120 ? 8.448   -3.398  -0.511  1.00 30.01 ?  134 TRP A O   1 
ATOM   716  C  CB  . TRP A 1 120 ? 11.463  -3.682  0.100   1.00 27.64 ?  134 TRP A CB  1 
ATOM   717  C  CG  . TRP A 1 120 ? 12.751  -3.414  0.780   1.00 34.70 ?  134 TRP A CG  1 
ATOM   718  C  CD1 . TRP A 1 120 ? 13.073  -3.686  2.079   1.00 38.36 ?  134 TRP A CD1 1 
ATOM   719  C  CD2 . TRP A 1 120 ? 13.899  -2.787  0.201   1.00 35.77 ?  134 TRP A CD2 1 
ATOM   720  N  NE1 . TRP A 1 120 ? 14.366  -3.275  2.338   1.00 40.66 ?  134 TRP A NE1 1 
ATOM   721  C  CE2 . TRP A 1 120 ? 14.894  -2.729  1.199   1.00 41.85 ?  134 TRP A CE2 1 
ATOM   722  C  CE3 . TRP A 1 120 ? 14.189  -2.286  -1.074  1.00 38.38 ?  134 TRP A CE3 1 
ATOM   723  C  CZ2 . TRP A 1 120 ? 16.155  -2.181  0.963   1.00 45.87 ?  134 TRP A CZ2 1 
ATOM   724  C  CZ3 . TRP A 1 120 ? 15.442  -1.747  -1.307  1.00 42.20 ?  134 TRP A CZ3 1 
ATOM   725  C  CH2 . TRP A 1 120 ? 16.408  -1.696  -0.291  1.00 45.54 ?  134 TRP A CH2 1 
ATOM   726  N  N   . PHE A 1 121 ? 9.443   -2.176  -2.112  1.00 23.60 ?  135 PHE A N   1 
ATOM   727  C  CA  . PHE A 1 121 ? 8.318   -2.240  -3.033  1.00 26.36 ?  135 PHE A CA  1 
ATOM   728  C  C   . PHE A 1 121 ? 8.720   -2.935  -4.331  1.00 29.20 ?  135 PHE A C   1 
ATOM   729  O  O   . PHE A 1 121 ? 9.852   -2.796  -4.798  1.00 29.49 ?  135 PHE A O   1 
ATOM   730  C  CB  . PHE A 1 121 ? 7.776   -0.835  -3.302  1.00 25.25 ?  135 PHE A CB  1 
ATOM   731  C  CG  . PHE A 1 121 ? 7.225   -0.180  -2.074  1.00 27.92 ?  135 PHE A CG  1 
ATOM   732  C  CD1 . PHE A 1 121 ? 5.926   -0.463  -1.647  1.00 24.13 ?  135 PHE A CD1 1 
ATOM   733  C  CD2 . PHE A 1 121 ? 8.015   0.688   -1.312  1.00 29.67 ?  135 PHE A CD2 1 
ATOM   734  C  CE1 . PHE A 1 121 ? 5.410   0.102   -0.494  1.00 23.55 ?  135 PHE A CE1 1 
ATOM   735  C  CE2 . PHE A 1 121 ? 7.496   1.271   -0.139  1.00 26.93 ?  135 PHE A CE2 1 
ATOM   736  C  CZ  . PHE A 1 121 ? 6.199   0.988   0.265   1.00 23.79 ?  135 PHE A CZ  1 
ATOM   737  N  N   . VAL A 1 122 ? 7.802   -3.727  -4.878  1.00 28.71 ?  136 VAL A N   1 
ATOM   738  C  CA  . VAL A 1 122 ? 7.997   -4.408  -6.157  1.00 28.65 ?  136 VAL A CA  1 
ATOM   739  C  C   . VAL A 1 122 ? 6.982   -3.852  -7.143  1.00 28.66 ?  136 VAL A C   1 
ATOM   740  O  O   . VAL A 1 122 ? 5.765   -4.001  -6.951  1.00 27.32 ?  136 VAL A O   1 
ATOM   741  C  CB  . VAL A 1 122 ? 7.875   -5.938  -6.047  1.00 28.92 ?  136 VAL A CB  1 
ATOM   742  C  CG1 . VAL A 1 122 ? 8.048   -6.551  -7.437  1.00 29.83 ?  136 VAL A CG1 1 
ATOM   743  C  CG2 . VAL A 1 122 ? 8.935   -6.489  -5.100  1.00 26.01 ?  136 VAL A CG2 1 
ATOM   744  N  N   . VAL A 1 123 ? 7.482   -3.192  -8.182  1.00 28.67 ?  137 VAL A N   1 
ATOM   745  C  CA  . VAL A 1 123 ? 6.650   -2.611  -9.228  1.00 31.29 ?  137 VAL A CA  1 
ATOM   746  C  C   . VAL A 1 123 ? 6.810   -3.456  -10.485 1.00 29.04 ?  137 VAL A C   1 
ATOM   747  O  O   . VAL A 1 123 ? 7.922   -3.850  -10.830 1.00 32.12 ?  137 VAL A O   1 
ATOM   748  C  CB  . VAL A 1 123 ? 7.054   -1.141  -9.481  1.00 34.81 ?  137 VAL A CB  1 
ATOM   749  C  CG1 . VAL A 1 123 ? 6.338   -0.577  -10.691 1.00 33.69 ?  137 VAL A CG1 1 
ATOM   750  C  CG2 . VAL A 1 123 ? 6.788   -0.294  -8.227  1.00 31.60 ?  137 VAL A CG2 1 
ATOM   751  N  N   . GLY A 1 124 ? 5.707   -3.735  -11.162 1.00 29.39 ?  138 GLY A N   1 
ATOM   752  C  CA  . GLY A 1 124 ? 5.767   -4.418  -12.441 1.00 31.23 ?  138 GLY A CA  1 
ATOM   753  C  C   . GLY A 1 124 ? 5.768   -5.930  -12.398 1.00 36.03 ?  138 GLY A C   1 
ATOM   754  O  O   . GLY A 1 124 ? 6.105   -6.558  -13.409 1.00 34.39 ?  138 GLY A O   1 
ATOM   755  N  N   . SER A 1 125 ? 5.404   -6.542  -11.272 1.00 31.48 ?  139 SER A N   1 
ATOM   756  C  CA  . SER A 1 125 ? 5.311   -7.988  -11.227 1.00 31.58 ?  139 SER A CA  1 
ATOM   757  C  C   . SER A 1 125 ? 4.011   -8.444  -11.900 1.00 32.21 ?  139 SER A C   1 
ATOM   758  O  O   . SER A 1 125 ? 3.160   -7.640  -12.275 1.00 27.54 ?  139 SER A O   1 
ATOM   759  C  CB  . SER A 1 125 ? 5.380   -8.484  -9.781  1.00 24.69 ?  139 SER A CB  1 
ATOM   760  O  OG  . SER A 1 125 ? 4.103   -8.378  -9.167  1.00 24.90 ?  139 SER A OG  1 
ATOM   761  N  N   . SER A 1 126 ? 3.858   -9.759  -12.037 1.00 29.47 ?  140 SER A N   1 
ATOM   762  C  CA  . SER A 1 126 ? 2.648   -10.318 -12.626 1.00 30.67 ?  140 SER A CA  1 
ATOM   763  C  C   . SER A 1 126 ? 1.495   -10.400 -11.635 1.00 30.97 ?  140 SER A C   1 
ATOM   764  O  O   . SER A 1 126 ? 0.377   -10.742 -12.035 1.00 29.53 ?  140 SER A O   1 
ATOM   765  C  CB  . SER A 1 126 ? 2.941   -11.723 -13.168 1.00 32.07 ?  140 SER A CB  1 
ATOM   766  O  OG  . SER A 1 126 ? 3.265   -12.592 -12.083 1.00 29.93 ?  140 SER A OG  1 
ATOM   767  N  N   . GLN A 1 127 ? 1.740   -10.131 -10.351 1.00 28.32 ?  141 GLN A N   1 
ATOM   768  C  CA  . GLN A 1 127 ? 0.725   -10.313 -9.323  1.00 32.59 ?  141 GLN A CA  1 
ATOM   769  C  C   . GLN A 1 127 ? -0.156  -9.072  -9.215  1.00 35.00 ?  141 GLN A C   1 
ATOM   770  O  O   . GLN A 1 127 ? 0.341   -7.944  -9.190  1.00 35.36 ?  141 GLN A O   1 
ATOM   771  C  CB  . GLN A 1 127 ? 1.381   -10.624 -7.973  1.00 31.16 ?  141 GLN A CB  1 
ATOM   772  C  CG  . GLN A 1 127 ? 2.167   -11.928 -7.977  1.00 32.17 ?  141 GLN A CG  1 
ATOM   773  C  CD  . GLN A 1 127 ? 1.334   -13.069 -8.520  1.00 35.05 ?  141 GLN A CD  1 
ATOM   774  O  OE1 . GLN A 1 127 ? 1.452   -13.447 -9.696  1.00 37.50 ?  141 GLN A OE1 1 
ATOM   775  N  NE2 . GLN A 1 127 ? 0.457   -13.594 -7.691  1.00 30.59 ?  141 GLN A NE2 1 
ATOM   776  N  N   . THR A 1 128 ? -1.465  -9.282  -9.136  1.00 28.45 ?  142 THR A N   1 
ATOM   777  C  CA  . THR A 1 128 ? -2.404  -8.183  -9.275  1.00 32.20 ?  142 THR A CA  1 
ATOM   778  C  C   . THR A 1 128 ? -3.156  -7.940  -7.972  1.00 30.16 ?  142 THR A C   1 
ATOM   779  O  O   . THR A 1 128 ? -3.189  -8.787  -7.073  1.00 31.33 ?  142 THR A O   1 
ATOM   780  C  CB  . THR A 1 128 ? -3.399  -8.456  -10.413 1.00 34.49 ?  142 THR A CB  1 
ATOM   781  O  OG1 . THR A 1 128 ? -4.077  -9.694  -10.161 1.00 37.03 ?  142 THR A OG1 1 
ATOM   782  C  CG2 . THR A 1 128 ? -2.663  -8.537  -11.737 1.00 35.59 ?  142 THR A CG2 1 
ATOM   783  N  N   . GLY A 1 129 ? -3.757  -6.755  -7.891  1.00 31.02 ?  143 GLY A N   1 
ATOM   784  C  CA  . GLY A 1 129 ? -4.541  -6.341  -6.747  1.00 29.97 ?  143 GLY A CA  1 
ATOM   785  C  C   . GLY A 1 129 ? -5.914  -5.879  -7.187  1.00 33.75 ?  143 GLY A C   1 
ATOM   786  O  O   . GLY A 1 129 ? -6.376  -6.240  -8.272  1.00 34.45 ?  143 GLY A O   1 
ATOM   787  N  N   . ALA A 1 130 ? -6.575  -5.072  -6.366  1.00 29.36 ?  144 ALA A N   1 
ATOM   788  C  CA  . ALA A 1 130 ? -7.949  -4.687  -6.655  1.00 30.30 ?  144 ALA A CA  1 
ATOM   789  C  C   . ALA A 1 130 ? -8.065  -3.874  -7.935  1.00 34.42 ?  144 ALA A C   1 
ATOM   790  O  O   . ALA A 1 130 ? -9.156  -3.792  -8.494  1.00 34.34 ?  144 ALA A O   1 
ATOM   791  C  CB  . ALA A 1 130 ? -8.539  -3.876  -5.503  1.00 26.13 ?  144 ALA A CB  1 
ATOM   792  N  N   . MET A 1 131 ? -6.979  -3.259  -8.400  1.00 28.64 ?  145 MET A N   1 
ATOM   793  C  CA  . MET A 1 131 ? -7.026  -2.376  -9.556  1.00 34.25 ?  145 MET A CA  1 
ATOM   794  C  C   . MET A 1 131 ? -6.173  -2.909  -10.704 1.00 36.20 ?  145 MET A C   1 
ATOM   795  O  O   . MET A 1 131 ? -5.709  -2.142  -11.542 1.00 37.19 ?  145 MET A O   1 
ATOM   796  C  CB  . MET A 1 131 ? -6.581  -0.958  -9.174  1.00 33.42 ?  145 MET A CB  1 
ATOM   797  C  CG  . MET A 1 131 ? -7.512  -0.241  -8.177  1.00 33.50 ?  145 MET A CG  1 
ATOM   798  S  SD  . MET A 1 131 ? -9.128  0.153   -8.920  1.00 31.11 ?  145 MET A SD  1 
ATOM   799  C  CE  . MET A 1 131 ? -8.892  1.870   -9.430  1.00 33.41 ?  145 MET A CE  1 
ATOM   800  N  N   . GLY A 1 132 ? -5.950  -4.218  -10.749 1.00 34.07 ?  146 GLY A N   1 
ATOM   801  C  CA  . GLY A 1 132 ? -5.032  -4.790  -11.720 1.00 31.86 ?  146 GLY A CA  1 
ATOM   802  C  C   . GLY A 1 132 ? -3.613  -4.769  -11.197 1.00 33.70 ?  146 GLY A C   1 
ATOM   803  O  O   . GLY A 1 132 ? -3.355  -5.195  -10.069 1.00 33.08 ?  146 GLY A O   1 
ATOM   804  N  N   . GLU A 1 133 ? -2.690  -4.283  -12.021 1.00 33.34 ?  147 GLU A N   1 
ATOM   805  C  CA  . GLU A 1 133 ? -1.304  -4.144  -11.597 1.00 36.32 ?  147 GLU A CA  1 
ATOM   806  C  C   . GLU A 1 133 ? -1.248  -3.407  -10.262 1.00 31.43 ?  147 GLU A C   1 
ATOM   807  O  O   . GLU A 1 133 ? -2.064  -2.526  -9.990  1.00 27.88 ?  147 GLU A O   1 
ATOM   808  C  CB  . GLU A 1 133 ? -0.500  -3.387  -12.659 1.00 36.72 ?  147 GLU A CB  1 
ATOM   809  C  CG  . GLU A 1 133 ? -0.737  -3.849  -14.117 1.00 51.79 ?  147 GLU A CG  1 
ATOM   810  C  CD  . GLU A 1 133 ? -2.063  -3.342  -14.729 1.00 59.90 ?  147 GLU A CD  1 
ATOM   811  O  OE1 . GLU A 1 133 ? -2.305  -2.111  -14.753 1.00 59.97 ?  147 GLU A OE1 1 
ATOM   812  O  OE2 . GLU A 1 133 ? -2.879  -4.181  -15.181 1.00 61.85 -1 147 GLU A OE2 1 
ATOM   813  N  N   . THR A 1 134 ? -0.304  -3.788  -9.410  1.00 29.62 ?  148 THR A N   1 
ATOM   814  C  CA  . THR A 1 134 ? -0.216  -3.149  -8.104  1.00 26.86 ?  148 THR A CA  1 
ATOM   815  C  C   . THR A 1 134 ? 1.240   -3.173  -7.666  1.00 27.38 ?  148 THR A C   1 
ATOM   816  O  O   . THR A 1 134 ? 2.130   -3.566  -8.422  1.00 30.13 ?  148 THR A O   1 
ATOM   817  C  CB  . THR A 1 134 ? -1.173  -3.815  -7.097  1.00 28.43 ?  148 THR A CB  1 
ATOM   818  O  OG1 . THR A 1 134 ? -1.357  -2.956  -5.956  1.00 27.11 ?  148 THR A OG1 1 
ATOM   819  C  CG2 . THR A 1 134 ? -0.644  -5.163  -6.616  1.00 24.23 ?  148 THR A CG2 1 
ATOM   820  N  N   . ILE A 1 135 ? 1.491   -2.741  -6.441  1.00 24.73 ?  149 ILE A N   1 
ATOM   821  C  CA  . ILE A 1 135 ? 2.841   -2.636  -5.921  1.00 26.56 ?  149 ILE A CA  1 
ATOM   822  C  C   . ILE A 1 135 ? 2.962   -3.564  -4.719  1.00 24.49 ?  149 ILE A C   1 
ATOM   823  O  O   . ILE A 1 135 ? 2.252   -3.386  -3.721  1.00 25.51 ?  149 ILE A O   1 
ATOM   824  C  CB  . ILE A 1 135 ? 3.168   -1.182  -5.537  1.00 24.82 ?  149 ILE A CB  1 
ATOM   825  C  CG1 . ILE A 1 135 ? 2.848   -0.261  -6.730  1.00 25.89 ?  149 ILE A CG1 1 
ATOM   826  C  CG2 . ILE A 1 135 ? 4.611   -1.099  -5.109  1.00 24.83 ?  149 ILE A CG2 1 
ATOM   827  C  CD1 . ILE A 1 135 ? 3.056   1.216   -6.479  1.00 26.88 ?  149 ILE A CD1 1 
ATOM   828  N  N   . GLY A 1 136 ? 3.852   -4.549  -4.813  1.00 23.66 ?  150 GLY A N   1 
ATOM   829  C  CA  . GLY A 1 136 ? 4.097   -5.417  -3.672  1.00 25.20 ?  150 GLY A CA  1 
ATOM   830  C  C   . GLY A 1 136 ? 4.903   -4.682  -2.616  1.00 27.02 ?  150 GLY A C   1 
ATOM   831  O  O   . GLY A 1 136 ? 5.775   -3.872  -2.928  1.00 27.48 ?  150 GLY A O   1 
ATOM   832  N  N   . SER A 1 137 ? 4.590   -4.939  -1.349  1.00 24.96 ?  151 SER A N   1 
ATOM   833  C  CA  . SER A 1 137 ? 5.231   -4.250  -0.233  1.00 24.13 ?  151 SER A CA  1 
ATOM   834  C  C   . SER A 1 137 ? 5.706   -5.252  0.808   1.00 26.63 ?  151 SER A C   1 
ATOM   835  O  O   . SER A 1 137 ? 4.933   -6.120  1.235   1.00 25.08 ?  151 SER A O   1 
ATOM   836  C  CB  . SER A 1 137 ? 4.264   -3.251  0.390   1.00 27.15 ?  151 SER A CB  1 
ATOM   837  O  OG  . SER A 1 137 ? 2.996   -3.816  0.629   1.00 23.51 ?  151 SER A OG  1 
ATOM   838  N  N   . PHE A 1 138 ? 6.981   -5.135  1.202   1.00 23.48 ?  152 PHE A N   1 
ATOM   839  C  CA  . PHE A 1 138 ? 7.649   -6.098  2.068   1.00 24.79 ?  152 PHE A CA  1 
ATOM   840  C  C   . PHE A 1 138 ? 8.496   -5.383  3.110   1.00 28.93 ?  152 PHE A C   1 
ATOM   841  O  O   . PHE A 1 138 ? 9.108   -4.354  2.821   1.00 28.03 ?  152 PHE A O   1 
ATOM   842  C  CB  . PHE A 1 138 ? 8.575   -7.023  1.255   1.00 25.40 ?  152 PHE A CB  1 
ATOM   843  C  CG  . PHE A 1 138 ? 7.873   -7.730  0.136   1.00 28.05 ?  152 PHE A CG  1 
ATOM   844  C  CD1 . PHE A 1 138 ? 7.612   -7.077  -1.059  1.00 26.72 ?  152 PHE A CD1 1 
ATOM   845  C  CD2 . PHE A 1 138 ? 7.457   -9.041  0.283   1.00 29.37 ?  152 PHE A CD2 1 
ATOM   846  C  CE1 . PHE A 1 138 ? 6.941   -7.720  -2.084  1.00 27.25 ?  152 PHE A CE1 1 
ATOM   847  C  CE2 . PHE A 1 138 ? 6.788   -9.684  -0.754  1.00 29.85 ?  152 PHE A CE2 1 
ATOM   848  C  CZ  . PHE A 1 138 ? 6.541   -9.016  -1.930  1.00 30.37 ?  152 PHE A CZ  1 
ATOM   849  N  N   . SER A 1 139 ? 8.592   -5.979  4.301   1.00 23.74 ?  153 SER A N   1 
ATOM   850  C  CA  . SER A 1 139 ? 9.562   -5.492  5.273   1.00 26.32 ?  153 SER A CA  1 
ATOM   851  C  C   . SER A 1 139 ? 10.966  -5.997  4.986   1.00 34.66 ?  153 SER A C   1 
ATOM   852  O  O   . SER A 1 139 ? 11.933  -5.336  5.367   1.00 29.97 ?  153 SER A O   1 
ATOM   853  C  CB  . SER A 1 139 ? 9.169   -5.878  6.706   1.00 24.83 ?  153 SER A CB  1 
ATOM   854  O  OG  . SER A 1 139 ? 8.856   -7.263  6.835   1.00 28.27 ?  153 SER A OG  1 
ATOM   855  N  N   . VAL A 1 140 ? 11.109  -7.158  4.341   1.00 32.47 ?  154 VAL A N   1 
ATOM   856  C  CA  . VAL A 1 140 ? 12.404  -7.824  4.193   1.00 35.19 ?  154 VAL A CA  1 
ATOM   857  C  C   . VAL A 1 140 ? 12.841  -7.723  2.735   1.00 40.49 ?  154 VAL A C   1 
ATOM   858  O  O   . VAL A 1 140 ? 12.157  -8.231  1.835   1.00 34.12 ?  154 VAL A O   1 
ATOM   859  C  CB  . VAL A 1 140 ? 12.340  -9.290  4.652   1.00 37.11 ?  154 VAL A CB  1 
ATOM   860  C  CG1 . VAL A 1 140 ? 13.710  -9.975  4.493   1.00 36.49 ?  154 VAL A CG1 1 
ATOM   861  C  CG2 . VAL A 1 140 ? 11.853  -9.379  6.112   1.00 36.20 ?  154 VAL A CG2 1 
ATOM   862  N  N   . LYS A 1 141 ? 13.989  -7.079  2.506   1.00 33.00 ?  155 LYS A N   1 
ATOM   863  C  CA  . LYS A 1 141 ? 14.477  -6.897  1.144   1.00 39.44 ?  155 LYS A CA  1 
ATOM   864  C  C   . LYS A 1 141 ? 14.561  -8.218  0.386   1.00 36.54 ?  155 LYS A C   1 
ATOM   865  O  O   . LYS A 1 141 ? 14.185  -8.290  -0.792  1.00 33.96 ?  155 LYS A O   1 
ATOM   866  C  CB  . LYS A 1 141 ? 15.843  -6.219  1.159   1.00 34.13 ?  155 LYS A CB  1 
ATOM   867  C  CG  . LYS A 1 141 ? 16.337  -5.861  -0.220  1.00 38.66 ?  155 LYS A CG  1 
ATOM   868  C  CD  . LYS A 1 141 ? 17.767  -5.388  -0.176  1.00 42.28 ?  155 LYS A CD  1 
ATOM   869  C  CE  . LYS A 1 141 ? 18.194  -4.838  -1.525  1.00 43.43 ?  155 LYS A CE  1 
ATOM   870  N  NZ  . LYS A 1 141 ? 19.658  -4.579  -1.551  1.00 51.74 ?  155 LYS A NZ  1 
ATOM   871  N  N   . LYS A 1 142 ? 15.075  -9.269  1.037   1.00 39.14 ?  156 LYS A N   1 
ATOM   872  C  CA  . LYS A 1 142 ? 15.244  -10.547 0.348   1.00 38.86 ?  156 LYS A CA  1 
ATOM   873  C  C   . LYS A 1 142 ? 13.911  -11.165 -0.028  1.00 36.25 ?  156 LYS A C   1 
ATOM   874  O  O   . LYS A 1 142 ? 13.825  -11.859 -1.043  1.00 37.30 ?  156 LYS A O   1 
ATOM   875  C  CB  . LYS A 1 142 ? 16.049  -11.533 1.195   1.00 37.12 ?  156 LYS A CB  1 
ATOM   876  C  CG  . LYS A 1 142 ? 17.531  -11.197 1.260   1.00 45.39 ?  156 LYS A CG  1 
ATOM   877  C  CD  . LYS A 1 142 ? 18.351  -12.325 1.870   1.00 46.01 ?  156 LYS A CD  1 
ATOM   878  C  CE  . LYS A 1 142 ? 19.838  -12.002 1.794   1.00 48.86 ?  156 LYS A CE  1 
ATOM   879  N  NZ  . LYS A 1 142 ? 20.270  -11.738 0.383   1.00 58.97 ?  156 LYS A NZ  1 
ATOM   880  N  N   . ASP A 1 143 ? 12.863  -10.931 0.767   1.00 36.48 ?  157 ASP A N   1 
ATOM   881  C  CA  . ASP A 1 143 ? 11.537  -11.392 0.366   1.00 34.48 ?  157 ASP A CA  1 
ATOM   882  C  C   . ASP A 1 143 ? 11.069  -10.683 -0.902  1.00 32.88 ?  157 ASP A C   1 
ATOM   883  O  O   . ASP A 1 143 ? 10.458  -11.305 -1.778  1.00 32.95 ?  157 ASP A O   1 
ATOM   884  C  CB  . ASP A 1 143 ? 10.525  -11.179 1.496   1.00 34.64 ?  157 ASP A CB  1 
ATOM   885  C  CG  . ASP A 1 143 ? 10.752  -12.119 2.675   1.00 42.79 ?  157 ASP A CG  1 
ATOM   886  O  OD1 . ASP A 1 143 ? 11.462  -13.138 2.508   1.00 42.33 ?  157 ASP A OD1 1 
ATOM   887  O  OD2 . ASP A 1 143 ? 10.202  -11.851 3.771   1.00 41.59 -1 157 ASP A OD2 1 
ATOM   888  N  N   . ALA A 1 144 ? 11.323  -9.380  -1.012  1.00 29.99 ?  158 ALA A N   1 
ATOM   889  C  CA  . ALA A 1 144 ? 10.937  -8.667  -2.224  1.00 31.05 ?  158 ALA A CA  1 
ATOM   890  C  C   . ALA A 1 144 ? 11.722  -9.179  -3.428  1.00 33.66 ?  158 ALA A C   1 
ATOM   891  O  O   . ALA A 1 144 ? 11.165  -9.352  -4.522  1.00 28.82 ?  158 ALA A O   1 
ATOM   892  C  CB  . ALA A 1 144 ? 11.155  -7.171  -2.048  1.00 27.67 ?  158 ALA A CB  1 
ATOM   893  N  N   . GLU A 1 145 ? 13.018  -9.429  -3.233  1.00 34.01 ?  159 GLU A N   1 
ATOM   894  C  CA  . GLU A 1 145 ? 13.846  -9.968  -4.310  1.00 35.54 ?  159 GLU A CA  1 
ATOM   895  C  C   . GLU A 1 145 ? 13.380  -11.360 -4.738  1.00 36.06 ?  159 GLU A C   1 
ATOM   896  O  O   . GLU A 1 145 ? 13.353  -11.670 -5.935  1.00 35.11 ?  159 GLU A O   1 
ATOM   897  C  CB  . GLU A 1 145 ? 15.317  -9.986  -3.873  1.00 36.81 ?  159 GLU A CB  1 
ATOM   898  C  CG  . GLU A 1 145 ? 15.885  -8.573  -3.700  1.00 37.85 ?  159 GLU A CG  1 
ATOM   899  C  CD  . GLU A 1 145 ? 17.317  -8.536  -3.180  1.00 42.41 ?  159 GLU A CD  1 
ATOM   900  O  OE1 . GLU A 1 145 ? 17.652  -9.320  -2.269  1.00 43.50 ?  159 GLU A OE1 1 
ATOM   901  O  OE2 . GLU A 1 145 ? 18.105  -7.702  -3.683  1.00 47.18 -1 159 GLU A OE2 1 
ATOM   902  N  N   . ALA A 1 146 ? 13.002  -12.211 -3.780  1.00 31.56 ?  160 ALA A N   1 
ATOM   903  C  CA  . ALA A 1 146 ? 12.481  -13.530 -4.124  1.00 37.42 ?  160 ALA A CA  1 
ATOM   904  C  C   . ALA A 1 146 ? 11.143  -13.421 -4.856  1.00 39.70 ?  160 ALA A C   1 
ATOM   905  O  O   . ALA A 1 146 ? 10.865  -14.188 -5.793  1.00 39.36 ?  160 ALA A O   1 
ATOM   906  C  CB  . ALA A 1 146 ? 12.333  -14.377 -2.863  1.00 37.75 ?  160 ALA A CB  1 
ATOM   907  N  N   . PHE A 1 147 ? 10.301  -12.480 -4.425  1.00 31.42 ?  161 PHE A N   1 
ATOM   908  C  CA  . PHE A 1 147 ? 9.058   -12.182 -5.126  1.00 33.00 ?  161 PHE A CA  1 
ATOM   909  C  C   . PHE A 1 147 ? 9.330   -11.848 -6.588  1.00 31.44 ?  161 PHE A C   1 
ATOM   910  O  O   . PHE A 1 147 ? 8.634   -12.331 -7.492  1.00 31.67 ?  161 PHE A O   1 
ATOM   911  C  CB  . PHE A 1 147 ? 8.362   -11.018 -4.415  1.00 28.05 ?  161 PHE A CB  1 
ATOM   912  C  CG  . PHE A 1 147 ? 6.952   -10.753 -4.879  1.00 30.29 ?  161 PHE A CG  1 
ATOM   913  C  CD1 . PHE A 1 147 ? 5.879   -11.440 -4.319  1.00 27.72 ?  161 PHE A CD1 1 
ATOM   914  C  CD2 . PHE A 1 147 ? 6.700   -9.791  -5.836  1.00 29.17 ?  161 PHE A CD2 1 
ATOM   915  C  CE1 . PHE A 1 147 ? 4.577   -11.188 -4.736  1.00 25.10 ?  161 PHE A CE1 1 
ATOM   916  C  CE2 . PHE A 1 147 ? 5.415   -9.529  -6.245  1.00 27.74 ?  161 PHE A CE2 1 
ATOM   917  C  CZ  . PHE A 1 147 ? 4.352   -10.226 -5.696  1.00 26.91 ?  161 PHE A CZ  1 
ATOM   918  N  N   . ILE A 1 148 ? 10.324  -10.995 -6.832  1.00 27.37 ?  162 ILE A N   1 
ATOM   919  C  CA  . ILE A 1 148 ? 10.693  -10.623 -8.195  1.00 32.08 ?  162 ILE A CA  1 
ATOM   920  C  C   . ILE A 1 148 ? 11.198  -11.836 -8.977  1.00 33.25 ?  162 ILE A C   1 
ATOM   921  O  O   . ILE A 1 148 ? 10.870  -12.010 -10.155 1.00 33.49 ?  162 ILE A O   1 
ATOM   922  C  CB  . ILE A 1 148 ? 11.737  -9.494  -8.166  1.00 32.68 ?  162 ILE A CB  1 
ATOM   923  C  CG1 . ILE A 1 148 ? 11.086  -8.191  -7.702  1.00 32.43 ?  162 ILE A CG1 1 
ATOM   924  C  CG2 . ILE A 1 148 ? 12.407  -9.342  -9.534  1.00 34.34 ?  162 ILE A CG2 1 
ATOM   925  C  CD1 . ILE A 1 148 ? 12.088  -7.127  -7.351  1.00 33.60 ?  162 ILE A CD1 1 
ATOM   926  N  N   . GLU A 1 149 ? 12.003  -12.691 -8.341  1.00 33.29 ?  163 GLU A N   1 
ATOM   927  C  CA  . GLU A 1 149 ? 12.425  -13.924 -9.012  1.00 37.85 ?  163 GLU A CA  1 
ATOM   928  C  C   . GLU A 1 149 ? 11.229  -14.746 -9.481  1.00 36.79 ?  163 GLU A C   1 
ATOM   929  O  O   . GLU A 1 149 ? 11.265  -15.343 -10.566 1.00 37.36 ?  163 GLU A O   1 
ATOM   930  C  CB  . GLU A 1 149 ? 13.291  -14.771 -8.089  1.00 40.09 ?  163 GLU A CB  1 
ATOM   931  C  CG  . GLU A 1 149 ? 14.688  -14.259 -7.910  1.00 49.18 ?  163 GLU A CG  1 
ATOM   932  C  CD  . GLU A 1 149 ? 15.380  -14.900 -6.716  1.00 65.38 ?  163 GLU A CD  1 
ATOM   933  O  OE1 . GLU A 1 149 ? 15.001  -16.039 -6.340  1.00 70.86 ?  163 GLU A OE1 1 
ATOM   934  O  OE2 . GLU A 1 149 ? 16.291  -14.254 -6.145  1.00 67.05 -1 163 GLU A OE2 1 
ATOM   935  N  N   . GLN A 1 150 ? 10.176  -14.822 -8.660  1.00 33.56 ?  164 GLN A N   1 
ATOM   936  C  CA  . GLN A 1 150 ? 9.003   -15.612 -9.042  1.00 33.41 ?  164 GLN A CA  1 
ATOM   937  C  C   . GLN A 1 150 ? 8.157   -14.914 -10.103 1.00 32.27 ?  164 GLN A C   1 
ATOM   938  O  O   . GLN A 1 150 ? 7.713   -15.542 -11.071 1.00 29.80 ?  164 GLN A O   1 
ATOM   939  C  CB  . GLN A 1 150 ? 8.130   -15.903 -7.822  1.00 36.06 ?  164 GLN A CB  1 
ATOM   940  C  CG  . GLN A 1 150 ? 8.737   -16.846 -6.815  1.00 45.71 ?  164 GLN A CG  1 
ATOM   941  C  CD  . GLN A 1 150 ? 8.423   -18.279 -7.148  1.00 50.24 ?  164 GLN A CD  1 
ATOM   942  O  OE1 . GLN A 1 150 ? 9.324   -19.063 -7.455  1.00 55.38 ?  164 GLN A OE1 1 
ATOM   943  N  NE2 . GLN A 1 150 ? 7.134   -18.634 -7.106  1.00 49.08 ?  164 GLN A NE2 1 
ATOM   944  N  N   . TYR A 1 151 ? 7.920   -13.619 -9.938  1.00 28.78 ?  165 TYR A N   1 
ATOM   945  C  CA  . TYR A 1 151 ? 6.853   -12.939 -10.648 1.00 27.81 ?  165 TYR A CA  1 
ATOM   946  C  C   . TYR A 1 151 ? 7.315   -11.759 -11.482 1.00 30.06 ?  165 TYR A C   1 
ATOM   947  O  O   . TYR A 1 151 ? 6.477   -11.119 -12.121 1.00 29.74 ?  165 TYR A O   1 
ATOM   948  C  CB  . TYR A 1 151 ? 5.778   -12.460 -9.663  1.00 28.09 ?  165 TYR A CB  1 
ATOM   949  C  CG  . TYR A 1 151 ? 5.186   -13.539 -8.782  1.00 28.23 ?  165 TYR A CG  1 
ATOM   950  C  CD1 . TYR A 1 151 ? 4.401   -14.555 -9.317  1.00 31.71 ?  165 TYR A CD1 1 
ATOM   951  C  CD2 . TYR A 1 151 ? 5.375   -13.515 -7.407  1.00 30.35 ?  165 TYR A CD2 1 
ATOM   952  C  CE1 . TYR A 1 151 ? 3.842   -15.535 -8.505  1.00 30.20 ?  165 TYR A CE1 1 
ATOM   953  C  CE2 . TYR A 1 151 ? 4.818   -14.482 -6.586  1.00 32.42 ?  165 TYR A CE2 1 
ATOM   954  C  CZ  . TYR A 1 151 ? 4.062   -15.493 -7.141  1.00 33.27 ?  165 TYR A CZ  1 
ATOM   955  O  OH  . TYR A 1 151 ? 3.511   -16.446 -6.327  1.00 37.03 ?  165 TYR A OH  1 
ATOM   956  N  N   . GLY A 1 152 ? 8.606   -11.459 -11.525 1.00 28.96 ?  166 GLY A N   1 
ATOM   957  C  CA  . GLY A 1 152 ? 9.063   -10.319 -12.288 1.00 31.70 ?  166 GLY A CA  1 
ATOM   958  C  C   . GLY A 1 152 ? 8.944   -9.018  -11.502 1.00 35.72 ?  166 GLY A C   1 
ATOM   959  O  O   . GLY A 1 152 ? 8.589   -8.981  -10.318 1.00 32.11 ?  166 GLY A O   1 
ATOM   960  N  N   . GLY A 1 153 ? 9.258   -7.926  -12.194 1.00 32.74 ?  167 GLY A N   1 
ATOM   961  C  CA  . GLY A 1 153 ? 9.199   -6.599  -11.619 1.00 34.37 ?  167 GLY A CA  1 
ATOM   962  C  C   . GLY A 1 153 ? 10.555  -6.081  -11.182 1.00 35.95 ?  167 GLY A C   1 
ATOM   963  O  O   . GLY A 1 153 ? 11.613  -6.664  -11.439 1.00 36.14 ?  167 GLY A O   1 
ATOM   964  N  N   . LYS A 1 154 ? 10.502  -4.945  -10.498 1.00 33.63 ?  168 LYS A N   1 
ATOM   965  C  CA  . LYS A 1 154 ? 11.680  -4.189  -10.108 1.00 33.52 ?  168 LYS A CA  1 
ATOM   966  C  C   . LYS A 1 154 ? 11.510  -3.697  -8.674  1.00 35.68 ?  168 LYS A C   1 
ATOM   967  O  O   . LYS A 1 154 ? 10.395  -3.428  -8.219  1.00 32.54 ?  168 LYS A O   1 
ATOM   968  C  CB  . LYS A 1 154 ? 11.897  -3.003  -11.057 1.00 36.92 ?  168 LYS A CB  1 
ATOM   969  C  CG  . LYS A 1 154 ? 13.229  -2.286  -10.861 1.00 47.37 ?  168 LYS A CG  1 
ATOM   970  C  CD  . LYS A 1 154 ? 13.301  -1.003  -11.692 1.00 55.89 ?  168 LYS A CD  1 
ATOM   971  C  CE  . LYS A 1 154 ? 14.602  -0.244  -11.450 1.00 52.63 ?  168 LYS A CE  1 
ATOM   972  N  NZ  . LYS A 1 154 ? 14.541  1.102   -12.085 1.00 57.06 ?  168 LYS A NZ  1 
ATOM   973  N  N   . LEU A 1 155 ? 12.635  -3.575  -7.977  1.00 33.45 ?  169 LEU A N   1 
ATOM   974  C  CA  . LEU A 1 155 ? 12.668  -3.207  -6.572  1.00 31.71 ?  169 LEU A CA  1 
ATOM   975  C  C   . LEU A 1 155 ? 12.827  -1.696  -6.404  1.00 36.42 ?  169 LEU A C   1 
ATOM   976  O  O   . LEU A 1 155 ? 13.625  -1.063  -7.098  1.00 37.95 ?  169 LEU A O   1 
ATOM   977  C  CB  . LEU A 1 155 ? 13.817  -3.946  -5.892  1.00 33.90 ?  169 LEU A CB  1 
ATOM   978  C  CG  . LEU A 1 155 ? 13.986  -3.880  -4.380  1.00 37.42 ?  169 LEU A CG  1 
ATOM   979  C  CD1 . LEU A 1 155 ? 12.828  -4.563  -3.700  1.00 33.18 ?  169 LEU A CD1 1 
ATOM   980  C  CD2 . LEU A 1 155 ? 15.300  -4.558  -4.006  1.00 36.94 ?  169 LEU A CD2 1 
ATOM   981  N  N   . TYR A 1 156 ? 12.058  -1.125  -5.473  1.00 34.03 ?  170 TYR A N   1 
ATOM   982  C  CA  . TYR A 1 156 ? 12.022  0.309   -5.224  1.00 33.71 ?  170 TYR A CA  1 
ATOM   983  C  C   . TYR A 1 156 ? 11.899  0.587   -3.732  1.00 36.95 ?  170 TYR A C   1 
ATOM   984  O  O   . TYR A 1 156 ? 11.241  -0.159  -2.995  1.00 29.07 ?  170 TYR A O   1 
ATOM   985  C  CB  . TYR A 1 156 ? 10.833  0.985   -5.894  1.00 33.67 ?  170 TYR A CB  1 
ATOM   986  C  CG  . TYR A 1 156 ? 10.916  1.140   -7.385  1.00 36.79 ?  170 TYR A CG  1 
ATOM   987  C  CD1 . TYR A 1 156 ? 10.558  0.099   -8.233  1.00 37.28 ?  170 TYR A CD1 1 
ATOM   988  C  CD2 . TYR A 1 156 ? 11.314  2.347   -7.953  1.00 42.74 ?  170 TYR A CD2 1 
ATOM   989  C  CE1 . TYR A 1 156 ? 10.617  0.249   -9.606  1.00 41.79 ?  170 TYR A CE1 1 
ATOM   990  C  CE2 . TYR A 1 156 ? 11.378  2.511   -9.325  1.00 49.27 ?  170 TYR A CE2 1 
ATOM   991  C  CZ  . TYR A 1 156 ? 11.028  1.460   -10.148 1.00 45.80 ?  170 TYR A CZ  1 
ATOM   992  O  OH  . TYR A 1 156 ? 11.084  1.621   -11.514 1.00 54.95 ?  170 TYR A OH  1 
ATOM   993  N  N   . ARG A 1 157 ? 12.509  1.689   -3.298  1.00 32.75 ?  171 ARG A N   1 
ATOM   994  C  CA  . ARG A 1 157 ? 12.205  2.255   -1.992  1.00 33.17 ?  171 ARG A CA  1 
ATOM   995  C  C   . ARG A 1 157 ? 11.077  3.268   -2.121  1.00 31.82 ?  171 ARG A C   1 
ATOM   996  O  O   . ARG A 1 157 ? 10.744  3.728   -3.218  1.00 33.40 ?  171 ARG A O   1 
ATOM   997  C  CB  . ARG A 1 157 ? 13.442  2.910   -1.377  1.00 37.95 ?  171 ARG A CB  1 
ATOM   998  C  CG  . ARG A 1 157 ? 14.672  2.034   -1.445  1.00 37.76 ?  171 ARG A CG  1 
ATOM   999  C  CD  . ARG A 1 157 ? 15.224  1.755   -0.078  1.00 49.91 ?  171 ARG A CD  1 
ATOM   1000 N  NE  . ARG A 1 157 ? 14.277  1.042   0.778   1.00 49.90 ?  171 ARG A NE  1 
ATOM   1001 C  CZ  . ARG A 1 157 ? 14.608  0.524   1.959   1.00 51.67 ?  171 ARG A CZ  1 
ATOM   1002 N  NH1 . ARG A 1 157 ? 15.859  0.634   2.399   1.00 56.96 ?  171 ARG A NH1 1 
ATOM   1003 N  NH2 . ARG A 1 157 ? 13.706  -0.117  2.692   1.00 44.23 ?  171 ARG A NH2 1 
ATOM   1004 N  N   . PHE A 1 158 ? 10.482  3.614   -0.979  1.00 29.53 ?  172 PHE A N   1 
ATOM   1005 C  CA  . PHE A 1 158 ? 9.335   4.518   -0.982  1.00 27.95 ?  172 PHE A CA  1 
ATOM   1006 C  C   . PHE A 1 158 ? 9.614   5.785   -1.794  1.00 33.44 ?  172 PHE A C   1 
ATOM   1007 O  O   . PHE A 1 158 ? 8.798   6.201   -2.628  1.00 31.39 ?  172 PHE A O   1 
ATOM   1008 C  CB  . PHE A 1 158 ? 8.970   4.880   0.458   1.00 27.66 ?  172 PHE A CB  1 
ATOM   1009 C  CG  . PHE A 1 158 ? 7.782   5.786   0.570   1.00 30.48 ?  172 PHE A CG  1 
ATOM   1010 C  CD1 . PHE A 1 158 ? 7.941   7.172   0.541   1.00 31.36 ?  172 PHE A CD1 1 
ATOM   1011 C  CD2 . PHE A 1 158 ? 6.505   5.262   0.718   1.00 29.00 ?  172 PHE A CD2 1 
ATOM   1012 C  CE1 . PHE A 1 158 ? 6.843   8.004   0.653   1.00 31.36 ?  172 PHE A CE1 1 
ATOM   1013 C  CE2 . PHE A 1 158 ? 5.393   6.098   0.837   1.00 29.21 ?  172 PHE A CE2 1 
ATOM   1014 C  CZ  . PHE A 1 158 ? 5.566   7.468   0.801   1.00 33.97 ?  172 PHE A CZ  1 
ATOM   1015 N  N   . ASP A 1 159 ? 10.761  6.420   -1.539  1.00 36.55 ?  173 ASP A N   1 
ATOM   1016 C  CA  . ASP A 1 159 ? 11.112  7.686   -2.179  1.00 41.80 ?  173 ASP A CA  1 
ATOM   1017 C  C   . ASP A 1 159 ? 11.350  7.546   -3.680  1.00 42.09 ?  173 ASP A C   1 
ATOM   1018 O  O   . ASP A 1 159 ? 11.251  8.542   -4.401  1.00 40.96 ?  173 ASP A O   1 
ATOM   1019 C  CB  . ASP A 1 159 ? 12.363  8.277   -1.518  1.00 42.65 ?  173 ASP A CB  1 
ATOM   1020 C  CG  . ASP A 1 159 ? 12.065  8.940   -0.177  1.00 48.89 ?  173 ASP A CG  1 
ATOM   1021 O  OD1 . ASP A 1 159 ? 10.877  9.225   0.120   1.00 49.79 ?  173 ASP A OD1 1 
ATOM   1022 O  OD2 . ASP A 1 159 ? 13.028  9.199   0.580   1.00 58.12 -1 173 ASP A OD2 1 
ATOM   1023 N  N   . GLU A 1 160 ? 11.673  6.354   -4.170  1.00 39.27 ?  174 GLU A N   1 
ATOM   1024 C  CA  . GLU A 1 160 ? 11.930  6.183   -5.593  1.00 35.73 ?  174 GLU A CA  1 
ATOM   1025 C  C   . GLU A 1 160 ? 10.668  5.949   -6.394  1.00 40.83 ?  174 GLU A C   1 
ATOM   1026 O  O   . GLU A 1 160 ? 10.732  5.895   -7.623  1.00 39.69 ?  174 GLU A O   1 
ATOM   1027 C  CB  . GLU A 1 160 ? 12.902  5.032   -5.815  1.00 38.53 ?  174 GLU A CB  1 
ATOM   1028 C  CG  . GLU A 1 160 ? 14.194  5.228   -5.061  1.00 43.14 ?  174 GLU A CG  1 
ATOM   1029 C  CD  . GLU A 1 160 ? 15.024  3.967   -5.003  1.00 46.68 ?  174 GLU A CD  1 
ATOM   1030 O  OE1 . GLU A 1 160 ? 14.445  2.874   -5.193  1.00 42.36 ?  174 GLU A OE1 1 
ATOM   1031 O  OE2 . GLU A 1 160 ? 16.250  4.074   -4.759  1.00 54.88 -1 174 GLU A OE2 1 
ATOM   1032 N  N   . ILE A 1 161 ? 9.524   5.821   -5.738  1.00 39.15 ?  175 ILE A N   1 
ATOM   1033 C  CA  . ILE A 1 161 ? 8.260   5.630   -6.429  1.00 38.57 ?  175 ILE A CA  1 
ATOM   1034 C  C   . ILE A 1 161 ? 7.695   7.004   -6.761  1.00 46.45 ?  175 ILE A C   1 
ATOM   1035 O  O   . ILE A 1 161 ? 7.321   7.760   -5.858  1.00 43.39 ?  175 ILE A O   1 
ATOM   1036 C  CB  . ILE A 1 161 ? 7.280   4.815   -5.582  1.00 32.58 ?  175 ILE A CB  1 
ATOM   1037 C  CG1 . ILE A 1 161 ? 7.861   3.424   -5.353  1.00 32.81 ?  175 ILE A CG1 1 
ATOM   1038 C  CG2 . ILE A 1 161 ? 5.923   4.764   -6.272  1.00 35.17 ?  175 ILE A CG2 1 
ATOM   1039 C  CD1 . ILE A 1 161 ? 6.971   2.509   -4.571  1.00 35.60 ?  175 ILE A CD1 1 
ATOM   1040 N  N   . THR A 1 162 ? 7.636   7.316   -8.056  1.00 48.95 ?  176 THR A N   1 
ATOM   1041 C  CA  . THR A 1 162 ? 7.132   8.568   -8.616  1.00 55.82 ?  176 THR A CA  1 
ATOM   1042 C  C   . THR A 1 162 ? 5.922   8.275   -9.497  1.00 57.00 ?  176 THR A C   1 
ATOM   1043 O  O   . THR A 1 162 ? 5.500   7.125   -9.659  1.00 55.47 ?  176 THR A O   1 
ATOM   1044 C  CB  . THR A 1 162 ? 8.203   9.289   -9.445  1.00 56.35 ?  176 THR A CB  1 
ATOM   1045 O  OG1 . THR A 1 162 ? 8.323   8.654   -10.726 1.00 61.74 ?  176 THR A OG1 1 
ATOM   1046 C  CG2 . THR A 1 162 ? 9.543   9.257   -8.750  1.00 47.12 ?  176 THR A CG2 1 
ATOM   1047 N  N   . GLN A 1 163 ? 5.375   9.334   -10.098 1.00 57.73 ?  177 GLN A N   1 
ATOM   1048 C  CA  . GLN A 1 163 ? 4.207   9.146   -10.949 1.00 60.88 ?  177 GLN A CA  1 
ATOM   1049 C  C   . GLN A 1 163 ? 4.524   8.380   -12.230 1.00 61.48 ?  177 GLN A C   1 
ATOM   1050 O  O   . GLN A 1 163 ? 3.594   7.916   -12.897 1.00 63.55 ?  177 GLN A O   1 
ATOM   1051 C  CB  . GLN A 1 163 ? 3.566   10.502  -11.273 1.00 68.37 ?  177 GLN A CB  1 
ATOM   1052 C  CG  . GLN A 1 163 ? 2.188   10.705  -10.620 1.00 61.46 ?  177 GLN A CG  1 
ATOM   1053 C  CD  . GLN A 1 163 ? 1.786   12.172  -10.518 1.00 72.59 ?  177 GLN A CD  1 
ATOM   1054 O  OE1 . GLN A 1 163 ? 1.089   12.701  -11.390 1.00 75.99 ?  177 GLN A OE1 1 
ATOM   1055 N  NE2 . GLN A 1 163 ? 2.222   12.836  -9.443  1.00 63.28 ?  177 GLN A NE2 1 
ATOM   1056 N  N   . ALA A 1 164 ? 5.802   8.207   -12.576 1.00 64.39 ?  178 ALA A N   1 
ATOM   1057 C  CA  . ALA A 1 164 ? 6.150   7.383   -13.733 1.00 71.59 ?  178 ALA A CA  1 
ATOM   1058 C  C   . ALA A 1 164 ? 5.665   5.946   -13.550 1.00 73.06 ?  178 ALA A C   1 
ATOM   1059 O  O   . ALA A 1 164 ? 5.049   5.361   -14.450 1.00 71.79 ?  178 ALA A O   1 
ATOM   1060 C  CB  . ALA A 1 164 ? 7.661   7.417   -13.967 1.00 65.72 ?  178 ALA A CB  1 
ATOM   1061 N  N   . GLN A 1 165 ? 5.927   5.367   -12.382 1.00 66.94 ?  179 GLN A N   1 
ATOM   1062 C  CA  . GLN A 1 165 ? 5.565   3.985   -12.105 1.00 64.51 ?  179 GLN A CA  1 
ATOM   1063 C  C   . GLN A 1 165 ? 4.056   3.816   -11.941 1.00 65.03 ?  179 GLN A C   1 
ATOM   1064 O  O   . GLN A 1 165 ? 3.357   4.742   -11.526 1.00 65.09 ?  179 GLN A O   1 
ATOM   1065 C  CB  . GLN A 1 165 ? 6.298   3.495   -10.850 1.00 64.55 ?  179 GLN A CB  1 
ATOM   1066 C  CG  . GLN A 1 165 ? 7.817   3.346   -11.014 1.00 56.60 ?  179 GLN A CG  1 
ATOM   1067 C  CD  . GLN A 1 165 ? 8.532   4.674   -11.241 1.00 65.53 ?  179 GLN A CD  1 
ATOM   1068 O  OE1 . GLN A 1 165 ? 8.510   5.563   -10.388 1.00 64.46 ?  179 GLN A OE1 1 
ATOM   1069 N  NE2 . GLN A 1 165 ? 9.162   4.814   -12.400 1.00 67.30 ?  179 GLN A NE2 1 
HETATM 1070 CU CU  . CU1 B 2 .   ? -10.925 0.272   -7.389  1.00 35.82 ?  201 CU1 A CU  1 
HETATM 1071 ZN ZN  . ZN  C 3 .   ? -9.014  2.054   -4.939  1.00 34.06 ?  202 ZN  A ZN  1 
HETATM 1072 N  N   . CCN D 4 .   ? -9.583  15.521  5.192   1.00 46.99 ?  203 CCN A N   1 
HETATM 1073 C  C1  . CCN D 4 .   ? -8.940  15.548  4.259   1.00 49.32 ?  203 CCN A C1  1 
HETATM 1074 C  C2  . CCN D 4 .   ? -8.058  15.632  2.997   1.00 51.30 ?  203 CCN A C2  1 
HETATM 1075 H  H21 . CCN D 4 .   ? -8.072  14.779  2.535   1.00 61.49 ?  203 CCN A H21 1 
HETATM 1076 H  H22 . CCN D 4 .   ? -7.147  15.846  3.252   1.00 61.49 ?  203 CCN A H22 1 
HETATM 1077 H  H23 . CCN D 4 .   ? -8.401  16.324  2.409   1.00 61.49 ?  203 CCN A H23 1 
HETATM 1078 N  N   . CCN E 4 .   ? 15.958  -6.196  4.781   1.00 41.00 ?  204 CCN A N   1 
HETATM 1079 C  C1  . CCN E 4 .   ? 16.675  -5.309  4.759   1.00 48.83 ?  204 CCN A C1  1 
HETATM 1080 C  C2  . CCN E 4 .   ? 17.634  -4.110  4.719   1.00 50.00 ?  204 CCN A C2  1 
HETATM 1081 H  H21 . CCN E 4 .   ? 18.308  -4.212  5.409   1.00 59.94 ?  204 CCN A H21 1 
HETATM 1082 H  H22 . CCN E 4 .   ? 17.136  -3.292  4.872   1.00 59.94 ?  204 CCN A H22 1 
HETATM 1083 H  H23 . CCN E 4 .   ? 18.064  -4.068  3.851   1.00 59.94 ?  204 CCN A H23 1 
HETATM 1084 N  N   . CCN F 4 .   ? -14.553 3.678   10.045  1.00 54.97 ?  205 CCN A N   1 
HETATM 1085 C  C1  . CCN F 4 .   ? -15.317 4.158   9.359   1.00 52.55 ?  205 CCN A C1  1 
HETATM 1086 C  C2  . CCN F 4 .   ? -16.333 4.815   8.420   1.00 48.45 ?  205 CCN A C2  1 
HETATM 1087 H  H21 . CCN F 4 .   ? -15.930 4.941   7.545   1.00 58.06 ?  205 CCN A H21 1 
HETATM 1088 H  H22 . CCN F 4 .   ? -16.596 5.675   8.781   1.00 58.06 ?  205 CCN A H22 1 
HETATM 1089 H  H23 . CCN F 4 .   ? -17.113 4.245   8.338   1.00 58.06 ?  205 CCN A H23 1 
HETATM 1090 N  N   . CCN G 4 .   ? -15.012 -7.598  9.074   1.00 48.84 ?  206 CCN A N   1 
HETATM 1091 C  C1  . CCN G 4 .   ? -15.909 -6.903  9.119   1.00 49.32 ?  206 CCN A C1  1 
HETATM 1092 C  C2  . CCN G 4 .   ? -17.110 -5.944  9.151   1.00 48.21 ?  206 CCN A C2  1 
HETATM 1093 H  H21 . CCN G 4 .   ? -17.828 -6.308  8.610   1.00 57.78 ?  206 CCN A H21 1 
HETATM 1094 H  H22 . CCN G 4 .   ? -16.844 -5.081  8.799   1.00 57.78 ?  206 CCN A H22 1 
HETATM 1095 H  H23 . CCN G 4 .   ? -17.416 -5.840  10.066  1.00 57.78 ?  206 CCN A H23 1 
HETATM 1096 N  N   . CCN H 4 .   ? -10.855 14.851  12.387  1.00 49.04 ?  207 CCN A N   1 
HETATM 1097 C  C1  . CCN H 4 .   ? -11.681 14.632  11.637  1.00 53.30 ?  207 CCN A C1  1 
HETATM 1098 C  C2  . CCN H 4 .   ? -12.823 14.439  10.627  1.00 58.50 ?  207 CCN A C2  1 
HETATM 1099 H  H21 . CCN H 4 .   ? -13.664 14.361  11.102  1.00 70.13 ?  207 CCN A H21 1 
HETATM 1100 H  H22 . CCN H 4 .   ? -12.665 13.632  10.112  1.00 70.13 ?  207 CCN A H22 1 
HETATM 1101 H  H23 . CCN H 4 .   ? -12.858 15.202  10.029  1.00 70.13 ?  207 CCN A H23 1 
HETATM 1102 O  O   . HOH I 5 .   ? -6.642  15.789  -7.172  1.00 45.40 ?  301 HOH A O   1 
HETATM 1103 O  O   . HOH I 5 .   ? -4.742  -2.642  -14.839 1.00 61.09 ?  302 HOH A O   1 
HETATM 1104 O  O   . HOH I 5 .   ? -10.050 11.106  6.543   1.00 44.78 ?  303 HOH A O   1 
HETATM 1105 O  O   . HOH I 5 .   ? -4.083  17.463  -8.521  1.00 42.32 ?  304 HOH A O   1 
HETATM 1106 O  O   . HOH I 5 .   ? -4.552  -7.265  14.823  1.00 35.03 ?  305 HOH A O   1 
HETATM 1107 O  O   . HOH I 5 .   ? -15.348 -6.092  1.876   1.00 45.11 ?  306 HOH A O   1 
HETATM 1108 O  O   . HOH I 5 .   ? 14.198  -6.473  -11.453 1.00 44.71 ?  307 HOH A O   1 
HETATM 1109 O  O   . HOH I 5 .   ? -2.433  -4.159  -3.908  1.00 24.65 ?  308 HOH A O   1 
HETATM 1110 O  O   . HOH I 5 .   ? 1.413   -17.766 -7.172  1.00 48.58 ?  309 HOH A O   1 
HETATM 1111 O  O   . HOH I 5 .   ? 1.569   -5.871  -10.235 1.00 34.64 ?  310 HOH A O   1 
HETATM 1112 O  O   . HOH I 5 .   ? -6.608  11.527  7.746   1.00 36.34 ?  311 HOH A O   1 
HETATM 1113 O  O   . HOH I 5 .   ? -3.744  21.155  -1.815  1.00 40.85 ?  312 HOH A O   1 
HETATM 1114 O  O   . HOH I 5 .   ? 12.454  6.018   0.453   1.00 38.52 ?  313 HOH A O   1 
HETATM 1115 O  O   . HOH I 5 .   ? 4.307   -3.581  11.888  1.00 26.16 ?  314 HOH A O   1 
HETATM 1116 O  O   . HOH I 5 .   ? 8.914   -13.402 -1.245  1.00 37.37 ?  315 HOH A O   1 
HETATM 1117 O  O   . HOH I 5 .   ? 3.974   14.667  2.903   1.00 44.89 ?  316 HOH A O   1 
HETATM 1118 O  O   . HOH I 5 .   ? 2.690   -12.583 0.568   1.00 37.58 ?  317 HOH A O   1 
HETATM 1119 O  O   . HOH I 5 .   ? 11.272  2.654   1.681   1.00 28.63 ?  318 HOH A O   1 
HETATM 1120 O  O   . HOH I 5 .   ? -13.903 5.794   1.292   1.00 40.89 ?  319 HOH A O   1 
HETATM 1121 O  O   . HOH I 5 .   ? 13.199  -16.455 -12.047 1.00 42.66 ?  320 HOH A O   1 
HETATM 1122 O  O   . HOH I 5 .   ? -7.239  -6.648  5.116   1.00 37.72 ?  321 HOH A O   1 
HETATM 1123 O  O   . HOH I 5 .   ? 6.663   -6.622  9.793   1.00 22.85 ?  322 HOH A O   1 
HETATM 1124 O  O   . HOH I 5 .   ? -11.408 -0.102  11.905  1.00 40.74 ?  323 HOH A O   1 
HETATM 1125 O  O   . HOH I 5 .   ? -5.249  -4.689  -3.965  1.00 25.22 ?  324 HOH A O   1 
HETATM 1126 O  O   . HOH I 5 .   ? -13.854 -3.329  2.840   1.00 35.25 ?  325 HOH A O   1 
HETATM 1127 O  O   . HOH I 5 .   ? 2.859   12.539  -0.185  1.00 36.55 ?  326 HOH A O   1 
HETATM 1128 O  O   . HOH I 5 .   ? -9.224  13.552  0.395   1.00 39.47 ?  327 HOH A O   1 
HETATM 1129 O  O   . HOH I 5 .   ? -19.880 0.110   2.571   1.00 43.98 ?  328 HOH A O   1 
HETATM 1130 O  O   . HOH I 5 .   ? 4.664   6.609   7.711   1.00 32.99 ?  329 HOH A O   1 
HETATM 1131 O  O   . HOH I 5 .   ? 11.412  6.850   3.002   1.00 39.95 ?  330 HOH A O   1 
HETATM 1132 O  O   . HOH I 5 .   ? 19.618  -8.921  -0.409  1.00 49.04 ?  331 HOH A O   1 
HETATM 1133 O  O   . HOH I 5 .   ? 3.037   -2.782  -10.882 1.00 36.08 ?  332 HOH A O   1 
HETATM 1134 O  O   . HOH I 5 .   ? -12.507 7.734   2.801   1.00 41.15 ?  333 HOH A O   1 
HETATM 1135 O  O   . HOH I 5 .   ? 9.739   -9.069  8.712   1.00 35.64 ?  334 HOH A O   1 
HETATM 1136 O  O   . HOH I 5 .   ? -4.292  -2.840  -7.932  1.00 31.89 ?  335 HOH A O   1 
HETATM 1137 O  O   . HOH I 5 .   ? 6.225   -9.672  -14.472 1.00 41.43 ?  336 HOH A O   1 
HETATM 1138 O  O   . HOH I 5 .   ? 12.151  -8.618  -13.333 1.00 47.83 ?  337 HOH A O   1 
HETATM 1139 O  O   . HOH I 5 .   ? -9.379  1.545   8.754   1.00 26.63 ?  338 HOH A O   1 
HETATM 1140 O  O   . HOH I 5 .   ? 15.324  -10.577 -7.597  1.00 39.31 ?  339 HOH A O   1 
HETATM 1141 O  O   . HOH I 5 .   ? 8.586   10.195  -5.295  1.00 47.76 ?  340 HOH A O   1 
HETATM 1142 O  O   . HOH I 5 .   ? 4.177   -5.600  -8.786  1.00 28.34 ?  341 HOH A O   1 
HETATM 1143 O  O   . HOH I 5 .   ? -6.408  -9.184  -8.682  1.00 44.16 ?  342 HOH A O   1 
HETATM 1144 O  O   . HOH I 5 .   ? 6.500   7.856   -3.173  1.00 36.09 ?  343 HOH A O   1 
HETATM 1145 O  O   . HOH I 5 .   ? -16.782 -2.476  -4.574  1.00 39.31 ?  344 HOH A O   1 
HETATM 1146 O  O   . HOH I 5 .   ? 11.046  -2.237  6.640   1.00 37.99 ?  345 HOH A O   1 
HETATM 1147 O  O   . HOH I 5 .   ? -8.699  -9.757  0.966   1.00 44.53 ?  346 HOH A O   1 
HETATM 1148 O  O   . HOH I 5 .   ? 1.539   5.723   -9.561  1.00 54.23 ?  347 HOH A O   1 
HETATM 1149 O  O   . HOH I 5 .   ? -14.485 4.507   -9.225  1.00 32.41 ?  348 HOH A O   1 
HETATM 1150 O  O   . HOH I 5 .   ? -7.658  -6.763  2.546   1.00 27.90 ?  349 HOH A O   1 
HETATM 1151 O  O   . HOH I 5 .   ? -3.740  -6.913  -15.248 1.00 54.40 ?  350 HOH A O   1 
HETATM 1152 O  O   . HOH I 5 .   ? 7.397   -0.631  9.759   1.00 24.14 ?  351 HOH A O   1 
HETATM 1153 O  O   . HOH I 5 .   ? -12.776 3.591   4.124   1.00 34.35 ?  352 HOH A O   1 
HETATM 1154 O  O   . HOH I 5 .   ? 9.067   7.158   8.514   1.00 39.75 ?  353 HOH A O   1 
HETATM 1155 O  O   . HOH I 5 .   ? -19.944 -4.688  2.637   1.00 48.78 ?  354 HOH A O   1 
HETATM 1156 O  O   . HOH I 5 .   ? 18.032  1.235   0.622   1.00 54.92 ?  355 HOH A O   1 
HETATM 1157 O  O   . HOH I 5 .   ? -11.550 8.713   5.803   1.00 41.14 ?  356 HOH A O   1 
HETATM 1158 O  O   . HOH I 5 .   ? -16.589 2.385   -6.571  1.00 45.72 ?  357 HOH A O   1 
HETATM 1159 O  O   . HOH I 5 .   ? -15.689 3.620   3.800   1.00 39.24 ?  358 HOH A O   1 
HETATM 1160 O  O   . HOH I 5 .   ? -5.635  11.566  -6.177  1.00 39.55 ?  359 HOH A O   1 
HETATM 1161 O  O   . HOH I 5 .   ? -8.332  -1.112  14.592  1.00 42.33 ?  360 HOH A O   1 
HETATM 1162 O  O   . HOH I 5 .   ? -0.993  10.725  -8.917  1.00 47.76 ?  361 HOH A O   1 
HETATM 1163 O  O   . HOH I 5 .   ? -2.078  -12.098 -8.684  1.00 40.24 ?  362 HOH A O   1 
HETATM 1164 O  O   . HOH I 5 .   ? 11.936  -16.890 -5.532  1.00 51.20 ?  363 HOH A O   1 
HETATM 1165 O  O   . HOH I 5 .   ? -6.832  2.437   17.355  1.00 58.14 ?  364 HOH A O   1 
HETATM 1166 O  O   . HOH I 5 .   ? 16.650  -8.903  3.510   1.00 42.27 ?  365 HOH A O   1 
HETATM 1167 O  O   . HOH I 5 .   ? -18.493 3.006   -4.582  1.00 50.11 ?  366 HOH A O   1 
HETATM 1168 O  O   . HOH I 5 .   ? -7.170  -8.844  8.673   1.00 45.03 ?  367 HOH A O   1 
HETATM 1169 O  O   . HOH I 5 .   ? -10.157 -6.799  9.684   1.00 46.34 ?  368 HOH A O   1 
HETATM 1170 O  O   . HOH I 5 .   ? -12.079 5.471   7.550   1.00 45.96 ?  369 HOH A O   1 
HETATM 1171 O  O   . HOH I 5 .   ? -3.819  6.299   16.622  1.00 52.03 ?  370 HOH A O   1 
HETATM 1172 O  O   . HOH I 5 .   ? -3.599  5.020   -10.962 1.00 55.28 ?  371 HOH A O   1 
HETATM 1173 O  O   . HOH I 5 .   ? 15.063  -4.939  -9.108  1.00 41.89 ?  372 HOH A O   1 
HETATM 1174 O  O   . HOH I 5 .   ? -9.399  -7.234  6.738   1.00 37.34 ?  373 HOH A O   1 
HETATM 1175 O  O   . HOH I 5 .   ? -4.130  -13.484 6.863   1.00 49.42 ?  374 HOH A O   1 
HETATM 1176 O  O   . HOH I 5 .   ? -4.722  10.437  -7.817  1.00 46.70 ?  375 HOH A O   1 
HETATM 1177 O  O   . HOH I 5 .   ? -10.277 -6.427  -9.475  1.00 49.28 ?  376 HOH A O   1 
HETATM 1178 O  O   . HOH I 5 .   ? -9.693  6.596   11.997  1.00 41.98 ?  377 HOH A O   1 
HETATM 1179 O  O   . HOH I 5 .   ? -11.344 5.705   4.079   1.00 33.85 ?  378 HOH A O   1 
HETATM 1180 O  O   . HOH I 5 .   ? 4.221   5.941   10.716  1.00 45.21 ?  379 HOH A O   1 
HETATM 1181 O  O   . HOH I 5 .   ? -4.165  -11.714 -7.094  1.00 34.97 ?  380 HOH A O   1 
HETATM 1182 O  O   . HOH I 5 .   ? 10.003  -8.490  -15.135 1.00 44.53 ?  381 HOH A O   1 
HETATM 1183 O  O   . HOH I 5 .   ? 6.580   17.884  2.029   1.00 51.10 ?  382 HOH A O   1 
HETATM 1184 O  O   . HOH I 5 .   ? 0.946   -15.539 -1.167  1.00 47.14 ?  383 HOH A O   1 
HETATM 1185 O  O   . HOH I 5 .   ? 5.233   11.648  8.320   1.00 48.91 ?  384 HOH A O   1 
HETATM 1186 O  O   . HOH I 5 .   ? -1.736  -15.927 -1.490  1.00 42.92 ?  385 HOH A O   1 
HETATM 1187 O  O   . HOH I 5 .   ? 4.577   -16.524 -3.230  1.00 49.08 ?  386 HOH A O   1 
HETATM 1188 O  O   . HOH I 5 .   ? 9.905   -13.448 -14.024 1.00 46.84 ?  387 HOH A O   1 
HETATM 1189 O  O   . HOH I 5 .   ? -7.038  -11.085 12.166  1.00 53.66 ?  388 HOH A O   1 
HETATM 1190 O  O   . HOH I 5 .   ? 7.705   -13.658 -14.295 0.50 39.36 ?  389 HOH A O   1 
HETATM 1191 O  O   . HOH I 5 .   ? -11.030 2.936   10.589  1.00 39.25 ?  390 HOH A O   1 
HETATM 1192 O  O   . HOH I 5 .   ? 5.940   8.858   8.959   1.00 43.91 ?  391 HOH A O   1 
HETATM 1193 O  O   . HOH I 5 .   ? -4.434  -13.316 -5.055  1.00 37.99 ?  392 HOH A O   1 
HETATM 1194 O  O   . HOH I 5 .   ? 19.032  -8.313  2.334   1.00 46.73 ?  393 HOH A O   1 
HETATM 1195 O  O   . HOH I 5 .   ? -6.591  -5.567  14.014  0.47 36.75 ?  394 HOH A O   1 
HETATM 1196 O  O   . HOH I 5 .   ? -16.930 -0.314  -6.824  1.00 40.70 ?  395 HOH A O   1 
HETATM 1197 O  O   . HOH I 5 .   ? 12.129  -7.787  9.464   1.00 36.61 ?  396 HOH A O   1 
HETATM 1198 O  O   . HOH I 5 .   ? 0.053   23.494  6.013   1.00 55.85 ?  397 HOH A O   1 
HETATM 1199 O  O   . HOH I 5 .   ? 8.327   -4.546  10.283  0.58 25.66 ?  398 HOH A O   1 
HETATM 1200 O  O   . HOH I 5 .   ? -13.831 10.336  4.339   1.00 50.80 ?  399 HOH A O   1 
HETATM 1201 O  O   . HOH I 5 .   ? 6.916   10.327  -2.123  1.00 40.15 ?  400 HOH A O   1 
HETATM 1202 O  O   . HOH I 5 .   ? 9.386   -2.765  8.347   1.00 41.12 ?  401 HOH A O   1 
HETATM 1203 O  O   . HOH I 5 .   ? 16.515  -11.601 5.080   1.00 41.13 ?  402 HOH A O   1 
# 
